data_7SA1
#
_entry.id   7SA1
#
_cell.length_a   231.929
_cell.length_b   79.407
_cell.length_c   150.595
_cell.angle_alpha   90.000
_cell.angle_beta   127.980
_cell.angle_gamma   90.000
#
_symmetry.space_group_name_H-M   'C 1 2 1'
#
loop_
_entity.id
_entity.type
_entity.pdbx_description
1 polymer 'SKP1-like protein 1A'
2 polymer 'F-box/LRR-repeat MAX2 homolog'
3 non-polymer DI(HYDROXYETHYL)ETHER
4 non-polymer 'CITRIC ACID'
5 water water
#
loop_
_entity_poly.entity_id
_entity_poly.type
_entity_poly.pdbx_seq_one_letter_code
_entity_poly.pdbx_strand_id
1 'polypeptide(L)'
;MSAKKIVLKSSDGESFEVEEAVALESQTIAHMVEDDCVDNGVPLPNVTSKILAKVIEYCKRHVEAAASKAEAVEGAATSD
DDLKAWDADFMKIDQATLFELILAANYLNIKNLLDLTCQTVADMIKGKTPEEIRTTFNIKNDFTPEEEEEVRRENQWAFE
;
A,C
2 'polypeptide(L)'
;MAEEEEVEEGRSSSSAILDLPEPLLLHILSFLTDVRSRHRAALACGRMRAAERATRSELSLRGDPRSPGFLFLSHAFRFP
ALEHLDLSLVSPWGHPLLSSVPPCGGGGGGAPSASSSSGMNVYHPEAISEQNAFIAARLAGCFPAVTSLAVYCRDPTTLA
NLTPHWQASLRRVKLVRWHQRPPTLPDGADLEPLLETCAALRELDLSEFYCWTEDVVRALTTHPSATAALTHLDLGLAAA
TDGFKSSELGPIAASCPNLRKLVAPCLFNPRFSDCVGDDALLSLATSCPRLTVLRLSEPFEAAANIQREEAAITVAGLVA
FFAALPALEDFTMDLQHNVLEAAPAMEALARRCPRIKFLTLGSFQGLCKASWLHLDGVAVCGGLESLYMKNCQDLTDASL
AAIGRGCRRLAKFGIHGCDLVTSAGIRRLAFTLRPTLKEVTVLHCRLLHTAECLTALSPIRDRIESLEINCVWNTTENLY
FQSLGSWEMLRSLSLWFSAGQLLSPLISAGLDSCPVLEEISIKVEGDCRTCPRPAPRTIFGLSDLAGFPVLAKMKLDLSE
AVGYALTAPTGQMDLSLWERFYLHGIESLQTLYELDYWPPQDKDVHHRSLTLPAVGLIQRCVGLRKLFIHGTTHEHFMTF
FLSIPNLRDMQLREDYYPAPENDLMFTEMRAESWLRFEVQLNSRQIDK
;
B,D
#
# COMPACT_ATOMS: atom_id res chain seq x y z
N ILE A 6 13.02 34.72 -18.45
CA ILE A 6 13.35 35.87 -19.34
C ILE A 6 13.56 37.13 -18.48
N VAL A 7 14.63 37.14 -17.68
CA VAL A 7 14.96 38.31 -16.80
C VAL A 7 13.71 38.67 -15.98
N LEU A 8 13.25 37.73 -15.15
CA LEU A 8 12.05 37.94 -14.30
C LEU A 8 12.49 38.38 -12.89
N LYS A 9 12.28 39.65 -12.55
CA LYS A 9 12.66 40.18 -11.25
C LYS A 9 11.54 39.90 -10.26
N SER A 10 11.87 39.20 -9.17
CA SER A 10 10.89 38.85 -8.10
C SER A 10 10.79 40.06 -7.18
N SER A 11 10.37 39.83 -5.93
CA SER A 11 10.11 40.94 -4.96
C SER A 11 11.20 40.96 -3.88
N ASP A 12 11.57 39.79 -3.37
CA ASP A 12 12.62 39.68 -2.32
C ASP A 12 13.86 40.45 -2.77
N GLY A 13 14.47 40.03 -3.89
CA GLY A 13 15.67 40.69 -4.43
C GLY A 13 15.42 41.29 -5.80
N VAL A 22 9.41 29.57 -19.97
CA VAL A 22 9.13 30.78 -20.81
C VAL A 22 8.28 31.76 -19.99
N ALA A 23 8.68 33.04 -19.99
CA ALA A 23 7.96 34.09 -19.23
C ALA A 23 6.88 34.72 -20.12
N LEU A 24 5.86 33.93 -20.50
CA LEU A 24 4.75 34.42 -21.36
C LEU A 24 3.46 33.68 -20.98
N GLU A 25 3.59 32.53 -20.33
CA GLU A 25 2.42 31.71 -19.90
C GLU A 25 1.51 32.56 -19.01
N SER A 26 2.07 33.62 -18.41
CA SER A 26 1.31 34.51 -17.54
C SER A 26 0.79 35.68 -18.38
N GLN A 27 -0.52 35.73 -18.60
CA GLN A 27 -1.09 36.78 -19.43
C GLN A 27 -1.06 38.16 -18.77
N THR A 28 -0.64 38.24 -17.50
CA THR A 28 -0.35 39.54 -16.89
C THR A 28 1.02 40.04 -17.29
N ILE A 29 1.93 39.16 -17.69
CA ILE A 29 3.22 39.58 -18.24
C ILE A 29 3.02 40.21 -19.62
N ALA A 30 2.04 39.72 -20.37
CA ALA A 30 1.71 40.28 -21.67
C ALA A 30 0.97 41.62 -21.53
N VAL A 42 10.78 42.54 -15.43
CA VAL A 42 9.56 43.21 -15.03
C VAL A 42 9.36 43.09 -13.52
N PRO A 43 8.73 44.10 -12.91
CA PRO A 43 8.50 44.06 -11.45
C PRO A 43 7.31 43.19 -11.10
N LEU A 44 7.52 42.26 -10.16
CA LEU A 44 6.47 41.37 -9.64
C LEU A 44 6.44 41.54 -8.12
N PRO A 45 5.84 42.63 -7.62
CA PRO A 45 5.90 42.93 -6.20
C PRO A 45 4.95 42.11 -5.33
N ASN A 46 4.21 41.15 -5.90
CA ASN A 46 3.24 40.38 -5.15
C ASN A 46 3.64 38.93 -4.90
N VAL A 47 4.61 38.41 -5.65
CA VAL A 47 5.04 37.02 -5.52
C VAL A 47 6.44 36.99 -4.94
N THR A 48 6.66 36.10 -3.97
CA THR A 48 7.95 35.96 -3.34
C THR A 48 8.93 35.24 -4.26
N SER A 49 10.16 35.06 -3.78
CA SER A 49 11.19 34.38 -4.55
C SER A 49 11.08 32.86 -4.45
N LYS A 50 10.35 32.35 -3.45
CA LYS A 50 10.18 30.90 -3.35
C LYS A 50 9.02 30.41 -4.21
N ILE A 51 7.92 31.17 -4.23
CA ILE A 51 6.76 30.76 -5.01
C ILE A 51 6.99 30.97 -6.49
N LEU A 52 7.70 32.05 -6.86
CA LEU A 52 8.04 32.25 -8.26
C LEU A 52 8.99 31.17 -8.76
N ALA A 53 9.80 30.59 -7.87
CA ALA A 53 10.64 29.47 -8.27
C ALA A 53 9.81 28.26 -8.68
N LYS A 54 8.66 28.07 -8.02
CA LYS A 54 7.76 27.00 -8.42
C LYS A 54 6.91 27.39 -9.62
N VAL A 55 6.55 28.68 -9.72
CA VAL A 55 5.78 29.15 -10.87
C VAL A 55 6.57 28.96 -12.16
N ILE A 56 7.84 29.37 -12.14
CA ILE A 56 8.67 29.25 -13.33
C ILE A 56 8.94 27.79 -13.65
N GLU A 57 9.14 26.97 -12.62
CA GLU A 57 9.34 25.53 -12.83
C GLU A 57 8.12 24.88 -13.47
N TYR A 58 6.92 25.41 -13.19
CA TYR A 58 5.71 24.85 -13.78
C TYR A 58 5.63 25.16 -15.26
N CYS A 59 5.89 26.42 -15.65
CA CYS A 59 5.75 26.82 -17.04
C CYS A 59 6.88 26.26 -17.89
N LYS A 60 8.09 26.14 -17.33
CA LYS A 60 9.20 25.55 -18.09
C LYS A 60 8.89 24.12 -18.50
N ARG A 61 8.27 23.35 -17.60
CA ARG A 61 7.99 21.94 -17.86
C ARG A 61 6.81 21.75 -18.80
N HIS A 62 5.90 22.72 -18.89
CA HIS A 62 4.70 22.56 -19.71
C HIS A 62 4.86 23.08 -21.13
N VAL A 63 5.82 23.95 -21.39
CA VAL A 63 6.07 24.40 -22.75
C VAL A 63 6.80 23.28 -23.49
N GLU A 64 6.05 22.26 -23.91
CA GLU A 64 6.60 21.13 -24.65
C GLU A 64 5.62 20.74 -25.74
N ALA A 65 6.11 20.62 -26.96
CA ALA A 65 5.26 20.25 -28.10
C ALA A 65 5.68 18.91 -28.68
N ASP A 80 0.21 13.68 -22.16
CA ASP A 80 0.23 12.24 -21.91
C ASP A 80 0.30 11.94 -20.41
N ASP A 81 0.74 10.73 -20.07
CA ASP A 81 0.82 10.35 -18.67
C ASP A 81 1.99 11.03 -17.97
N ASP A 82 3.17 11.06 -18.61
CA ASP A 82 4.34 11.66 -18.00
C ASP A 82 4.12 13.14 -17.73
N LEU A 83 3.52 13.86 -18.69
CA LEU A 83 3.24 15.28 -18.49
C LEU A 83 2.29 15.49 -17.32
N LYS A 84 1.29 14.61 -17.17
CA LYS A 84 0.34 14.73 -16.08
C LYS A 84 0.87 14.13 -14.77
N ALA A 85 1.80 13.16 -14.87
CA ALA A 85 2.38 12.59 -13.66
C ALA A 85 3.30 13.58 -12.96
N TRP A 86 3.88 14.52 -13.70
CA TRP A 86 4.75 15.52 -13.08
C TRP A 86 3.94 16.55 -12.30
N ASP A 87 2.69 16.79 -12.71
CA ASP A 87 1.85 17.76 -12.00
C ASP A 87 1.59 17.31 -10.57
N ALA A 88 1.39 16.01 -10.35
CA ALA A 88 1.20 15.50 -9.00
C ALA A 88 2.49 15.59 -8.20
N ASP A 89 3.64 15.34 -8.84
CA ASP A 89 4.91 15.47 -8.15
C ASP A 89 5.21 16.93 -7.80
N PHE A 90 4.91 17.84 -8.71
CA PHE A 90 5.07 19.27 -8.43
C PHE A 90 4.10 19.74 -7.36
N MET A 91 2.98 19.05 -7.18
CA MET A 91 1.97 19.43 -6.20
C MET A 91 2.15 18.75 -4.85
N LYS A 92 3.26 18.05 -4.64
CA LYS A 92 3.58 17.46 -3.35
C LYS A 92 4.20 18.46 -2.37
N ILE A 93 3.67 19.68 -2.33
CA ILE A 93 4.21 20.73 -1.50
C ILE A 93 3.37 20.84 -0.24
N ASP A 94 3.93 21.53 0.77
CA ASP A 94 3.19 21.77 1.99
C ASP A 94 2.01 22.72 1.73
N GLN A 95 1.03 22.66 2.64
CA GLN A 95 -0.19 23.44 2.46
C GLN A 95 0.09 24.94 2.45
N ALA A 96 1.06 25.39 3.24
CA ALA A 96 1.41 26.81 3.22
C ALA A 96 1.96 27.23 1.87
N THR A 97 2.81 26.39 1.27
CA THR A 97 3.33 26.69 -0.06
C THR A 97 2.24 26.57 -1.12
N LEU A 98 1.31 25.64 -0.95
CA LEU A 98 0.26 25.44 -1.95
C LEU A 98 -0.64 26.66 -2.06
N PHE A 99 -1.05 27.24 -0.92
CA PHE A 99 -1.95 28.38 -0.96
C PHE A 99 -1.25 29.64 -1.43
N GLU A 100 0.07 29.73 -1.24
CA GLU A 100 0.82 30.81 -1.87
C GLU A 100 0.90 30.62 -3.38
N LEU A 101 0.93 29.36 -3.84
CA LEU A 101 0.92 29.09 -5.27
C LEU A 101 -0.43 29.42 -5.89
N ILE A 102 -1.52 29.24 -5.16
CA ILE A 102 -2.84 29.56 -5.68
C ILE A 102 -2.99 31.07 -5.86
N LEU A 103 -2.59 31.83 -4.85
CA LEU A 103 -2.66 33.29 -4.94
C LEU A 103 -1.71 33.83 -6.01
N ALA A 104 -0.58 33.14 -6.24
CA ALA A 104 0.34 33.58 -7.27
C ALA A 104 -0.22 33.32 -8.66
N ALA A 105 -0.77 32.13 -8.89
CA ALA A 105 -1.37 31.80 -10.18
C ALA A 105 -2.69 32.51 -10.42
N ASN A 106 -3.13 33.38 -9.51
CA ASN A 106 -4.30 34.21 -9.71
C ASN A 106 -3.95 35.67 -9.99
N TYR A 107 -2.99 36.24 -9.26
CA TYR A 107 -2.44 37.54 -9.62
C TYR A 107 -1.78 37.47 -10.99
N LEU A 108 -0.78 36.60 -11.15
CA LEU A 108 -0.36 36.18 -12.47
C LEU A 108 -1.47 35.37 -13.12
N ASN A 109 -1.65 35.56 -14.43
CA ASN A 109 -2.76 34.92 -15.13
C ASN A 109 -2.27 33.66 -15.84
N ILE A 110 -2.04 32.63 -15.03
CA ILE A 110 -1.69 31.31 -15.53
C ILE A 110 -2.88 30.37 -15.28
N LYS A 111 -3.76 30.27 -16.27
CA LYS A 111 -4.99 29.49 -16.10
C LYS A 111 -4.70 28.02 -15.85
N ASN A 112 -3.67 27.48 -16.51
CA ASN A 112 -3.36 26.07 -16.34
C ASN A 112 -2.80 25.77 -14.96
N LEU A 113 -2.19 26.76 -14.31
CA LEU A 113 -1.66 26.56 -12.96
C LEU A 113 -2.70 26.83 -11.88
N LEU A 114 -3.56 27.84 -12.10
CA LEU A 114 -4.61 28.12 -11.13
C LEU A 114 -5.60 26.98 -11.02
N ASP A 115 -5.84 26.26 -12.13
CA ASP A 115 -6.76 25.12 -12.10
C ASP A 115 -6.11 23.89 -11.48
N LEU A 116 -4.80 23.71 -11.69
CA LEU A 116 -4.11 22.53 -11.16
C LEU A 116 -3.99 22.60 -9.65
N THR A 117 -3.72 23.79 -9.11
CA THR A 117 -3.58 23.93 -7.67
C THR A 117 -4.93 23.97 -6.96
N CYS A 118 -5.99 24.44 -7.64
CA CYS A 118 -7.31 24.46 -7.03
C CYS A 118 -7.93 23.07 -6.99
N GLN A 119 -7.66 22.24 -8.00
CA GLN A 119 -8.15 20.86 -7.98
C GLN A 119 -7.53 20.08 -6.83
N THR A 120 -6.30 20.42 -6.43
CA THR A 120 -5.66 19.74 -5.32
C THR A 120 -6.41 19.99 -4.02
N VAL A 121 -6.77 21.24 -3.75
CA VAL A 121 -7.54 21.57 -2.56
C VAL A 121 -8.91 20.93 -2.61
N ALA A 122 -9.49 20.81 -3.81
CA ALA A 122 -10.80 20.18 -3.95
C ALA A 122 -10.75 18.71 -3.57
N ASP A 123 -9.72 17.99 -4.03
CA ASP A 123 -9.58 16.58 -3.68
C ASP A 123 -9.24 16.38 -2.21
N MET A 124 -8.65 17.39 -1.56
CA MET A 124 -8.45 17.30 -0.11
C MET A 124 -9.77 17.30 0.63
N ILE A 125 -10.69 18.17 0.23
CA ILE A 125 -12.02 18.21 0.82
C ILE A 125 -12.80 16.93 0.54
N LYS A 126 -12.45 16.22 -0.52
CA LYS A 126 -13.19 15.04 -0.95
C LYS A 126 -13.11 13.93 0.10
N GLY A 127 -14.27 13.36 0.42
CA GLY A 127 -14.34 12.17 1.26
C GLY A 127 -14.11 12.41 2.74
N LYS A 128 -14.01 13.65 3.19
CA LYS A 128 -13.77 13.95 4.59
C LYS A 128 -15.06 14.43 5.26
N THR A 129 -15.20 14.09 6.53
CA THR A 129 -16.30 14.60 7.33
C THR A 129 -16.17 16.10 7.50
N PRO A 130 -17.26 16.79 7.86
CA PRO A 130 -17.17 18.23 8.10
C PRO A 130 -16.08 18.61 9.10
N GLU A 131 -15.98 17.87 10.21
CA GLU A 131 -14.94 18.15 11.20
C GLU A 131 -13.56 17.88 10.62
N GLU A 132 -13.42 16.83 9.81
CA GLU A 132 -12.13 16.57 9.17
C GLU A 132 -11.77 17.68 8.18
N ILE A 133 -12.76 18.27 7.53
CA ILE A 133 -12.50 19.41 6.65
C ILE A 133 -12.04 20.61 7.46
N ARG A 134 -12.65 20.82 8.64
CA ARG A 134 -12.22 21.90 9.52
C ARG A 134 -10.79 21.70 10.00
N THR A 135 -10.41 20.45 10.27
CA THR A 135 -9.09 20.17 10.84
C THR A 135 -7.99 20.44 9.82
N THR A 136 -8.20 20.04 8.57
CA THR A 136 -7.15 20.15 7.57
C THR A 136 -6.83 21.61 7.26
N PHE A 137 -7.84 22.48 7.23
CA PHE A 137 -7.67 23.87 6.85
C PHE A 137 -7.83 24.83 8.02
N ASN A 138 -7.89 24.31 9.25
CA ASN A 138 -8.02 25.15 10.45
C ASN A 138 -9.27 26.01 10.40
N ILE A 139 -10.40 25.41 9.99
CA ILE A 139 -11.66 26.12 9.90
C ILE A 139 -12.34 26.14 11.26
N LYS A 140 -12.99 27.26 11.58
CA LYS A 140 -13.78 27.39 12.80
C LYS A 140 -15.25 27.19 12.46
N ASN A 141 -15.92 26.32 13.21
CA ASN A 141 -17.35 26.09 13.02
C ASN A 141 -18.12 27.31 13.52
N ASP A 142 -18.66 28.09 12.58
CA ASP A 142 -19.42 29.29 12.90
C ASP A 142 -20.92 29.09 12.69
N PHE A 143 -21.38 27.85 12.73
CA PHE A 143 -22.80 27.54 12.58
C PHE A 143 -23.47 27.45 13.95
N THR A 144 -24.59 28.13 14.10
CA THR A 144 -25.45 27.88 15.24
C THR A 144 -26.07 26.49 15.10
N PRO A 145 -26.47 25.87 16.23
CA PRO A 145 -27.02 24.51 16.15
C PRO A 145 -28.19 24.37 15.18
N GLU A 146 -28.89 25.47 14.91
CA GLU A 146 -29.98 25.46 13.94
C GLU A 146 -29.51 25.76 12.53
N GLU A 147 -28.49 26.60 12.36
CA GLU A 147 -27.96 26.86 11.03
C GLU A 147 -27.34 25.62 10.42
N GLU A 148 -26.71 24.80 11.26
CA GLU A 148 -26.18 23.52 10.77
C GLU A 148 -27.32 22.55 10.46
N GLU A 149 -28.38 22.57 11.27
CA GLU A 149 -29.52 21.72 11.01
C GLU A 149 -30.23 22.09 9.71
N GLU A 150 -30.21 23.37 9.35
CA GLU A 150 -30.80 23.79 8.09
C GLU A 150 -29.98 23.30 6.90
N VAL A 151 -28.65 23.38 7.00
CA VAL A 151 -27.80 22.90 5.93
C VAL A 151 -27.99 21.40 5.72
N ARG A 152 -28.14 20.66 6.82
CA ARG A 152 -28.42 19.22 6.71
C ARG A 152 -29.78 18.98 6.06
N ARG A 153 -30.80 19.70 6.50
CA ARG A 153 -32.13 19.56 5.91
C ARG A 153 -32.13 19.95 4.43
N GLU A 154 -31.30 20.93 4.05
CA GLU A 154 -31.19 21.30 2.65
C GLU A 154 -30.52 20.20 1.84
N ASN A 155 -29.55 19.50 2.43
CA ASN A 155 -28.81 18.47 1.71
C ASN A 155 -29.66 17.25 1.39
N GLN A 156 -30.72 17.00 2.14
CA GLN A 156 -31.60 15.86 1.89
C GLN A 156 -32.42 16.00 0.61
N TRP A 157 -32.16 17.00 -0.24
CA TRP A 157 -32.91 17.19 -1.48
C TRP A 157 -32.06 16.94 -2.72
N ALA A 158 -30.96 16.20 -2.58
CA ALA A 158 -30.07 15.93 -3.70
C ALA A 158 -29.49 14.53 -3.56
N PHE A 159 -29.62 13.73 -4.60
CA PHE A 159 -29.02 12.40 -4.61
C PHE A 159 -27.51 12.50 -4.64
N GLU A 160 -26.85 11.51 -4.05
CA GLU A 160 -25.39 11.45 -4.05
C GLU A 160 -24.88 10.66 -5.25
N GLU B 5 17.15 28.02 14.82
CA GLU B 5 16.61 29.26 14.20
C GLU B 5 15.18 29.01 13.72
N GLU B 6 14.98 27.97 12.89
CA GLU B 6 13.64 27.63 12.35
C GLU B 6 12.78 27.04 13.48
N VAL B 7 11.82 27.82 13.98
CA VAL B 7 10.94 27.37 15.05
C VAL B 7 9.74 26.68 14.43
N GLU B 8 9.23 25.67 15.13
CA GLU B 8 7.93 25.10 14.76
C GLU B 8 6.82 26.05 15.18
N GLU B 9 5.81 26.18 14.32
CA GLU B 9 4.68 27.04 14.59
C GLU B 9 3.63 26.30 15.42
N GLY B 10 2.91 27.05 16.23
CA GLY B 10 1.89 26.51 17.11
C GLY B 10 0.49 26.75 16.57
N ARG B 11 -0.44 26.98 17.49
CA ARG B 11 -1.83 27.24 17.12
C ARG B 11 -1.94 28.56 16.38
N SER B 12 -2.56 28.53 15.21
CA SER B 12 -2.76 29.71 14.37
C SER B 12 -4.23 30.04 14.27
N SER B 13 -4.56 31.32 14.40
CA SER B 13 -5.94 31.76 14.35
C SER B 13 -6.45 31.96 12.93
N SER B 14 -5.58 31.93 11.93
CA SER B 14 -5.95 32.19 10.55
C SER B 14 -6.10 30.88 9.78
N SER B 15 -7.10 30.83 8.91
CA SER B 15 -7.33 29.70 8.00
C SER B 15 -7.04 30.16 6.59
N ALA B 16 -6.08 29.50 5.93
CA ALA B 16 -5.61 29.98 4.63
C ALA B 16 -6.71 29.94 3.58
N ILE B 17 -7.51 28.87 3.56
CA ILE B 17 -8.52 28.74 2.53
C ILE B 17 -9.66 29.75 2.73
N LEU B 18 -9.90 30.16 3.97
CA LEU B 18 -10.89 31.20 4.24
C LEU B 18 -10.30 32.60 4.10
N ASP B 19 -8.98 32.74 4.15
CA ASP B 19 -8.32 34.01 3.84
C ASP B 19 -8.15 34.24 2.35
N LEU B 20 -8.50 33.26 1.52
CA LEU B 20 -8.49 33.46 0.08
C LEU B 20 -9.61 34.40 -0.32
N PRO B 21 -9.44 35.16 -1.40
CA PRO B 21 -10.56 35.95 -1.92
C PRO B 21 -11.72 35.05 -2.31
N GLU B 22 -12.92 35.45 -1.92
CA GLU B 22 -14.09 34.58 -2.09
C GLU B 22 -14.30 34.08 -3.52
N PRO B 23 -14.00 34.84 -4.58
CA PRO B 23 -14.03 34.24 -5.92
C PRO B 23 -13.12 33.03 -6.06
N LEU B 24 -12.00 32.99 -5.33
CA LEU B 24 -11.13 31.83 -5.39
C LEU B 24 -11.66 30.66 -4.59
N LEU B 25 -12.39 30.93 -3.49
CA LEU B 25 -13.06 29.85 -2.78
C LEU B 25 -14.15 29.22 -3.64
N LEU B 26 -14.86 30.05 -4.42
CA LEU B 26 -15.81 29.51 -5.39
C LEU B 26 -15.11 28.63 -6.41
N HIS B 27 -13.94 29.08 -6.88
CA HIS B 27 -13.21 28.31 -7.89
C HIS B 27 -12.74 26.97 -7.35
N ILE B 28 -12.40 26.89 -6.07
CA ILE B 28 -11.95 25.63 -5.49
C ILE B 28 -13.12 24.65 -5.39
N LEU B 29 -14.25 25.09 -4.86
CA LEU B 29 -15.41 24.23 -4.70
C LEU B 29 -16.01 23.79 -6.02
N SER B 30 -15.65 24.43 -7.14
CA SER B 30 -16.19 24.06 -8.44
C SER B 30 -15.55 22.80 -9.00
N PHE B 31 -14.40 22.38 -8.47
CA PHE B 31 -13.77 21.13 -8.88
C PHE B 31 -14.23 19.95 -8.03
N LEU B 32 -14.85 20.19 -6.88
CA LEU B 32 -15.36 19.12 -6.03
C LEU B 32 -16.66 18.61 -6.64
N THR B 33 -16.57 17.50 -7.39
CA THR B 33 -17.73 16.95 -8.07
C THR B 33 -18.43 15.85 -7.28
N ASP B 34 -17.84 15.40 -6.17
CA ASP B 34 -18.48 14.40 -5.32
C ASP B 34 -19.58 15.06 -4.52
N VAL B 35 -20.82 14.57 -4.68
CA VAL B 35 -21.97 15.23 -4.08
C VAL B 35 -21.92 15.13 -2.56
N ARG B 36 -21.59 13.96 -2.03
CA ARG B 36 -21.50 13.80 -0.58
C ARG B 36 -20.39 14.68 0.00
N SER B 37 -19.29 14.85 -0.74
CA SER B 37 -18.24 15.75 -0.30
C SER B 37 -18.70 17.21 -0.36
N ARG B 38 -19.52 17.54 -1.36
CA ARG B 38 -20.08 18.89 -1.43
C ARG B 38 -21.02 19.16 -0.26
N HIS B 39 -21.82 18.17 0.13
CA HIS B 39 -22.70 18.33 1.27
C HIS B 39 -21.90 18.50 2.56
N ARG B 40 -20.84 17.70 2.74
CA ARG B 40 -20.02 17.82 3.93
C ARG B 40 -19.22 19.11 3.93
N ALA B 41 -18.83 19.61 2.75
CA ALA B 41 -18.09 20.87 2.68
C ALA B 41 -18.97 22.05 3.09
N ALA B 42 -20.27 21.98 2.80
CA ALA B 42 -21.18 23.04 3.20
C ALA B 42 -21.48 23.02 4.70
N LEU B 43 -21.06 21.97 5.40
CA LEU B 43 -21.24 21.89 6.84
C LEU B 43 -20.02 22.34 7.62
N ALA B 44 -18.89 22.56 6.94
CA ALA B 44 -17.67 22.98 7.63
C ALA B 44 -17.83 24.37 8.24
N CYS B 45 -18.27 25.34 7.44
CA CYS B 45 -18.46 26.70 7.91
C CYS B 45 -19.49 27.40 7.03
N GLY B 46 -19.91 28.58 7.46
CA GLY B 46 -20.89 29.35 6.70
C GLY B 46 -20.34 29.92 5.41
N ARG B 47 -19.03 30.11 5.32
CA ARG B 47 -18.44 30.66 4.10
C ARG B 47 -18.33 29.62 3.01
N MET B 48 -18.00 28.37 3.37
CA MET B 48 -17.95 27.31 2.38
C MET B 48 -19.36 26.87 1.96
N ARG B 49 -20.35 27.01 2.86
CA ARG B 49 -21.73 26.75 2.47
C ARG B 49 -22.18 27.71 1.38
N ALA B 50 -21.79 28.98 1.49
CA ALA B 50 -22.06 29.93 0.41
C ALA B 50 -21.29 29.57 -0.85
N ALA B 51 -20.11 28.97 -0.70
CA ALA B 51 -19.33 28.58 -1.87
C ALA B 51 -19.92 27.36 -2.55
N GLU B 52 -20.44 26.40 -1.76
CA GLU B 52 -20.99 25.18 -2.35
C GLU B 52 -22.25 25.47 -3.16
N ARG B 53 -23.17 26.25 -2.59
CA ARG B 53 -24.42 26.53 -3.27
C ARG B 53 -24.21 27.37 -4.53
N ALA B 54 -23.18 28.21 -4.55
CA ALA B 54 -22.97 29.12 -5.66
C ALA B 54 -22.20 28.50 -6.81
N THR B 55 -21.61 27.32 -6.63
CA THR B 55 -20.80 26.70 -7.67
C THR B 55 -21.23 25.29 -8.03
N ARG B 56 -22.28 24.76 -7.40
CA ARG B 56 -22.76 23.43 -7.73
C ARG B 56 -23.34 23.44 -9.15
N SER B 57 -22.70 22.68 -10.04
CA SER B 57 -23.05 22.74 -11.46
C SER B 57 -24.31 21.94 -11.79
N GLU B 58 -24.60 20.88 -11.05
CA GLU B 58 -25.74 20.03 -11.35
C GLU B 58 -26.32 19.49 -10.05
N LEU B 59 -27.54 18.96 -10.15
CA LEU B 59 -28.24 18.40 -9.00
C LEU B 59 -29.38 17.52 -9.49
N SER B 60 -29.62 16.43 -8.77
CA SER B 60 -30.76 15.55 -9.01
C SER B 60 -31.66 15.62 -7.79
N LEU B 61 -32.83 16.22 -7.96
CA LEU B 61 -33.73 16.47 -6.83
C LEU B 61 -34.15 15.16 -6.18
N ARG B 62 -33.89 15.05 -4.88
CA ARG B 62 -34.17 13.83 -4.11
C ARG B 62 -35.31 14.13 -3.15
N GLY B 63 -36.45 13.46 -3.36
CA GLY B 63 -37.60 13.67 -2.50
C GLY B 63 -38.76 14.15 -3.35
N ASP B 64 -39.77 14.71 -2.70
CA ASP B 64 -41.04 15.05 -3.34
C ASP B 64 -41.20 16.56 -3.33
N PRO B 65 -41.11 17.24 -4.49
CA PRO B 65 -41.31 18.69 -4.52
C PRO B 65 -42.73 19.12 -4.21
N ARG B 66 -43.70 18.20 -4.24
CA ARG B 66 -45.07 18.53 -3.87
C ARG B 66 -45.24 18.67 -2.36
N SER B 67 -44.43 17.94 -1.58
CA SER B 67 -44.57 17.96 -0.13
C SER B 67 -44.16 19.33 0.43
N PRO B 68 -44.74 19.72 1.57
CA PRO B 68 -44.39 21.02 2.16
C PRO B 68 -42.94 21.12 2.58
N GLY B 69 -42.23 20.00 2.75
CA GLY B 69 -40.84 20.03 3.16
C GLY B 69 -39.94 20.76 2.17
N PHE B 70 -40.36 20.88 0.91
CA PHE B 70 -39.60 21.60 -0.10
C PHE B 70 -40.14 23.00 -0.36
N LEU B 71 -41.46 23.14 -0.45
CA LEU B 71 -42.07 24.43 -0.78
C LEU B 71 -41.87 25.47 0.31
N PHE B 72 -41.53 25.06 1.53
CA PHE B 72 -41.33 26.00 2.62
C PHE B 72 -39.89 25.97 3.11
N LEU B 73 -38.94 26.01 2.19
CA LEU B 73 -37.52 26.08 2.51
C LEU B 73 -37.04 27.53 2.43
N SER B 74 -35.86 27.76 3.01
CA SER B 74 -35.28 29.09 3.00
C SER B 74 -34.78 29.43 1.60
N HIS B 75 -34.44 30.71 1.41
CA HIS B 75 -33.83 31.18 0.17
C HIS B 75 -32.31 31.09 0.20
N ALA B 76 -31.73 30.70 1.33
CA ALA B 76 -30.34 30.26 1.31
C ALA B 76 -30.18 28.95 0.55
N PHE B 77 -31.28 28.21 0.37
CA PHE B 77 -31.34 27.06 -0.52
C PHE B 77 -31.54 27.58 -1.94
N ARG B 78 -30.44 27.99 -2.55
CA ARG B 78 -30.49 28.68 -3.84
C ARG B 78 -29.19 28.37 -4.59
N PHE B 79 -29.32 27.80 -5.79
CA PHE B 79 -28.19 27.44 -6.62
C PHE B 79 -28.12 28.37 -7.82
N PRO B 80 -27.37 29.48 -7.74
CA PRO B 80 -27.42 30.47 -8.83
C PRO B 80 -26.81 29.98 -10.13
N ALA B 81 -25.72 29.22 -10.05
CA ALA B 81 -24.98 28.81 -11.25
C ALA B 81 -25.31 27.38 -11.69
N LEU B 82 -26.41 26.82 -11.20
CA LEU B 82 -26.78 25.46 -11.55
C LEU B 82 -27.23 25.40 -13.01
N GLU B 83 -26.66 24.48 -13.78
CA GLU B 83 -27.00 24.31 -15.19
C GLU B 83 -27.93 23.11 -15.39
N HIS B 84 -27.47 21.90 -15.06
CA HIS B 84 -28.26 20.69 -15.24
C HIS B 84 -29.10 20.44 -14.00
N LEU B 85 -30.40 20.21 -14.20
CA LEU B 85 -31.32 19.89 -13.12
C LEU B 85 -32.07 18.63 -13.50
N ASP B 86 -31.97 17.60 -12.66
CA ASP B 86 -32.58 16.30 -12.92
C ASP B 86 -33.80 16.14 -12.01
N LEU B 87 -34.98 16.34 -12.58
CA LEU B 87 -36.24 16.16 -11.88
C LEU B 87 -36.91 14.83 -12.22
N SER B 88 -36.12 13.89 -12.74
CA SER B 88 -36.53 12.52 -13.16
C SER B 88 -36.71 11.62 -11.96
N LEU B 89 -35.87 11.78 -10.95
CA LEU B 89 -35.84 10.87 -9.80
C LEU B 89 -36.60 11.47 -8.61
N VAL B 90 -37.51 12.37 -8.91
CA VAL B 90 -38.38 12.97 -7.88
C VAL B 90 -39.33 11.86 -7.43
N SER B 91 -39.63 11.81 -6.14
CA SER B 91 -40.52 10.78 -5.55
C SER B 91 -41.96 11.25 -5.63
N PRO B 92 -42.99 10.41 -5.88
CA PRO B 92 -42.88 8.99 -6.11
C PRO B 92 -42.28 8.69 -7.48
N TRP B 93 -41.69 7.52 -7.65
CA TRP B 93 -41.01 7.31 -8.94
C TRP B 93 -42.05 7.06 -10.02
N GLY B 94 -41.93 7.76 -11.13
CA GLY B 94 -42.79 7.56 -12.31
C GLY B 94 -44.10 8.29 -12.24
N HIS B 95 -44.34 9.04 -11.20
CA HIS B 95 -45.65 9.70 -11.13
C HIS B 95 -45.62 10.95 -11.98
N PRO B 96 -46.76 11.44 -12.49
CA PRO B 96 -46.75 12.61 -13.29
C PRO B 96 -46.46 13.73 -12.32
N LEU B 97 -45.49 14.57 -12.65
CA LEU B 97 -45.12 15.71 -11.82
C LEU B 97 -45.71 16.94 -12.48
N LEU B 98 -46.33 17.81 -11.72
CA LEU B 98 -46.97 19.04 -12.18
C LEU B 98 -47.92 18.79 -13.35
N SER B 99 -48.62 17.67 -13.29
CA SER B 99 -49.56 17.32 -14.34
C SER B 99 -50.84 18.13 -14.21
N SER B 100 -51.56 18.25 -15.32
CA SER B 100 -52.84 18.95 -15.36
C SER B 100 -54.03 18.01 -15.41
N VAL B 101 -53.79 16.70 -15.48
CA VAL B 101 -54.86 15.71 -15.54
C VAL B 101 -55.27 15.35 -14.11
N PRO B 102 -56.56 15.41 -13.78
CA PRO B 102 -57.00 15.00 -12.44
C PRO B 102 -56.91 13.50 -12.26
N PRO B 103 -56.43 13.02 -11.11
CA PRO B 103 -56.29 11.59 -10.83
C PRO B 103 -57.62 10.86 -10.83
N PRO B 125 -59.75 20.74 -9.62
CA PRO B 125 -60.01 21.47 -10.87
C PRO B 125 -59.10 22.68 -11.03
N GLU B 126 -59.39 23.75 -10.29
CA GLU B 126 -58.56 24.95 -10.32
C GLU B 126 -57.49 24.94 -9.24
N ALA B 127 -57.69 24.18 -8.16
CA ALA B 127 -56.70 24.13 -7.10
C ALA B 127 -55.39 23.51 -7.59
N ILE B 128 -55.47 22.57 -8.54
CA ILE B 128 -54.25 21.98 -9.07
C ILE B 128 -53.55 22.93 -10.03
N SER B 129 -54.29 23.86 -10.64
CA SER B 129 -53.68 24.79 -11.58
C SER B 129 -52.78 25.79 -10.88
N GLU B 130 -53.15 26.20 -9.66
CA GLU B 130 -52.30 27.11 -8.88
C GLU B 130 -51.27 26.39 -8.04
N GLN B 131 -51.50 25.11 -7.72
CA GLN B 131 -50.48 24.34 -7.01
C GLN B 131 -49.30 24.02 -7.92
N ASN B 132 -49.56 23.71 -9.18
CA ASN B 132 -48.48 23.47 -10.14
C ASN B 132 -47.66 24.73 -10.35
N ALA B 133 -48.32 25.89 -10.36
CA ALA B 133 -47.58 27.14 -10.54
C ALA B 133 -46.72 27.47 -9.33
N PHE B 134 -47.16 27.12 -8.13
CA PHE B 134 -46.37 27.39 -6.93
C PHE B 134 -45.17 26.46 -6.86
N ILE B 135 -45.36 25.18 -7.17
CA ILE B 135 -44.24 24.25 -7.17
C ILE B 135 -43.25 24.60 -8.28
N ALA B 136 -43.74 25.08 -9.42
CA ALA B 136 -42.84 25.52 -10.47
C ALA B 136 -42.11 26.80 -10.10
N ALA B 137 -42.81 27.72 -9.42
CA ALA B 137 -42.17 28.97 -9.00
C ALA B 137 -41.11 28.71 -7.94
N ARG B 138 -41.34 27.74 -7.05
CA ARG B 138 -40.34 27.41 -6.04
C ARG B 138 -39.14 26.70 -6.67
N LEU B 139 -39.39 25.78 -7.60
CA LEU B 139 -38.29 25.13 -8.29
C LEU B 139 -37.51 26.13 -9.14
N ALA B 140 -38.17 27.15 -9.67
CA ALA B 140 -37.47 28.21 -10.37
C ALA B 140 -36.65 29.08 -9.43
N GLY B 141 -37.02 29.14 -8.15
CA GLY B 141 -36.25 29.91 -7.19
C GLY B 141 -34.90 29.27 -6.90
N CYS B 142 -34.90 27.99 -6.53
CA CYS B 142 -33.65 27.32 -6.19
C CYS B 142 -32.74 27.19 -7.40
N PHE B 143 -33.32 26.93 -8.58
CA PHE B 143 -32.56 26.73 -9.81
C PHE B 143 -33.06 27.75 -10.85
N PRO B 144 -32.53 28.97 -10.83
CA PRO B 144 -33.00 30.01 -11.75
C PRO B 144 -32.20 30.13 -13.05
N ALA B 145 -31.29 29.20 -13.34
CA ALA B 145 -30.47 29.28 -14.53
C ALA B 145 -30.35 27.92 -15.20
N VAL B 146 -31.44 27.15 -15.20
CA VAL B 146 -31.41 25.81 -15.76
C VAL B 146 -31.29 25.89 -17.27
N THR B 147 -30.25 25.25 -17.82
CA THR B 147 -30.09 25.10 -19.26
C THR B 147 -30.24 23.67 -19.73
N SER B 148 -30.05 22.69 -18.83
CA SER B 148 -30.28 21.28 -19.13
C SER B 148 -31.28 20.74 -18.13
N LEU B 149 -32.37 20.18 -18.63
CA LEU B 149 -33.46 19.72 -17.78
C LEU B 149 -33.82 18.27 -18.11
N ALA B 150 -33.86 17.44 -17.08
CA ALA B 150 -34.35 16.07 -17.18
C ALA B 150 -35.56 15.92 -16.26
N VAL B 151 -36.61 15.28 -16.78
CA VAL B 151 -37.87 15.17 -16.06
C VAL B 151 -38.59 13.92 -16.53
N TYR B 152 -39.37 13.31 -15.63
CA TYR B 152 -40.25 12.21 -16.00
C TYR B 152 -41.52 12.80 -16.60
N CYS B 153 -41.65 12.68 -17.92
CA CYS B 153 -42.76 13.29 -18.66
C CYS B 153 -43.81 12.22 -18.93
N ARG B 154 -44.83 12.18 -18.06
CA ARG B 154 -45.93 11.19 -18.21
C ARG B 154 -46.90 11.67 -19.29
N ASP B 155 -47.15 12.98 -19.35
CA ASP B 155 -48.05 13.57 -20.33
C ASP B 155 -47.58 15.00 -20.59
N PRO B 156 -47.89 15.57 -21.76
CA PRO B 156 -47.25 16.84 -22.15
C PRO B 156 -47.55 18.01 -21.25
N THR B 157 -48.57 17.94 -20.39
CA THR B 157 -48.83 19.04 -19.48
C THR B 157 -47.71 19.21 -18.45
N THR B 158 -46.91 18.17 -18.21
CA THR B 158 -45.74 18.32 -17.35
C THR B 158 -44.77 19.34 -17.95
N LEU B 159 -44.53 19.27 -19.25
CA LEU B 159 -43.64 20.23 -19.90
C LEU B 159 -44.27 21.62 -19.95
N ALA B 160 -45.61 21.70 -20.06
CA ALA B 160 -46.26 22.99 -20.18
C ALA B 160 -46.23 23.76 -18.88
N ASN B 161 -46.33 23.07 -17.74
CA ASN B 161 -46.31 23.73 -16.44
C ASN B 161 -44.90 24.00 -15.93
N LEU B 162 -43.87 23.47 -16.59
CA LEU B 162 -42.49 23.54 -16.10
C LEU B 162 -41.62 24.51 -16.89
N THR B 163 -41.74 24.52 -18.21
CA THR B 163 -40.86 25.31 -19.09
C THR B 163 -41.00 26.83 -18.95
N PRO B 164 -42.19 27.40 -18.59
CA PRO B 164 -42.31 28.87 -18.48
C PRO B 164 -41.14 29.60 -17.84
N HIS B 165 -40.56 29.03 -16.78
CA HIS B 165 -39.50 29.74 -16.06
C HIS B 165 -38.14 29.57 -16.72
N TRP B 166 -37.91 28.47 -17.43
CA TRP B 166 -36.64 28.21 -18.09
C TRP B 166 -36.73 28.24 -19.61
N GLN B 167 -37.86 28.68 -20.16
CA GLN B 167 -38.06 28.59 -21.60
C GLN B 167 -37.06 29.43 -22.38
N ALA B 168 -36.53 30.48 -21.77
CA ALA B 168 -35.59 31.37 -22.47
C ALA B 168 -34.16 30.86 -22.44
N SER B 169 -33.84 29.88 -21.62
CA SER B 169 -32.48 29.37 -21.51
C SER B 169 -32.39 27.85 -21.55
N LEU B 170 -33.49 27.15 -21.75
CA LEU B 170 -33.50 25.68 -21.75
C LEU B 170 -32.90 25.19 -23.05
N ARG B 171 -31.61 24.85 -23.02
CA ARG B 171 -30.91 24.40 -24.23
C ARG B 171 -31.08 22.91 -24.48
N ARG B 172 -30.98 22.08 -23.43
CA ARG B 172 -31.06 20.64 -23.56
C ARG B 172 -32.17 20.11 -22.67
N VAL B 173 -32.99 19.21 -23.22
CA VAL B 173 -34.10 18.62 -22.49
C VAL B 173 -34.05 17.10 -22.68
N LYS B 174 -34.13 16.37 -21.57
CA LYS B 174 -34.19 14.91 -21.57
C LYS B 174 -35.51 14.48 -20.96
N LEU B 175 -36.27 13.67 -21.70
CA LEU B 175 -37.55 13.16 -21.24
C LEU B 175 -37.42 11.69 -20.85
N VAL B 176 -38.09 11.32 -19.77
CA VAL B 176 -38.06 9.95 -19.26
C VAL B 176 -39.50 9.48 -19.09
N ARG B 177 -39.86 8.40 -19.78
CA ARG B 177 -41.17 7.78 -19.60
C ARG B 177 -41.02 6.29 -19.94
N TRP B 178 -40.94 5.46 -18.89
CA TRP B 178 -41.04 4.02 -19.04
C TRP B 178 -42.48 3.53 -18.88
N HIS B 179 -43.46 4.42 -19.02
CA HIS B 179 -44.86 4.08 -18.87
C HIS B 179 -45.54 4.01 -20.23
N GLN B 180 -46.80 3.58 -20.22
CA GLN B 180 -47.57 3.51 -21.45
C GLN B 180 -47.93 4.90 -21.96
N ARG B 181 -47.88 5.07 -23.26
CA ARG B 181 -48.26 6.34 -23.87
C ARG B 181 -49.76 6.54 -23.73
N PRO B 182 -50.21 7.71 -23.31
CA PRO B 182 -51.66 7.97 -23.20
C PRO B 182 -52.33 7.78 -24.54
N PRO B 183 -53.36 6.93 -24.60
CA PRO B 183 -53.91 6.53 -25.91
C PRO B 183 -54.64 7.63 -26.65
N THR B 184 -55.10 8.68 -25.97
CA THR B 184 -55.87 9.72 -26.61
C THR B 184 -55.02 10.86 -27.17
N LEU B 185 -53.74 10.90 -26.85
CA LEU B 185 -52.89 12.01 -27.29
C LEU B 185 -52.69 11.95 -28.80
N PRO B 186 -52.85 13.08 -29.50
CA PRO B 186 -52.56 13.09 -30.94
C PRO B 186 -51.08 12.92 -31.21
N ASP B 187 -50.77 12.68 -32.49
CA ASP B 187 -49.39 12.47 -32.90
C ASP B 187 -48.56 13.72 -32.68
N GLY B 188 -47.43 13.57 -32.00
CA GLY B 188 -46.54 14.67 -31.72
C GLY B 188 -46.89 15.51 -30.51
N ALA B 189 -47.99 15.20 -29.82
CA ALA B 189 -48.39 15.99 -28.67
C ALA B 189 -47.38 15.90 -27.53
N ASP B 190 -46.59 14.83 -27.46
CA ASP B 190 -45.63 14.67 -26.38
C ASP B 190 -44.51 15.70 -26.44
N LEU B 191 -44.20 16.20 -27.65
CA LEU B 191 -43.10 17.12 -27.85
C LEU B 191 -43.53 18.53 -28.22
N GLU B 192 -44.84 18.78 -28.33
CA GLU B 192 -45.31 20.11 -28.69
C GLU B 192 -44.97 21.19 -27.66
N PRO B 193 -45.13 20.98 -26.34
CA PRO B 193 -44.79 22.05 -25.40
C PRO B 193 -43.34 22.52 -25.50
N LEU B 194 -42.42 21.64 -25.88
CA LEU B 194 -41.02 22.04 -26.03
C LEU B 194 -40.79 22.81 -27.31
N LEU B 195 -41.38 22.35 -28.42
CA LEU B 195 -41.14 22.98 -29.71
C LEU B 195 -41.88 24.30 -29.87
N GLU B 196 -42.92 24.54 -29.05
CA GLU B 196 -43.67 25.79 -29.14
C GLU B 196 -43.14 26.88 -28.21
N THR B 197 -42.51 26.50 -27.10
CA THR B 197 -42.13 27.45 -26.07
C THR B 197 -40.62 27.65 -25.96
N CYS B 198 -39.86 26.56 -25.88
CA CYS B 198 -38.41 26.64 -25.63
C CYS B 198 -37.71 26.97 -26.94
N ALA B 199 -37.52 28.28 -27.17
CA ALA B 199 -36.82 28.74 -28.36
C ALA B 199 -35.31 28.53 -28.29
N ALA B 200 -34.78 28.18 -27.11
CA ALA B 200 -33.37 27.94 -26.93
C ALA B 200 -33.00 26.47 -27.01
N LEU B 201 -33.95 25.61 -27.37
CA LEU B 201 -33.71 24.17 -27.41
C LEU B 201 -32.70 23.82 -28.51
N ARG B 202 -31.72 22.98 -28.15
CA ARG B 202 -30.70 22.57 -29.10
C ARG B 202 -30.51 21.06 -29.05
N GLU B 203 -30.73 20.45 -27.89
CA GLU B 203 -30.51 19.02 -27.69
C GLU B 203 -31.77 18.40 -27.11
N LEU B 204 -32.32 17.42 -27.81
CA LEU B 204 -33.50 16.68 -27.35
C LEU B 204 -33.12 15.22 -27.17
N ASP B 205 -33.25 14.72 -25.94
CA ASP B 205 -32.87 13.35 -25.59
C ASP B 205 -34.14 12.57 -25.30
N LEU B 206 -34.52 11.69 -26.24
CA LEU B 206 -35.68 10.82 -26.10
C LEU B 206 -35.25 9.36 -26.07
N SER B 207 -34.10 9.09 -25.45
CA SER B 207 -33.59 7.72 -25.42
C SER B 207 -34.38 6.86 -24.45
N GLU B 208 -34.80 7.43 -23.32
CA GLU B 208 -35.57 6.71 -22.32
C GLU B 208 -37.01 7.18 -22.24
N PHE B 209 -37.47 7.90 -23.26
CA PHE B 209 -38.83 8.44 -23.33
C PHE B 209 -39.61 7.63 -24.36
N TYR B 210 -40.50 6.76 -23.89
CA TYR B 210 -41.27 5.95 -24.81
C TYR B 210 -42.33 6.78 -25.53
N CYS B 211 -42.44 6.56 -26.84
CA CYS B 211 -43.48 7.14 -27.67
C CYS B 211 -43.47 6.40 -28.99
N TRP B 212 -44.55 6.56 -29.75
CA TRP B 212 -44.61 5.96 -31.08
C TRP B 212 -43.65 6.68 -32.02
N THR B 213 -43.14 5.93 -33.01
CA THR B 213 -42.31 6.55 -34.02
C THR B 213 -43.09 7.59 -34.82
N GLU B 214 -44.41 7.45 -34.89
CA GLU B 214 -45.23 8.47 -35.55
C GLU B 214 -45.23 9.77 -34.76
N ASP B 215 -45.02 9.71 -33.44
CA ASP B 215 -44.99 10.92 -32.63
C ASP B 215 -43.78 11.79 -32.98
N VAL B 216 -42.60 11.18 -33.05
CA VAL B 216 -41.38 11.94 -33.31
C VAL B 216 -41.42 12.55 -34.70
N VAL B 217 -41.96 11.82 -35.68
CA VAL B 217 -42.02 12.32 -37.04
C VAL B 217 -43.01 13.47 -37.15
N ARG B 218 -44.18 13.32 -36.54
CA ARG B 218 -45.23 14.33 -36.69
C ARG B 218 -44.83 15.66 -36.05
N ALA B 219 -44.20 15.61 -34.88
CA ALA B 219 -43.86 16.84 -34.17
C ALA B 219 -42.68 17.54 -34.80
N LEU B 220 -41.64 16.79 -35.16
CA LEU B 220 -40.40 17.38 -35.66
C LEU B 220 -40.50 17.88 -37.10
N THR B 221 -41.53 17.47 -37.84
CA THR B 221 -41.69 17.91 -39.23
C THR B 221 -42.76 18.98 -39.41
N THR B 222 -43.50 19.32 -38.36
CA THR B 222 -44.52 20.36 -38.43
C THR B 222 -44.15 21.58 -37.59
N HIS B 223 -42.91 21.66 -37.08
CA HIS B 223 -42.42 22.80 -36.32
C HIS B 223 -41.08 23.24 -36.89
N PRO B 224 -41.06 23.78 -38.11
CA PRO B 224 -39.77 24.11 -38.75
C PRO B 224 -39.03 25.28 -38.11
N SER B 225 -39.58 25.93 -37.09
CA SER B 225 -38.88 27.01 -36.41
C SER B 225 -37.97 26.48 -35.30
N ALA B 226 -38.50 25.62 -34.43
CA ALA B 226 -37.69 25.06 -33.36
C ALA B 226 -36.86 23.87 -33.82
N THR B 227 -37.32 23.17 -34.85
CA THR B 227 -36.62 21.99 -35.32
C THR B 227 -35.35 22.35 -36.07
N ALA B 228 -35.38 23.43 -36.86
CA ALA B 228 -34.24 23.82 -37.67
C ALA B 228 -33.00 24.17 -36.86
N ALA B 229 -33.13 24.33 -35.54
CA ALA B 229 -32.00 24.67 -34.70
C ALA B 229 -31.45 23.48 -33.93
N LEU B 230 -32.13 22.34 -33.95
CA LEU B 230 -31.68 21.18 -33.19
C LEU B 230 -30.37 20.64 -33.72
N THR B 231 -29.44 20.33 -32.81
CA THR B 231 -28.14 19.78 -33.16
C THR B 231 -27.87 18.41 -32.53
N HIS B 232 -28.66 18.00 -31.54
CA HIS B 232 -28.50 16.70 -30.91
C HIS B 232 -29.86 16.04 -30.81
N LEU B 233 -29.95 14.79 -31.26
CA LEU B 233 -31.21 14.06 -31.27
C LEU B 233 -30.95 12.60 -30.90
N ASP B 234 -31.58 12.13 -29.83
CA ASP B 234 -31.49 10.74 -29.40
C ASP B 234 -32.89 10.16 -29.43
N LEU B 235 -33.15 9.27 -30.38
CA LEU B 235 -34.48 8.72 -30.63
C LEU B 235 -34.57 7.25 -30.19
N GLY B 236 -33.96 6.91 -29.05
CA GLY B 236 -33.97 5.53 -28.61
C GLY B 236 -35.37 5.02 -28.29
N LEU B 237 -36.20 5.88 -27.70
CA LEU B 237 -37.59 5.54 -27.38
C LEU B 237 -37.67 4.31 -26.47
N ALA B 238 -36.75 4.23 -25.51
CA ALA B 238 -36.77 3.22 -24.45
C ALA B 238 -36.72 1.80 -24.98
N ALA B 239 -36.12 1.62 -26.17
CA ALA B 239 -35.94 0.30 -26.78
C ALA B 239 -37.25 -0.48 -26.87
N ALA B 240 -38.33 0.25 -27.17
CA ALA B 240 -39.65 -0.36 -27.30
C ALA B 240 -40.22 -0.23 -28.71
N THR B 241 -39.41 0.22 -29.67
CA THR B 241 -39.82 0.29 -31.06
C THR B 241 -38.91 -0.60 -31.90
N ASP B 242 -39.43 -1.06 -33.03
CA ASP B 242 -38.67 -1.92 -33.93
C ASP B 242 -37.80 -1.13 -34.90
N GLY B 243 -37.59 0.15 -34.64
CA GLY B 243 -36.72 0.95 -35.47
C GLY B 243 -37.50 1.92 -36.35
N PHE B 244 -36.89 3.07 -36.62
CA PHE B 244 -37.48 4.06 -37.51
C PHE B 244 -37.34 3.61 -38.96
N LYS B 245 -38.43 3.71 -39.71
CA LYS B 245 -38.43 3.30 -41.10
C LYS B 245 -37.81 4.38 -41.98
N SER B 246 -37.57 4.02 -43.24
CA SER B 246 -37.04 4.99 -44.19
C SER B 246 -38.02 6.13 -44.45
N SER B 247 -39.32 5.84 -44.41
CA SER B 247 -40.34 6.87 -44.54
C SER B 247 -40.43 7.75 -43.30
N GLU B 248 -39.76 7.37 -42.21
CA GLU B 248 -39.73 8.15 -40.99
C GLU B 248 -38.41 8.85 -40.75
N LEU B 249 -37.29 8.17 -40.98
CA LEU B 249 -35.98 8.81 -40.84
C LEU B 249 -35.77 9.88 -41.92
N GLY B 250 -36.44 9.77 -43.06
CA GLY B 250 -36.31 10.72 -44.13
C GLY B 250 -36.75 12.12 -43.75
N PRO B 251 -38.04 12.29 -43.43
CA PRO B 251 -38.52 13.63 -43.04
C PRO B 251 -37.85 14.18 -41.80
N ILE B 252 -37.46 13.33 -40.85
CA ILE B 252 -36.79 13.80 -39.64
C ILE B 252 -35.44 14.41 -39.99
N ALA B 253 -34.67 13.74 -40.84
CA ALA B 253 -33.36 14.25 -41.23
C ALA B 253 -33.48 15.51 -42.08
N ALA B 254 -34.47 15.53 -42.98
CA ALA B 254 -34.64 16.68 -43.85
C ALA B 254 -35.09 17.92 -43.09
N SER B 255 -35.76 17.72 -41.94
CA SER B 255 -36.24 18.85 -41.15
C SER B 255 -35.18 19.41 -40.22
N CYS B 256 -34.13 18.65 -39.91
CA CYS B 256 -33.07 19.08 -39.00
C CYS B 256 -31.75 19.17 -39.77
N PRO B 257 -31.53 20.23 -40.55
CA PRO B 257 -30.30 20.27 -41.36
C PRO B 257 -29.09 20.72 -40.56
N ASN B 258 -29.26 20.83 -39.24
CA ASN B 258 -28.18 21.27 -38.36
C ASN B 258 -27.79 20.21 -37.34
N LEU B 259 -28.22 18.95 -37.53
CA LEU B 259 -27.85 17.90 -36.59
C LEU B 259 -26.36 17.62 -36.65
N ARG B 260 -25.71 17.61 -35.49
CA ARG B 260 -24.34 17.15 -35.37
C ARG B 260 -24.22 15.79 -34.69
N LYS B 261 -25.21 15.41 -33.88
CA LYS B 261 -25.24 14.11 -33.23
C LYS B 261 -26.64 13.54 -33.33
N LEU B 262 -26.75 12.32 -33.87
CA LEU B 262 -28.02 11.64 -34.02
C LEU B 262 -27.88 10.20 -33.55
N VAL B 263 -28.76 9.78 -32.64
CA VAL B 263 -28.79 8.42 -32.12
C VAL B 263 -30.21 7.91 -32.25
N ALA B 264 -30.39 6.82 -33.00
CA ALA B 264 -31.74 6.30 -33.23
C ALA B 264 -31.68 4.87 -33.71
N PRO B 265 -32.56 4.00 -33.23
CA PRO B 265 -32.70 2.67 -33.84
C PRO B 265 -33.47 2.76 -35.15
N CYS B 266 -33.14 1.84 -36.06
CA CYS B 266 -33.74 1.84 -37.38
C CYS B 266 -34.13 0.42 -37.78
N LEU B 267 -35.14 0.32 -38.64
CA LEU B 267 -35.57 -0.95 -39.20
C LEU B 267 -34.67 -1.29 -40.38
N PHE B 268 -33.81 -2.28 -40.22
CA PHE B 268 -32.86 -2.67 -41.25
C PHE B 268 -33.23 -3.97 -41.96
N ASN B 269 -34.28 -4.65 -41.51
CA ASN B 269 -34.69 -5.92 -42.10
C ASN B 269 -35.17 -5.72 -43.53
N PRO B 270 -34.48 -6.25 -44.54
CA PRO B 270 -34.93 -6.07 -45.93
C PRO B 270 -36.23 -6.79 -46.25
N ARG B 271 -36.75 -7.62 -45.34
CA ARG B 271 -38.06 -8.21 -45.54
C ARG B 271 -39.17 -7.17 -45.59
N PHE B 272 -38.93 -5.99 -45.03
CA PHE B 272 -39.89 -4.90 -45.05
C PHE B 272 -39.49 -3.88 -46.11
N SER B 273 -40.46 -3.46 -46.92
CA SER B 273 -40.18 -2.51 -47.99
C SER B 273 -39.77 -1.14 -47.46
N ASP B 274 -40.08 -0.84 -46.21
CA ASP B 274 -39.76 0.44 -45.60
C ASP B 274 -38.55 0.36 -44.68
N CYS B 275 -37.56 -0.46 -45.02
CA CYS B 275 -36.37 -0.59 -44.21
C CYS B 275 -35.37 0.50 -44.54
N VAL B 276 -34.28 0.55 -43.79
CA VAL B 276 -33.20 1.53 -43.98
C VAL B 276 -32.09 0.83 -44.76
N GLY B 277 -31.87 1.27 -46.00
CA GLY B 277 -30.88 0.69 -46.87
C GLY B 277 -29.89 1.73 -47.38
N ASP B 278 -29.35 1.46 -48.57
CA ASP B 278 -28.36 2.35 -49.16
C ASP B 278 -28.94 3.73 -49.44
N ASP B 279 -30.15 3.78 -50.00
CA ASP B 279 -30.75 5.05 -50.35
C ASP B 279 -31.14 5.86 -49.12
N ALA B 280 -31.61 5.18 -48.07
CA ALA B 280 -31.98 5.87 -46.85
C ALA B 280 -30.77 6.45 -46.14
N LEU B 281 -29.62 5.78 -46.24
CA LEU B 281 -28.39 6.29 -45.61
C LEU B 281 -27.90 7.55 -46.33
N LEU B 282 -27.83 7.49 -47.66
CA LEU B 282 -27.34 8.65 -48.42
C LEU B 282 -28.24 9.85 -48.22
N SER B 283 -29.56 9.65 -48.21
CA SER B 283 -30.48 10.76 -47.98
C SER B 283 -30.33 11.32 -46.57
N LEU B 284 -29.93 10.47 -45.61
CA LEU B 284 -29.69 10.96 -44.25
C LEU B 284 -28.42 11.80 -44.19
N ALA B 285 -27.37 11.38 -44.89
CA ALA B 285 -26.12 12.13 -44.87
C ALA B 285 -26.21 13.42 -45.68
N THR B 286 -27.08 13.45 -46.70
CA THR B 286 -27.24 14.67 -47.47
C THR B 286 -28.10 15.69 -46.74
N SER B 287 -29.14 15.22 -46.04
CA SER B 287 -29.99 16.13 -45.28
C SER B 287 -29.31 16.63 -44.00
N CYS B 288 -28.29 15.92 -43.53
CA CYS B 288 -27.54 16.30 -42.32
C CYS B 288 -26.06 16.18 -42.61
N PRO B 289 -25.49 17.14 -43.34
CA PRO B 289 -24.06 17.03 -43.69
C PRO B 289 -23.13 17.33 -42.52
N ARG B 290 -23.57 18.13 -41.56
CA ARG B 290 -22.73 18.53 -40.43
C ARG B 290 -22.77 17.52 -39.29
N LEU B 291 -23.09 16.25 -39.59
CA LEU B 291 -23.10 15.22 -38.56
C LEU B 291 -21.68 14.88 -38.13
N THR B 292 -21.46 14.85 -36.82
CA THR B 292 -20.20 14.39 -36.25
C THR B 292 -20.34 13.12 -35.42
N VAL B 293 -21.55 12.79 -34.96
CA VAL B 293 -21.80 11.59 -34.18
C VAL B 293 -23.07 10.95 -34.73
N LEU B 294 -22.94 9.75 -35.31
CA LEU B 294 -24.09 9.02 -35.82
C LEU B 294 -24.06 7.61 -35.25
N ARG B 295 -25.14 7.22 -34.57
CA ARG B 295 -25.26 5.91 -33.94
C ARG B 295 -26.59 5.29 -34.35
N LEU B 296 -26.56 4.47 -35.40
CA LEU B 296 -27.72 3.71 -35.83
C LEU B 296 -27.58 2.26 -35.39
N SER B 297 -28.67 1.70 -34.87
CA SER B 297 -28.66 0.32 -34.40
C SER B 297 -29.95 -0.36 -34.82
N GLU B 298 -29.92 -1.69 -34.81
CA GLU B 298 -31.08 -2.49 -35.16
C GLU B 298 -31.60 -3.19 -33.91
N PRO B 299 -32.87 -2.99 -33.54
CA PRO B 299 -33.41 -3.63 -32.35
C PRO B 299 -33.31 -5.15 -32.42
N PHE B 300 -32.62 -5.73 -31.46
CA PHE B 300 -32.44 -7.18 -31.42
C PHE B 300 -33.73 -7.87 -30.99
N GLU B 301 -34.05 -8.97 -31.64
CA GLU B 301 -35.21 -9.80 -31.29
C GLU B 301 -34.82 -11.25 -31.50
N ALA B 302 -34.75 -12.02 -30.41
CA ALA B 302 -34.25 -13.38 -30.49
C ALA B 302 -35.16 -14.32 -31.26
N ALA B 303 -36.44 -13.96 -31.44
CA ALA B 303 -37.37 -14.84 -32.12
C ALA B 303 -37.02 -14.99 -33.60
N ALA B 304 -36.63 -13.88 -34.26
CA ALA B 304 -36.31 -13.94 -35.68
C ALA B 304 -35.01 -14.70 -35.93
N ASN B 305 -34.01 -14.51 -35.05
CA ASN B 305 -32.70 -15.12 -35.18
C ASN B 305 -32.09 -14.80 -36.55
N ILE B 306 -31.86 -13.51 -36.77
CA ILE B 306 -31.30 -13.01 -38.02
C ILE B 306 -29.78 -12.96 -37.91
N GLN B 307 -29.14 -14.12 -37.94
CA GLN B 307 -27.70 -14.21 -37.69
C GLN B 307 -26.90 -13.91 -38.95
N ARG B 308 -27.21 -14.57 -40.06
CA ARG B 308 -26.47 -14.39 -41.30
C ARG B 308 -27.29 -13.79 -42.43
N GLU B 309 -28.54 -13.39 -42.17
CA GLU B 309 -29.35 -12.78 -43.19
C GLU B 309 -28.75 -11.45 -43.64
N GLU B 310 -28.77 -11.22 -44.95
CA GLU B 310 -28.13 -10.04 -45.52
C GLU B 310 -28.99 -8.80 -45.31
N ALA B 311 -28.34 -7.64 -45.28
CA ALA B 311 -29.00 -6.36 -45.07
C ALA B 311 -29.19 -5.63 -46.40
N ALA B 312 -30.03 -4.60 -46.36
CA ALA B 312 -30.26 -3.75 -47.52
C ALA B 312 -29.17 -2.71 -47.71
N ILE B 313 -28.07 -2.82 -46.97
CA ILE B 313 -26.94 -1.90 -47.06
C ILE B 313 -25.78 -2.63 -47.73
N THR B 314 -25.16 -1.97 -48.70
CA THR B 314 -24.04 -2.54 -49.43
C THR B 314 -22.80 -1.69 -49.22
N VAL B 315 -21.63 -2.29 -49.47
CA VAL B 315 -20.37 -1.58 -49.35
C VAL B 315 -20.28 -0.48 -50.40
N ALA B 316 -20.83 -0.71 -51.59
CA ALA B 316 -20.84 0.33 -52.62
C ALA B 316 -21.64 1.54 -52.17
N GLY B 317 -22.69 1.34 -51.38
CA GLY B 317 -23.46 2.46 -50.88
C GLY B 317 -22.86 3.12 -49.66
N LEU B 318 -22.14 2.35 -48.84
CA LEU B 318 -21.50 2.94 -47.66
C LEU B 318 -20.39 3.90 -48.05
N VAL B 319 -19.68 3.64 -49.15
CA VAL B 319 -18.62 4.54 -49.59
C VAL B 319 -19.19 5.89 -49.99
N ALA B 320 -20.31 5.88 -50.72
CA ALA B 320 -20.98 7.14 -51.04
C ALA B 320 -21.59 7.77 -49.80
N PHE B 321 -21.95 6.97 -48.81
CA PHE B 321 -22.49 7.51 -47.56
C PHE B 321 -21.39 8.11 -46.69
N PHE B 322 -20.22 7.47 -46.65
CA PHE B 322 -19.11 8.01 -45.88
C PHE B 322 -18.50 9.24 -46.55
N ALA B 323 -18.69 9.40 -47.86
CA ALA B 323 -18.17 10.57 -48.55
C ALA B 323 -18.98 11.83 -48.28
N ALA B 324 -20.19 11.69 -47.73
CA ALA B 324 -21.05 12.84 -47.46
C ALA B 324 -20.98 13.31 -46.01
N LEU B 325 -20.18 12.65 -45.16
CA LEU B 325 -20.01 13.02 -43.75
C LEU B 325 -18.54 13.29 -43.50
N PRO B 326 -18.01 14.43 -43.93
CA PRO B 326 -16.59 14.72 -43.69
C PRO B 326 -16.28 15.10 -42.25
N ALA B 327 -17.28 15.49 -41.47
CA ALA B 327 -17.09 15.84 -40.07
C ALA B 327 -17.38 14.68 -39.13
N LEU B 328 -17.54 13.48 -39.66
CA LEU B 328 -17.90 12.32 -38.84
C LEU B 328 -16.73 11.93 -37.94
N GLU B 329 -17.00 11.83 -36.64
CA GLU B 329 -16.00 11.42 -35.66
C GLU B 329 -16.44 10.26 -34.78
N ASP B 330 -17.74 9.99 -34.66
CA ASP B 330 -18.26 8.91 -33.81
C ASP B 330 -19.30 8.17 -34.62
N PHE B 331 -18.91 7.06 -35.25
CA PHE B 331 -19.78 6.27 -36.08
C PHE B 331 -20.10 4.95 -35.39
N THR B 332 -21.38 4.57 -35.39
CA THR B 332 -21.80 3.32 -34.78
C THR B 332 -22.98 2.77 -35.58
N MET B 333 -22.77 1.65 -36.26
CA MET B 333 -23.80 0.96 -37.03
C MET B 333 -23.87 -0.48 -36.53
N ASP B 334 -24.53 -0.67 -35.39
CA ASP B 334 -24.67 -2.00 -34.78
C ASP B 334 -25.87 -2.69 -35.42
N LEU B 335 -25.61 -3.58 -36.37
CA LEU B 335 -26.66 -4.26 -37.10
C LEU B 335 -26.76 -5.72 -36.68
N GLN B 336 -27.92 -6.31 -36.99
CA GLN B 336 -28.12 -7.74 -36.88
C GLN B 336 -28.06 -8.42 -38.25
N HIS B 337 -28.63 -7.81 -39.27
CA HIS B 337 -28.42 -8.26 -40.64
C HIS B 337 -27.01 -7.90 -41.09
N ASN B 338 -26.38 -8.81 -41.83
CA ASN B 338 -24.97 -8.68 -42.14
C ASN B 338 -24.72 -7.72 -43.29
N VAL B 339 -23.54 -7.10 -43.27
CA VAL B 339 -23.04 -6.28 -44.37
C VAL B 339 -21.74 -6.92 -44.85
N LEU B 340 -21.69 -7.30 -46.12
CA LEU B 340 -20.61 -8.10 -46.66
C LEU B 340 -19.55 -7.22 -47.30
N GLU B 341 -18.36 -7.81 -47.47
CA GLU B 341 -17.17 -7.18 -48.10
C GLU B 341 -17.06 -5.70 -47.76
N ALA B 342 -17.06 -5.41 -46.46
CA ALA B 342 -17.01 -4.05 -45.94
C ALA B 342 -15.60 -3.49 -45.86
N ALA B 343 -14.59 -4.20 -46.37
CA ALA B 343 -13.22 -3.71 -46.31
C ALA B 343 -13.02 -2.42 -47.10
N PRO B 344 -13.51 -2.28 -48.33
CA PRO B 344 -13.33 -0.99 -49.03
C PRO B 344 -14.06 0.16 -48.35
N ALA B 345 -15.20 -0.10 -47.71
CA ALA B 345 -15.93 0.97 -47.05
C ALA B 345 -15.15 1.52 -45.85
N MET B 346 -14.49 0.63 -45.10
CA MET B 346 -13.66 1.09 -43.99
C MET B 346 -12.47 1.89 -44.50
N GLU B 347 -11.90 1.47 -45.63
CA GLU B 347 -10.83 2.26 -46.25
C GLU B 347 -11.33 3.60 -46.72
N ALA B 348 -12.59 3.67 -47.20
CA ALA B 348 -13.18 4.95 -47.56
C ALA B 348 -13.49 5.79 -46.34
N LEU B 349 -13.79 5.15 -45.21
CA LEU B 349 -14.04 5.89 -43.97
C LEU B 349 -12.78 6.59 -43.49
N ALA B 350 -11.60 6.01 -43.75
CA ALA B 350 -10.35 6.64 -43.35
C ALA B 350 -9.99 7.81 -44.25
N ARG B 351 -10.41 7.78 -45.52
CA ARG B 351 -10.06 8.84 -46.46
C ARG B 351 -11.05 9.99 -46.40
N ARG B 352 -12.34 9.70 -46.50
CA ARG B 352 -13.36 10.75 -46.53
C ARG B 352 -13.69 11.30 -45.16
N CYS B 353 -13.37 10.56 -44.09
CA CYS B 353 -13.64 10.98 -42.72
C CYS B 353 -12.35 10.88 -41.92
N PRO B 354 -11.44 11.85 -42.11
CA PRO B 354 -10.13 11.76 -41.41
C PRO B 354 -10.23 11.96 -39.92
N ARG B 355 -11.31 12.54 -39.41
CA ARG B 355 -11.48 12.77 -37.99
C ARG B 355 -12.19 11.62 -37.27
N ILE B 356 -12.31 10.47 -37.91
CA ILE B 356 -12.93 9.32 -37.27
C ILE B 356 -12.05 8.83 -36.13
N LYS B 357 -12.67 8.44 -35.02
CA LYS B 357 -11.92 8.06 -33.83
C LYS B 357 -12.62 6.95 -33.06
N PHE B 358 -13.94 6.94 -33.06
CA PHE B 358 -14.74 6.01 -32.28
C PHE B 358 -15.65 5.24 -33.22
N LEU B 359 -15.33 3.96 -33.45
CA LEU B 359 -16.01 3.13 -34.43
C LEU B 359 -16.54 1.87 -33.76
N THR B 360 -17.85 1.67 -33.84
CA THR B 360 -18.50 0.47 -33.30
C THR B 360 -19.37 -0.12 -34.41
N LEU B 361 -19.00 -1.30 -34.88
CA LEU B 361 -19.67 -1.93 -36.02
C LEU B 361 -20.28 -3.27 -35.59
N GLY B 362 -21.48 -3.54 -36.10
CA GLY B 362 -22.16 -4.79 -35.81
C GLY B 362 -22.56 -5.55 -37.06
N SER B 363 -22.25 -6.85 -37.09
CA SER B 363 -22.59 -7.72 -38.22
C SER B 363 -21.92 -7.27 -39.52
N PHE B 364 -20.78 -6.61 -39.42
CA PHE B 364 -20.02 -6.20 -40.59
C PHE B 364 -19.00 -7.28 -40.93
N GLN B 365 -19.14 -7.88 -42.10
CA GLN B 365 -18.25 -8.95 -42.56
C GLN B 365 -17.15 -8.38 -43.45
N GLY B 366 -16.03 -9.09 -43.49
CA GLY B 366 -14.91 -8.64 -44.30
C GLY B 366 -14.32 -7.32 -43.85
N LEU B 367 -14.22 -7.11 -42.53
CA LEU B 367 -13.72 -5.84 -42.01
C LEU B 367 -12.22 -5.69 -42.20
N CYS B 368 -11.49 -6.79 -42.34
CA CYS B 368 -10.04 -6.73 -42.52
C CYS B 368 -9.57 -8.09 -43.03
N LYS B 369 -9.13 -8.13 -44.29
CA LYS B 369 -8.64 -9.37 -44.92
C LYS B 369 -7.18 -9.61 -44.50
N ALA B 370 -6.36 -8.55 -44.53
CA ALA B 370 -4.93 -8.65 -44.15
C ALA B 370 -4.29 -9.85 -44.84
N SER B 371 -4.49 -9.97 -46.16
CA SER B 371 -3.92 -11.09 -46.95
C SER B 371 -2.62 -10.64 -47.64
N TRP B 372 -2.65 -9.47 -48.29
CA TRP B 372 -1.47 -8.92 -48.98
C TRP B 372 -0.85 -7.95 -47.96
N LEU B 373 -0.82 -8.36 -46.69
CA LEU B 373 -0.24 -7.50 -45.61
C LEU B 373 -0.74 -6.07 -45.75
N HIS B 374 0.17 -5.09 -45.70
CA HIS B 374 -0.19 -3.65 -45.78
C HIS B 374 -1.11 -3.43 -44.58
N LEU B 375 -2.26 -2.80 -44.81
CA LEU B 375 -3.27 -2.53 -43.75
C LEU B 375 -4.66 -2.25 -44.33
N ASP B 376 -5.24 -3.25 -45.01
CA ASP B 376 -6.54 -3.10 -45.63
C ASP B 376 -7.64 -3.08 -44.57
N GLY B 377 -8.81 -2.63 -44.98
CA GLY B 377 -9.97 -2.67 -44.10
C GLY B 377 -9.88 -1.63 -42.99
N VAL B 378 -10.18 -2.06 -41.77
CA VAL B 378 -10.23 -1.14 -40.64
C VAL B 378 -8.83 -0.71 -40.20
N ALA B 379 -7.79 -1.45 -40.59
CA ALA B 379 -6.43 -1.07 -40.21
C ALA B 379 -5.97 0.19 -40.92
N VAL B 380 -6.62 0.57 -42.03
CA VAL B 380 -6.27 1.81 -42.72
C VAL B 380 -6.66 3.01 -41.86
N CYS B 381 -7.74 2.90 -41.10
CA CYS B 381 -8.18 3.97 -40.20
C CYS B 381 -7.21 4.12 -39.04
N GLY B 382 -6.18 4.95 -39.22
CA GLY B 382 -5.14 5.07 -38.21
C GLY B 382 -5.57 5.86 -36.99
N GLY B 383 -6.43 6.86 -37.17
CA GLY B 383 -6.90 7.69 -36.09
C GLY B 383 -7.89 7.06 -35.13
N LEU B 384 -8.16 5.75 -35.24
CA LEU B 384 -9.12 5.11 -34.36
C LEU B 384 -8.61 5.08 -32.92
N GLU B 385 -9.41 5.61 -32.00
CA GLU B 385 -9.13 5.51 -30.57
C GLU B 385 -9.99 4.49 -29.85
N SER B 386 -11.13 4.12 -30.41
CA SER B 386 -12.02 3.10 -29.86
C SER B 386 -12.57 2.27 -30.99
N LEU B 387 -12.43 0.95 -30.89
CA LEU B 387 -12.87 0.03 -31.93
C LEU B 387 -13.67 -1.10 -31.31
N TYR B 388 -14.85 -1.35 -31.84
CA TYR B 388 -15.75 -2.37 -31.34
C TYR B 388 -16.41 -3.07 -32.52
N MET B 389 -16.38 -4.40 -32.54
CA MET B 389 -16.87 -5.18 -33.67
C MET B 389 -17.76 -6.31 -33.18
N LYS B 390 -19.03 -6.26 -33.53
CA LYS B 390 -19.98 -7.31 -33.20
C LYS B 390 -20.26 -8.18 -34.41
N ASN B 391 -20.21 -9.49 -34.22
CA ASN B 391 -20.63 -10.48 -35.22
C ASN B 391 -19.85 -10.32 -36.52
N CYS B 392 -18.54 -10.49 -36.44
CA CYS B 392 -17.66 -10.50 -37.60
C CYS B 392 -17.12 -11.92 -37.76
N GLN B 393 -17.64 -12.63 -38.76
CA GLN B 393 -17.38 -14.05 -38.91
C GLN B 393 -16.04 -14.35 -39.58
N ASP B 394 -15.43 -13.37 -40.25
CA ASP B 394 -14.15 -13.58 -40.90
C ASP B 394 -13.06 -12.68 -40.32
N LEU B 395 -13.23 -12.21 -39.08
CA LEU B 395 -12.19 -11.48 -38.36
C LEU B 395 -11.31 -12.51 -37.65
N THR B 396 -10.06 -12.64 -38.10
CA THR B 396 -9.17 -13.70 -37.65
C THR B 396 -7.96 -13.10 -36.95
N ASP B 397 -7.01 -13.97 -36.61
CA ASP B 397 -5.77 -13.53 -35.98
C ASP B 397 -4.98 -12.62 -36.92
N ALA B 398 -5.03 -12.90 -38.22
CA ALA B 398 -4.32 -12.05 -39.18
C ALA B 398 -4.89 -10.64 -39.20
N SER B 399 -6.20 -10.50 -38.96
CA SER B 399 -6.80 -9.17 -38.88
C SER B 399 -6.33 -8.42 -37.64
N LEU B 400 -6.44 -9.06 -36.47
CA LEU B 400 -6.00 -8.42 -35.24
C LEU B 400 -4.51 -8.10 -35.27
N ALA B 401 -3.72 -8.89 -36.02
CA ALA B 401 -2.32 -8.56 -36.22
C ALA B 401 -2.18 -7.27 -37.01
N ALA B 402 -2.91 -7.15 -38.12
CA ALA B 402 -2.84 -5.95 -38.94
C ALA B 402 -3.51 -4.76 -38.27
N ILE B 403 -4.54 -5.01 -37.44
CA ILE B 403 -5.20 -3.92 -36.73
C ILE B 403 -4.21 -3.25 -35.78
N GLY B 404 -3.38 -4.04 -35.10
CA GLY B 404 -2.38 -3.50 -34.20
C GLY B 404 -1.25 -2.76 -34.90
N ARG B 405 -1.16 -2.86 -36.23
CA ARG B 405 -0.13 -2.16 -36.98
C ARG B 405 -0.58 -0.78 -37.43
N GLY B 406 -1.85 -0.64 -37.84
CA GLY B 406 -2.34 0.62 -38.36
C GLY B 406 -3.02 1.47 -37.31
N CYS B 407 -3.67 0.85 -36.33
CA CYS B 407 -4.41 1.56 -35.30
C CYS B 407 -3.54 1.68 -34.04
N ARG B 408 -2.48 2.48 -34.17
CA ARG B 408 -1.53 2.66 -33.08
C ARG B 408 -2.08 3.58 -31.98
N ARG B 409 -3.24 4.20 -32.19
CA ARG B 409 -3.86 5.06 -31.20
C ARG B 409 -5.04 4.39 -30.50
N LEU B 410 -5.13 3.07 -30.57
CA LEU B 410 -6.27 2.36 -30.00
C LEU B 410 -6.21 2.40 -28.47
N ALA B 411 -7.20 3.07 -27.87
CA ALA B 411 -7.33 3.12 -26.42
C ALA B 411 -8.39 2.17 -25.88
N LYS B 412 -9.42 1.90 -26.67
CA LYS B 412 -10.48 0.96 -26.29
C LYS B 412 -10.67 -0.03 -27.44
N PHE B 413 -10.55 -1.32 -27.14
CA PHE B 413 -10.74 -2.37 -28.14
C PHE B 413 -11.80 -3.34 -27.64
N GLY B 414 -12.55 -3.91 -28.59
CA GLY B 414 -13.59 -4.86 -28.24
C GLY B 414 -14.08 -5.70 -29.41
N ILE B 415 -14.22 -7.00 -29.17
CA ILE B 415 -14.76 -7.92 -30.17
C ILE B 415 -15.93 -8.68 -29.53
N HIS B 416 -17.01 -8.83 -30.28
CA HIS B 416 -18.24 -9.45 -29.78
C HIS B 416 -18.73 -10.43 -30.84
N GLY B 417 -18.88 -11.69 -30.46
CA GLY B 417 -19.41 -12.69 -31.36
C GLY B 417 -18.52 -13.01 -32.54
N CYS B 418 -17.21 -12.88 -32.39
CA CYS B 418 -16.26 -13.25 -33.44
C CYS B 418 -15.68 -14.62 -33.09
N ASP B 419 -15.93 -15.60 -33.97
CA ASP B 419 -15.64 -17.00 -33.68
C ASP B 419 -14.37 -17.50 -34.36
N LEU B 420 -13.53 -16.60 -34.88
CA LEU B 420 -12.25 -16.99 -35.45
C LEU B 420 -11.06 -16.32 -34.78
N VAL B 421 -11.29 -15.57 -33.70
CA VAL B 421 -10.22 -14.94 -32.94
C VAL B 421 -9.78 -15.90 -31.84
N THR B 422 -8.47 -16.00 -31.64
CA THR B 422 -7.88 -16.85 -30.62
C THR B 422 -7.27 -16.00 -29.51
N SER B 423 -6.73 -16.69 -28.51
CA SER B 423 -5.96 -16.02 -27.48
C SER B 423 -4.65 -15.47 -28.04
N ALA B 424 -4.12 -16.10 -29.10
CA ALA B 424 -2.89 -15.62 -29.71
C ALA B 424 -3.09 -14.28 -30.41
N GLY B 425 -4.29 -14.02 -30.91
CA GLY B 425 -4.59 -12.75 -31.52
C GLY B 425 -4.82 -11.67 -30.49
N ILE B 426 -5.48 -12.03 -29.40
CA ILE B 426 -5.69 -11.08 -28.30
C ILE B 426 -4.37 -10.77 -27.61
N ARG B 427 -3.56 -11.80 -27.35
CA ARG B 427 -2.29 -11.59 -26.66
C ARG B 427 -1.33 -10.77 -27.50
N ARG B 428 -1.29 -11.02 -28.81
CA ARG B 428 -0.43 -10.22 -29.68
C ARG B 428 -0.89 -8.77 -29.73
N LEU B 429 -2.20 -8.55 -29.81
CA LEU B 429 -2.71 -7.18 -29.82
C LEU B 429 -2.44 -6.46 -28.51
N ALA B 430 -2.52 -7.18 -27.40
CA ALA B 430 -2.24 -6.56 -26.10
C ALA B 430 -0.77 -6.19 -25.96
N PHE B 431 0.14 -6.97 -26.57
CA PHE B 431 1.56 -6.67 -26.47
C PHE B 431 1.95 -5.53 -27.41
N THR B 432 1.47 -5.56 -28.66
CA THR B 432 1.84 -4.53 -29.62
C THR B 432 1.15 -3.20 -29.32
N LEU B 433 0.08 -3.21 -28.53
CA LEU B 433 -0.63 -1.99 -28.14
C LEU B 433 -0.51 -1.72 -26.64
N ARG B 434 0.65 -2.05 -26.06
CA ARG B 434 0.87 -1.80 -24.64
C ARG B 434 0.69 -0.35 -24.23
N PRO B 435 1.23 0.65 -24.95
CA PRO B 435 1.16 2.03 -24.43
C PRO B 435 -0.25 2.59 -24.35
N THR B 436 -1.16 2.24 -25.26
CA THR B 436 -2.42 2.93 -25.38
C THR B 436 -3.64 2.11 -24.98
N LEU B 437 -3.60 0.79 -25.13
CA LEU B 437 -4.77 -0.03 -24.85
C LEU B 437 -5.04 -0.07 -23.35
N LYS B 438 -6.24 0.35 -22.94
CA LYS B 438 -6.60 0.42 -21.53
C LYS B 438 -7.90 -0.30 -21.22
N GLU B 439 -8.81 -0.41 -22.19
CA GLU B 439 -10.11 -1.03 -21.98
C GLU B 439 -10.33 -2.09 -23.05
N VAL B 440 -10.78 -3.27 -22.62
CA VAL B 440 -10.90 -4.43 -23.50
C VAL B 440 -12.26 -5.08 -23.26
N THR B 441 -12.95 -5.43 -24.35
CA THR B 441 -14.22 -6.16 -24.29
C THR B 441 -14.11 -7.40 -25.15
N VAL B 442 -14.30 -8.57 -24.53
CA VAL B 442 -14.28 -9.86 -25.23
C VAL B 442 -15.53 -10.60 -24.79
N LEU B 443 -16.56 -10.57 -25.63
CA LEU B 443 -17.87 -11.13 -25.28
C LEU B 443 -18.25 -12.21 -26.27
N HIS B 444 -18.52 -13.41 -25.76
CA HIS B 444 -19.15 -14.50 -26.52
C HIS B 444 -18.32 -14.90 -27.74
N CYS B 445 -17.01 -14.69 -27.70
CA CYS B 445 -16.15 -15.25 -28.72
C CYS B 445 -15.97 -16.74 -28.50
N ARG B 446 -15.91 -17.50 -29.59
CA ARG B 446 -15.96 -18.95 -29.51
C ARG B 446 -14.68 -19.53 -28.90
N LEU B 447 -13.54 -19.23 -29.51
CA LEU B 447 -12.26 -19.80 -29.09
C LEU B 447 -11.63 -19.07 -27.91
N LEU B 448 -12.39 -18.25 -27.19
CA LEU B 448 -11.87 -17.45 -26.08
C LEU B 448 -12.69 -17.74 -24.83
N HIS B 449 -12.15 -18.58 -23.96
CA HIS B 449 -12.72 -18.84 -22.65
C HIS B 449 -12.05 -17.97 -21.59
N THR B 450 -12.67 -17.90 -20.42
CA THR B 450 -12.28 -16.91 -19.41
C THR B 450 -10.83 -17.10 -18.98
N ALA B 451 -10.49 -18.30 -18.50
CA ALA B 451 -9.14 -18.55 -18.01
C ALA B 451 -8.11 -18.35 -19.12
N GLU B 452 -8.45 -18.74 -20.35
CA GLU B 452 -7.52 -18.58 -21.45
C GLU B 452 -7.44 -17.14 -21.94
N CYS B 453 -8.53 -16.38 -21.83
CA CYS B 453 -8.52 -15.00 -22.28
C CYS B 453 -7.84 -14.08 -21.27
N LEU B 454 -8.01 -14.36 -19.97
CA LEU B 454 -7.34 -13.57 -18.94
C LEU B 454 -5.83 -13.69 -19.05
N THR B 455 -5.34 -14.88 -19.40
CA THR B 455 -3.91 -15.08 -19.58
C THR B 455 -3.41 -14.33 -20.81
N ALA B 456 -4.25 -14.19 -21.84
CA ALA B 456 -3.83 -13.50 -23.05
C ALA B 456 -3.59 -12.01 -22.81
N LEU B 457 -4.34 -11.40 -21.88
CA LEU B 457 -4.21 -10.00 -21.56
C LEU B 457 -3.07 -9.71 -20.59
N SER B 458 -2.12 -10.63 -20.45
CA SER B 458 -1.00 -10.43 -19.53
C SER B 458 -0.11 -9.25 -19.90
N PRO B 459 0.20 -8.97 -21.17
CA PRO B 459 1.04 -7.79 -21.48
C PRO B 459 0.47 -6.48 -20.97
N ILE B 460 -0.83 -6.39 -20.72
CA ILE B 460 -1.45 -5.21 -20.16
C ILE B 460 -2.11 -5.50 -18.81
N ARG B 461 -1.67 -6.55 -18.13
CA ARG B 461 -2.24 -6.89 -16.83
C ARG B 461 -2.05 -5.77 -15.83
N ASP B 462 -0.97 -5.01 -15.95
CA ASP B 462 -0.68 -3.88 -15.06
C ASP B 462 -1.15 -2.56 -15.62
N ARG B 463 -1.88 -2.55 -16.73
CA ARG B 463 -2.27 -1.29 -17.37
C ARG B 463 -3.76 -1.22 -17.67
N ILE B 464 -4.41 -2.38 -17.85
CA ILE B 464 -5.81 -2.39 -18.24
C ILE B 464 -6.66 -1.84 -17.11
N GLU B 465 -7.62 -0.97 -17.46
CA GLU B 465 -8.46 -0.31 -16.47
C GLU B 465 -9.90 -0.82 -16.47
N SER B 466 -10.42 -1.23 -17.62
CA SER B 466 -11.77 -1.76 -17.72
C SER B 466 -11.74 -3.08 -18.48
N LEU B 467 -12.56 -4.03 -18.04
CA LEU B 467 -12.61 -5.36 -18.66
C LEU B 467 -14.04 -5.85 -18.69
N GLU B 468 -14.48 -6.32 -19.85
CA GLU B 468 -15.80 -6.93 -20.01
C GLU B 468 -15.63 -8.27 -20.71
N ILE B 469 -15.97 -9.35 -20.02
CA ILE B 469 -15.81 -10.70 -20.54
C ILE B 469 -17.03 -11.53 -20.18
N ASN B 470 -17.31 -12.53 -21.02
CA ASN B 470 -18.27 -13.56 -20.68
C ASN B 470 -17.54 -14.69 -19.96
N CYS B 471 -18.22 -15.29 -18.98
CA CYS B 471 -17.59 -16.28 -18.11
C CYS B 471 -17.83 -17.68 -18.65
N VAL B 472 -16.75 -18.33 -19.07
CA VAL B 472 -16.77 -19.73 -19.49
C VAL B 472 -15.69 -20.46 -18.70
N TRP B 473 -16.07 -21.52 -18.00
CA TRP B 473 -15.15 -22.25 -17.14
C TRP B 473 -14.69 -23.53 -17.81
N ASN B 474 -13.43 -23.85 -17.57
CA ASN B 474 -12.81 -25.12 -18.04
C ASN B 474 -12.68 -25.92 -16.76
N THR B 475 -13.33 -27.08 -16.62
CA THR B 475 -13.35 -27.82 -15.32
C THR B 475 -12.07 -28.61 -15.00
N THR B 476 -10.90 -27.98 -15.06
CA THR B 476 -9.63 -28.68 -14.75
C THR B 476 -8.67 -27.77 -13.98
N GLU B 477 -8.52 -26.52 -14.38
CA GLU B 477 -7.47 -25.67 -13.76
C GLU B 477 -8.00 -24.75 -12.66
N ASN B 478 -9.26 -24.86 -12.24
CA ASN B 478 -9.69 -23.91 -11.17
C ASN B 478 -9.73 -24.81 -9.94
N LEU B 479 -10.57 -24.45 -8.98
CA LEU B 479 -10.64 -25.16 -7.71
C LEU B 479 -11.30 -26.51 -7.91
N TYR B 480 -12.63 -26.51 -8.07
CA TYR B 480 -13.41 -27.69 -8.44
C TYR B 480 -13.01 -28.98 -7.72
N LEU B 484 1.01 -15.66 -12.18
CA LEU B 484 -0.04 -14.71 -11.84
C LEU B 484 0.54 -13.37 -11.38
N GLY B 485 -0.16 -12.29 -11.72
CA GLY B 485 0.24 -10.96 -11.28
C GLY B 485 -0.88 -10.26 -10.54
N SER B 486 -0.86 -8.94 -10.54
CA SER B 486 -1.90 -8.14 -9.89
C SER B 486 -2.40 -7.10 -10.88
N TRP B 487 -3.72 -7.11 -11.12
CA TRP B 487 -4.35 -6.13 -11.98
C TRP B 487 -4.32 -4.77 -11.29
N GLU B 488 -3.20 -4.04 -11.46
CA GLU B 488 -2.90 -2.89 -10.62
C GLU B 488 -3.70 -1.65 -10.99
N MET B 489 -4.26 -1.58 -12.20
CA MET B 489 -5.04 -0.43 -12.62
C MET B 489 -6.47 -0.76 -13.00
N LEU B 490 -6.87 -2.03 -12.89
CA LEU B 490 -8.24 -2.42 -13.21
C LEU B 490 -9.20 -1.84 -12.17
N ARG B 491 -10.01 -0.86 -12.59
CA ARG B 491 -10.98 -0.23 -11.71
C ARG B 491 -12.41 -0.65 -11.98
N SER B 492 -12.75 -1.00 -13.23
CA SER B 492 -14.09 -1.39 -13.60
C SER B 492 -14.06 -2.79 -14.22
N LEU B 493 -14.99 -3.63 -13.82
CA LEU B 493 -15.07 -5.00 -14.30
C LEU B 493 -16.51 -5.33 -14.63
N SER B 494 -16.75 -5.89 -15.82
CA SER B 494 -18.08 -6.26 -16.27
C SER B 494 -18.08 -7.74 -16.62
N LEU B 495 -19.05 -8.48 -16.10
CA LEU B 495 -19.14 -9.92 -16.31
C LEU B 495 -20.51 -10.30 -16.84
N TRP B 496 -20.53 -11.24 -17.77
CA TRP B 496 -21.76 -11.81 -18.31
C TRP B 496 -21.77 -13.31 -18.03
N PHE B 497 -22.89 -13.80 -17.49
CA PHE B 497 -23.03 -15.19 -17.12
C PHE B 497 -24.23 -15.81 -17.86
N SER B 498 -24.60 -17.02 -17.43
CA SER B 498 -25.83 -17.68 -17.83
C SER B 498 -26.55 -18.17 -16.59
N ALA B 499 -27.83 -18.45 -16.73
CA ALA B 499 -28.64 -18.89 -15.61
C ALA B 499 -28.12 -20.22 -15.07
N GLY B 500 -27.72 -20.24 -13.81
CA GLY B 500 -27.19 -21.42 -13.17
C GLY B 500 -25.69 -21.52 -13.16
N GLN B 501 -24.99 -20.65 -13.88
CA GLN B 501 -23.53 -20.67 -13.91
C GLN B 501 -22.98 -20.00 -12.66
N LEU B 502 -21.76 -20.36 -12.29
CA LEU B 502 -21.14 -19.91 -11.06
C LEU B 502 -20.10 -18.83 -11.33
N LEU B 503 -19.99 -17.89 -10.37
CA LEU B 503 -18.97 -16.85 -10.41
C LEU B 503 -17.69 -17.25 -9.68
N SER B 504 -17.78 -18.21 -8.77
CA SER B 504 -16.62 -18.62 -7.97
C SER B 504 -15.37 -18.94 -8.77
N PRO B 505 -15.42 -19.65 -9.92
CA PRO B 505 -14.16 -19.97 -10.62
C PRO B 505 -13.47 -18.76 -11.24
N LEU B 506 -14.01 -17.56 -11.02
CA LEU B 506 -13.36 -16.36 -11.54
C LEU B 506 -12.05 -16.08 -10.82
N ILE B 507 -12.01 -16.30 -9.50
CA ILE B 507 -10.77 -16.10 -8.76
C ILE B 507 -9.70 -17.09 -9.21
N SER B 508 -10.11 -18.33 -9.48
CA SER B 508 -9.21 -19.37 -9.95
C SER B 508 -8.90 -19.26 -11.43
N ALA B 509 -9.43 -18.25 -12.12
CA ALA B 509 -9.20 -18.08 -13.55
C ALA B 509 -8.14 -17.05 -13.88
N GLY B 510 -7.80 -16.17 -12.93
CA GLY B 510 -6.79 -15.16 -13.18
C GLY B 510 -7.04 -13.86 -12.44
N LEU B 511 -8.28 -13.64 -12.01
CA LEU B 511 -8.66 -12.43 -11.27
C LEU B 511 -8.61 -12.68 -9.77
N ASP B 512 -7.43 -13.06 -9.29
CA ASP B 512 -7.25 -13.37 -7.87
C ASP B 512 -6.79 -12.18 -7.06
N SER B 513 -6.30 -11.12 -7.71
CA SER B 513 -5.82 -9.94 -6.97
C SER B 513 -6.05 -8.72 -7.85
N CYS B 514 -7.06 -7.92 -7.51
CA CYS B 514 -7.36 -6.67 -8.20
C CYS B 514 -7.49 -5.60 -7.12
N PRO B 515 -6.40 -4.90 -6.80
CA PRO B 515 -6.44 -3.97 -5.66
C PRO B 515 -7.33 -2.76 -5.85
N VAL B 516 -7.30 -2.14 -7.04
CA VAL B 516 -7.95 -0.84 -7.22
C VAL B 516 -9.32 -1.04 -7.85
N LEU B 517 -9.78 -2.28 -7.91
CA LEU B 517 -11.09 -2.59 -8.49
C LEU B 517 -12.18 -2.05 -7.58
N GLU B 518 -12.92 -1.05 -8.06
CA GLU B 518 -13.94 -0.38 -7.26
C GLU B 518 -15.37 -0.72 -7.67
N GLU B 519 -15.62 -0.99 -8.95
CA GLU B 519 -16.97 -1.26 -9.41
C GLU B 519 -16.99 -2.53 -10.24
N ILE B 520 -18.08 -3.30 -10.09
CA ILE B 520 -18.28 -4.54 -10.84
C ILE B 520 -19.71 -4.57 -11.35
N SER B 521 -19.89 -5.04 -12.58
CA SER B 521 -21.21 -5.16 -13.19
C SER B 521 -21.42 -6.60 -13.63
N ILE B 522 -22.54 -7.19 -13.22
CA ILE B 522 -22.84 -8.60 -13.46
C ILE B 522 -24.18 -8.69 -14.18
N LYS B 523 -24.22 -9.50 -15.24
CA LYS B 523 -25.43 -9.70 -16.04
C LYS B 523 -25.61 -11.19 -16.30
N VAL B 524 -26.85 -11.66 -16.19
CA VAL B 524 -27.18 -13.07 -16.38
C VAL B 524 -28.23 -13.17 -17.47
N GLU B 525 -27.97 -14.02 -18.47
CA GLU B 525 -28.88 -14.29 -19.57
C GLU B 525 -29.37 -15.73 -19.50
N GLY B 526 -30.07 -16.16 -20.55
CA GLY B 526 -30.52 -17.53 -20.67
C GLY B 526 -31.83 -17.79 -19.96
N ASP B 527 -32.51 -18.83 -20.43
CA ASP B 527 -33.77 -19.25 -19.83
C ASP B 527 -33.52 -19.88 -18.46
N CYS B 528 -34.59 -19.95 -17.66
CA CYS B 528 -34.52 -20.51 -16.32
C CYS B 528 -35.11 -21.90 -16.22
N ARG B 529 -36.19 -22.17 -16.95
CA ARG B 529 -36.88 -23.44 -16.92
C ARG B 529 -36.23 -24.50 -17.82
N THR B 530 -35.00 -24.27 -18.26
CA THR B 530 -34.22 -25.24 -19.00
C THR B 530 -32.90 -25.61 -18.36
N CYS B 531 -32.35 -24.75 -17.52
CA CYS B 531 -31.14 -25.08 -16.78
C CYS B 531 -31.51 -25.88 -15.53
N PRO B 532 -30.79 -26.97 -15.24
CA PRO B 532 -31.14 -27.77 -14.06
C PRO B 532 -30.97 -26.96 -12.78
N ARG B 533 -32.02 -26.96 -11.95
CA ARG B 533 -32.03 -26.25 -10.69
C ARG B 533 -30.81 -26.68 -9.87
N PRO B 534 -29.85 -25.77 -9.66
CA PRO B 534 -28.61 -26.16 -8.98
C PRO B 534 -28.89 -26.76 -7.61
N ALA B 535 -28.08 -27.75 -7.24
CA ALA B 535 -28.26 -28.50 -6.00
C ALA B 535 -28.35 -27.54 -4.83
N PRO B 536 -29.46 -27.54 -4.08
CA PRO B 536 -29.59 -26.62 -2.95
C PRO B 536 -28.40 -26.75 -1.99
N ARG B 537 -28.03 -25.60 -1.41
CA ARG B 537 -26.87 -25.31 -0.57
C ARG B 537 -25.67 -24.94 -1.45
N THR B 538 -25.88 -24.71 -2.74
CA THR B 538 -24.91 -24.05 -3.61
C THR B 538 -25.37 -22.63 -3.90
N ILE B 539 -24.40 -21.76 -4.23
CA ILE B 539 -24.67 -20.35 -4.46
C ILE B 539 -23.87 -19.87 -5.66
N PHE B 540 -24.30 -18.71 -6.20
CA PHE B 540 -23.65 -18.14 -7.37
C PHE B 540 -22.19 -17.79 -7.05
N GLY B 541 -21.95 -17.18 -5.90
CA GLY B 541 -20.58 -16.88 -5.49
C GLY B 541 -20.30 -15.41 -5.28
N LEU B 542 -21.31 -14.65 -4.84
CA LEU B 542 -21.09 -13.24 -4.54
C LEU B 542 -20.12 -13.07 -3.37
N SER B 543 -20.10 -14.01 -2.44
CA SER B 543 -19.21 -13.91 -1.29
C SER B 543 -17.75 -14.08 -1.65
N ASP B 544 -17.46 -14.64 -2.83
CA ASP B 544 -16.08 -14.82 -3.26
C ASP B 544 -15.45 -13.55 -3.80
N LEU B 545 -16.19 -12.44 -3.81
CA LEU B 545 -15.64 -11.14 -4.18
C LEU B 545 -15.13 -10.36 -2.97
N ALA B 546 -15.16 -10.96 -1.78
CA ALA B 546 -14.73 -10.26 -0.58
C ALA B 546 -13.23 -9.99 -0.58
N GLY B 547 -12.46 -10.80 -1.30
CA GLY B 547 -11.03 -10.58 -1.39
C GLY B 547 -10.64 -9.30 -2.12
N PHE B 548 -11.59 -8.64 -2.78
CA PHE B 548 -11.31 -7.40 -3.48
C PHE B 548 -11.43 -6.24 -2.50
N PRO B 549 -10.36 -5.49 -2.23
CA PRO B 549 -10.36 -4.56 -1.10
C PRO B 549 -11.30 -3.38 -1.25
N VAL B 550 -11.28 -2.70 -2.40
CA VAL B 550 -11.98 -1.42 -2.55
C VAL B 550 -13.21 -1.57 -3.46
N LEU B 551 -13.72 -2.79 -3.64
CA LEU B 551 -14.92 -3.00 -4.46
C LEU B 551 -16.12 -2.32 -3.81
N ALA B 552 -16.57 -1.20 -4.38
CA ALA B 552 -17.60 -0.36 -3.77
C ALA B 552 -18.96 -0.53 -4.44
N LYS B 553 -19.04 -0.26 -5.74
CA LYS B 553 -20.31 -0.26 -6.46
C LYS B 553 -20.50 -1.56 -7.22
N MET B 554 -21.71 -2.09 -7.17
CA MET B 554 -22.05 -3.33 -7.86
C MET B 554 -23.35 -3.15 -8.66
N LYS B 555 -23.37 -3.70 -9.86
CA LYS B 555 -24.55 -3.73 -10.71
C LYS B 555 -24.90 -5.19 -10.99
N LEU B 556 -25.84 -5.74 -10.22
CA LEU B 556 -26.28 -7.12 -10.39
C LEU B 556 -27.58 -7.11 -11.18
N ASP B 557 -27.51 -7.53 -12.44
CA ASP B 557 -28.65 -7.52 -13.35
C ASP B 557 -29.06 -8.97 -13.62
N LEU B 558 -30.17 -9.39 -13.02
CA LEU B 558 -30.75 -10.70 -13.26
C LEU B 558 -32.10 -10.60 -13.97
N SER B 559 -32.36 -9.49 -14.68
CA SER B 559 -33.67 -9.27 -15.26
C SER B 559 -33.99 -10.30 -16.34
N GLU B 560 -33.01 -10.64 -17.18
CA GLU B 560 -33.19 -11.58 -18.27
C GLU B 560 -32.76 -12.99 -17.88
N ALA B 561 -33.07 -13.42 -16.66
CA ALA B 561 -32.67 -14.72 -16.15
C ALA B 561 -33.82 -15.72 -16.14
N VAL B 562 -34.94 -15.40 -16.79
CA VAL B 562 -36.08 -16.31 -16.84
C VAL B 562 -37.03 -15.90 -17.96
N ASP B 574 -40.11 -20.76 -5.97
CA ASP B 574 -39.10 -21.16 -6.93
C ASP B 574 -38.28 -19.96 -7.39
N LEU B 575 -38.96 -18.83 -7.60
CA LEU B 575 -38.24 -17.60 -7.92
C LEU B 575 -37.45 -17.10 -6.72
N SER B 576 -37.92 -17.37 -5.51
CA SER B 576 -37.13 -17.08 -4.32
C SER B 576 -35.90 -17.97 -4.24
N LEU B 577 -36.02 -19.22 -4.70
CA LEU B 577 -34.86 -20.11 -4.75
C LEU B 577 -33.79 -19.59 -5.69
N TRP B 578 -34.19 -18.93 -6.77
CA TRP B 578 -33.22 -18.39 -7.72
C TRP B 578 -32.63 -17.06 -7.27
N GLU B 579 -33.34 -16.31 -6.42
CA GLU B 579 -32.76 -15.09 -5.88
C GLU B 579 -31.81 -15.38 -4.73
N ARG B 580 -32.12 -16.39 -3.90
CA ARG B 580 -31.15 -16.85 -2.91
C ARG B 580 -29.87 -17.33 -3.57
N PHE B 581 -30.00 -18.01 -4.71
CA PHE B 581 -28.84 -18.53 -5.41
C PHE B 581 -27.89 -17.41 -5.83
N TYR B 582 -28.44 -16.27 -6.24
CA TYR B 582 -27.64 -15.17 -6.78
C TYR B 582 -27.32 -14.09 -5.76
N LEU B 583 -28.04 -14.03 -4.63
CA LEU B 583 -27.84 -13.00 -3.64
C LEU B 583 -27.16 -13.48 -2.37
N HIS B 584 -27.05 -14.79 -2.15
CA HIS B 584 -26.44 -15.30 -0.94
C HIS B 584 -24.95 -14.97 -0.91
N GLY B 585 -24.52 -14.33 0.18
CA GLY B 585 -23.13 -13.96 0.35
C GLY B 585 -22.82 -12.51 0.04
N ILE B 586 -23.79 -11.72 -0.42
CA ILE B 586 -23.52 -10.32 -0.72
C ILE B 586 -23.22 -9.55 0.56
N GLU B 587 -23.72 -10.02 1.70
CA GLU B 587 -23.41 -9.39 2.97
C GLU B 587 -21.94 -9.55 3.37
N SER B 588 -21.23 -10.47 2.73
CA SER B 588 -19.80 -10.64 3.00
C SER B 588 -18.96 -9.54 2.38
N LEU B 589 -19.50 -8.82 1.39
CA LEU B 589 -18.79 -7.70 0.79
C LEU B 589 -18.77 -6.55 1.79
N GLN B 590 -17.61 -6.33 2.42
CA GLN B 590 -17.53 -5.36 3.51
C GLN B 590 -17.60 -3.93 3.01
N THR B 591 -17.09 -3.66 1.81
CA THR B 591 -17.02 -2.31 1.27
C THR B 591 -18.10 -2.03 0.22
N LEU B 592 -19.18 -2.81 0.21
CA LEU B 592 -20.26 -2.59 -0.75
C LEU B 592 -20.96 -1.28 -0.40
N TYR B 593 -20.71 -0.25 -1.20
CA TYR B 593 -21.18 1.11 -0.93
C TYR B 593 -22.47 1.42 -1.68
N GLU B 594 -22.52 1.16 -2.98
CA GLU B 594 -23.67 1.45 -3.82
C GLU B 594 -24.05 0.19 -4.58
N LEU B 595 -25.35 -0.11 -4.62
CA LEU B 595 -25.83 -1.35 -5.22
C LEU B 595 -27.06 -1.08 -6.09
N ASP B 596 -27.01 -1.55 -7.33
CA ASP B 596 -28.16 -1.55 -8.24
C ASP B 596 -28.53 -3.00 -8.51
N TYR B 597 -29.75 -3.38 -8.17
CA TYR B 597 -30.21 -4.75 -8.32
C TYR B 597 -31.39 -4.79 -9.28
N TRP B 598 -31.37 -5.74 -10.21
CA TRP B 598 -32.46 -5.95 -11.15
C TRP B 598 -33.08 -7.31 -10.90
N PRO B 599 -34.28 -7.38 -10.31
CA PRO B 599 -34.92 -8.67 -10.06
C PRO B 599 -35.34 -9.33 -11.36
N PRO B 600 -35.45 -10.66 -11.38
CA PRO B 600 -35.86 -11.34 -12.61
C PRO B 600 -37.27 -10.96 -13.02
N GLN B 601 -37.50 -10.95 -14.33
CA GLN B 601 -38.83 -10.71 -14.87
C GLN B 601 -39.74 -11.90 -14.52
N ASP B 602 -41.02 -11.76 -14.84
CA ASP B 602 -41.99 -12.80 -14.56
C ASP B 602 -42.59 -13.33 -15.85
N LYS B 603 -42.98 -14.60 -15.81
CA LYS B 603 -43.54 -15.25 -17.00
C LYS B 603 -44.87 -14.64 -17.42
N ASP B 604 -45.69 -14.21 -16.45
CA ASP B 604 -47.02 -13.73 -16.78
C ASP B 604 -47.43 -12.52 -15.94
N VAL B 605 -46.47 -11.83 -15.30
CA VAL B 605 -46.76 -10.68 -14.47
C VAL B 605 -45.93 -9.50 -14.95
N HIS B 606 -46.49 -8.30 -14.82
CA HIS B 606 -45.81 -7.07 -15.18
C HIS B 606 -45.03 -6.46 -14.03
N HIS B 607 -45.06 -7.08 -12.86
CA HIS B 607 -44.32 -6.61 -11.69
C HIS B 607 -43.07 -7.46 -11.50
N ARG B 608 -41.98 -6.81 -11.10
CA ARG B 608 -40.72 -7.47 -10.80
C ARG B 608 -40.50 -7.35 -9.29
N SER B 609 -41.23 -8.17 -8.54
CA SER B 609 -41.23 -8.09 -7.08
C SER B 609 -40.05 -8.86 -6.50
N LEU B 610 -39.49 -8.33 -5.42
CA LEU B 610 -38.44 -9.01 -4.69
C LEU B 610 -39.05 -10.01 -3.72
N THR B 611 -38.66 -11.28 -3.84
CA THR B 611 -39.11 -12.29 -2.90
C THR B 611 -38.56 -12.00 -1.51
N LEU B 612 -39.20 -12.62 -0.51
CA LEU B 612 -38.82 -12.33 0.88
C LEU B 612 -37.36 -12.63 1.19
N PRO B 613 -36.76 -13.75 0.78
CA PRO B 613 -35.33 -13.94 1.06
C PRO B 613 -34.42 -12.99 0.30
N ALA B 614 -34.87 -12.44 -0.83
CA ALA B 614 -34.08 -11.44 -1.51
C ALA B 614 -33.98 -10.16 -0.70
N VAL B 615 -35.09 -9.76 -0.06
CA VAL B 615 -35.07 -8.58 0.79
C VAL B 615 -34.16 -8.80 2.00
N GLY B 616 -34.18 -10.01 2.56
CA GLY B 616 -33.37 -10.28 3.74
C GLY B 616 -31.88 -10.25 3.46
N LEU B 617 -31.46 -10.80 2.32
CA LEU B 617 -30.05 -10.82 1.99
C LEU B 617 -29.52 -9.43 1.66
N ILE B 618 -30.38 -8.53 1.16
CA ILE B 618 -29.94 -7.17 0.90
C ILE B 618 -29.99 -6.33 2.18
N GLN B 619 -30.94 -6.62 3.07
CA GLN B 619 -31.03 -5.90 4.34
C GLN B 619 -29.81 -6.15 5.22
N ARG B 620 -29.06 -7.22 4.97
CA ARG B 620 -27.86 -7.52 5.74
C ARG B 620 -26.61 -6.82 5.20
N CYS B 621 -26.75 -6.02 4.14
CA CYS B 621 -25.64 -5.24 3.62
C CYS B 621 -25.55 -3.96 4.43
N VAL B 622 -24.80 -4.03 5.54
CA VAL B 622 -24.74 -2.91 6.48
C VAL B 622 -23.93 -1.74 5.94
N GLY B 623 -23.03 -1.99 4.99
CA GLY B 623 -22.18 -0.95 4.45
C GLY B 623 -22.78 -0.17 3.29
N LEU B 624 -24.04 -0.39 2.96
CA LEU B 624 -24.64 0.29 1.82
C LEU B 624 -24.94 1.75 2.14
N ARG B 625 -24.63 2.62 1.18
CA ARG B 625 -25.03 4.02 1.21
C ARG B 625 -26.16 4.33 0.26
N LYS B 626 -26.13 3.75 -0.94
CA LYS B 626 -27.20 3.88 -1.92
C LYS B 626 -27.70 2.50 -2.31
N LEU B 627 -29.02 2.36 -2.43
CA LEU B 627 -29.64 1.10 -2.79
C LEU B 627 -30.75 1.37 -3.81
N PHE B 628 -30.58 0.84 -5.02
CA PHE B 628 -31.54 1.05 -6.10
C PHE B 628 -31.99 -0.29 -6.62
N ILE B 629 -33.25 -0.64 -6.39
CA ILE B 629 -33.84 -1.89 -6.85
C ILE B 629 -34.67 -1.59 -8.09
N HIS B 630 -34.26 -2.14 -9.24
CA HIS B 630 -34.96 -1.91 -10.50
C HIS B 630 -36.18 -2.83 -10.61
N GLY B 631 -37.12 -2.62 -9.69
CA GLY B 631 -38.34 -3.38 -9.63
C GLY B 631 -39.24 -2.87 -8.52
N THR B 632 -39.84 -3.79 -7.76
CA THR B 632 -40.68 -3.42 -6.64
C THR B 632 -40.50 -4.45 -5.53
N THR B 633 -41.07 -4.15 -4.37
CA THR B 633 -41.01 -5.05 -3.22
C THR B 633 -42.23 -4.84 -2.36
N HIS B 634 -42.66 -5.92 -1.71
CA HIS B 634 -43.78 -5.84 -0.78
C HIS B 634 -43.37 -5.30 0.58
N GLU B 635 -42.08 -5.31 0.89
CA GLU B 635 -41.60 -4.78 2.16
C GLU B 635 -41.58 -3.26 2.13
N HIS B 636 -41.81 -2.68 3.30
CA HIS B 636 -41.78 -1.22 3.43
C HIS B 636 -40.38 -0.70 3.18
N PHE B 637 -40.29 0.47 2.53
CA PHE B 637 -38.99 1.03 2.17
C PHE B 637 -38.18 1.47 3.38
N MET B 638 -38.78 1.53 4.56
CA MET B 638 -38.06 1.91 5.77
C MET B 638 -37.31 0.74 6.40
N THR B 639 -37.75 -0.49 6.16
CA THR B 639 -37.05 -1.65 6.70
C THR B 639 -35.61 -1.71 6.22
N PHE B 640 -35.36 -1.26 4.98
CA PHE B 640 -33.99 -1.17 4.50
C PHE B 640 -33.21 -0.08 5.24
N PHE B 641 -33.89 1.00 5.63
CA PHE B 641 -33.22 2.08 6.34
C PHE B 641 -32.91 1.71 7.78
N LEU B 642 -33.69 0.80 8.37
CA LEU B 642 -33.42 0.37 9.74
C LEU B 642 -32.37 -0.73 9.78
N SER B 643 -32.40 -1.64 8.79
CA SER B 643 -31.40 -2.70 8.72
C SER B 643 -30.04 -2.18 8.28
N ILE B 644 -30.00 -1.08 7.54
CA ILE B 644 -28.75 -0.48 7.09
C ILE B 644 -28.61 0.89 7.75
N PRO B 645 -27.64 1.07 8.66
CA PRO B 645 -27.57 2.34 9.42
C PRO B 645 -27.27 3.55 8.54
N ASN B 646 -26.18 3.50 7.78
CA ASN B 646 -25.74 4.62 6.97
C ASN B 646 -26.41 4.64 5.59
N LEU B 647 -27.57 4.02 5.45
CA LEU B 647 -28.29 4.08 4.18
C LEU B 647 -28.92 5.45 3.99
N ARG B 648 -28.95 5.91 2.74
CA ARG B 648 -29.44 7.24 2.45
C ARG B 648 -30.37 7.25 1.24
N ASP B 649 -29.82 7.01 0.06
CA ASP B 649 -30.59 7.06 -1.18
C ASP B 649 -31.18 5.68 -1.46
N MET B 650 -32.51 5.62 -1.57
CA MET B 650 -33.20 4.38 -1.91
C MET B 650 -34.41 4.72 -2.76
N GLN B 651 -34.62 3.93 -3.82
CA GLN B 651 -35.70 4.20 -4.76
C GLN B 651 -35.99 2.94 -5.56
N LEU B 652 -37.27 2.71 -5.86
CA LEU B 652 -37.70 1.58 -6.67
C LEU B 652 -37.92 2.09 -8.09
N ARG B 653 -36.83 2.18 -8.84
CA ARG B 653 -36.83 2.74 -10.19
C ARG B 653 -37.19 1.62 -11.16
N GLU B 654 -38.44 1.62 -11.62
CA GLU B 654 -38.96 0.57 -12.51
C GLU B 654 -38.79 1.01 -13.96
N ASP B 655 -37.54 1.06 -14.38
CA ASP B 655 -37.18 1.62 -15.69
C ASP B 655 -37.20 0.58 -16.80
N TYR B 656 -38.28 -0.20 -16.88
CA TYR B 656 -38.55 -1.05 -18.03
C TYR B 656 -39.81 -0.56 -18.72
N TYR B 657 -39.93 -0.89 -20.02
CA TYR B 657 -40.95 -0.26 -20.85
C TYR B 657 -42.38 -0.46 -20.33
N PRO B 658 -42.79 -1.64 -19.86
CA PRO B 658 -44.14 -1.71 -19.28
C PRO B 658 -44.17 -1.43 -17.78
N ALA B 659 -44.07 -0.15 -17.43
CA ALA B 659 -44.11 0.22 -16.03
C ALA B 659 -45.48 -0.12 -15.44
N PRO B 660 -45.53 -0.59 -14.19
CA PRO B 660 -46.80 -1.10 -13.65
C PRO B 660 -47.89 -0.05 -13.49
N GLU B 661 -47.55 1.24 -13.49
CA GLU B 661 -48.52 2.30 -13.22
C GLU B 661 -49.25 2.17 -11.89
N ASN B 662 -48.57 2.52 -10.80
CA ASN B 662 -49.00 2.18 -9.45
C ASN B 662 -50.18 3.00 -8.96
N ASP B 663 -50.65 3.97 -9.74
CA ASP B 663 -51.82 4.76 -9.37
C ASP B 663 -52.43 5.45 -10.59
N ILE C 6 35.46 9.87 -20.21
CA ILE C 6 35.61 10.62 -21.46
C ILE C 6 34.93 9.89 -22.61
N VAL C 7 35.70 9.62 -23.66
CA VAL C 7 35.19 8.92 -24.84
C VAL C 7 35.42 7.43 -24.65
N LEU C 8 34.34 6.65 -24.73
CA LEU C 8 34.40 5.21 -24.54
C LEU C 8 33.56 4.54 -25.61
N LYS C 9 34.20 3.77 -26.48
CA LYS C 9 33.51 3.10 -27.57
C LYS C 9 32.87 1.82 -27.07
N SER C 10 31.60 1.61 -27.44
CA SER C 10 30.84 0.44 -27.01
C SER C 10 31.04 -0.70 -28.00
N SER C 11 30.07 -1.62 -28.08
CA SER C 11 30.19 -2.78 -28.94
C SER C 11 29.50 -2.57 -30.29
N ASP C 12 28.21 -2.22 -30.24
CA ASP C 12 27.41 -2.12 -31.47
C ASP C 12 28.03 -1.15 -32.46
N GLY C 13 28.35 0.06 -32.01
CA GLY C 13 28.97 1.05 -32.87
C GLY C 13 30.13 1.78 -32.20
N GLU C 20 35.53 12.47 -17.78
CA GLU C 20 36.71 11.63 -17.62
C GLU C 20 36.70 10.92 -16.26
N ALA C 21 36.30 11.65 -15.22
CA ALA C 21 36.16 11.06 -13.89
C ALA C 21 35.11 9.96 -13.85
N VAL C 22 34.26 9.85 -14.88
CA VAL C 22 33.27 8.79 -14.95
C VAL C 22 33.93 7.48 -15.38
N ALA C 23 34.93 7.55 -16.26
CA ALA C 23 35.51 6.33 -16.82
C ALA C 23 36.44 5.63 -15.84
N LEU C 24 37.14 6.39 -14.99
CA LEU C 24 38.11 5.80 -14.08
C LEU C 24 37.47 4.93 -13.00
N GLU C 25 36.15 4.94 -12.88
CA GLU C 25 35.50 4.06 -11.91
C GLU C 25 35.66 2.59 -12.28
N SER C 26 35.77 2.29 -13.56
CA SER C 26 36.04 0.93 -14.03
C SER C 26 37.53 0.68 -13.97
N GLN C 27 37.98 -0.15 -13.03
CA GLN C 27 39.40 -0.41 -12.86
C GLN C 27 40.00 -1.25 -13.98
N THR C 28 39.17 -1.78 -14.89
CA THR C 28 39.69 -2.39 -16.10
C THR C 28 40.07 -1.36 -17.15
N ILE C 29 39.47 -0.17 -17.09
CA ILE C 29 39.88 0.91 -17.99
C ILE C 29 41.29 1.37 -17.65
N ALA C 30 41.66 1.33 -16.37
CA ALA C 30 43.01 1.68 -15.94
C ALA C 30 44.00 0.59 -16.32
N VAL C 42 38.34 3.61 -25.79
CA VAL C 42 38.88 2.27 -25.65
C VAL C 42 37.85 1.25 -26.17
N PRO C 43 38.34 0.12 -26.69
CA PRO C 43 37.43 -0.89 -27.23
C PRO C 43 36.78 -1.71 -26.12
N LEU C 44 35.44 -1.81 -26.18
CA LEU C 44 34.65 -2.59 -25.22
C LEU C 44 33.78 -3.55 -26.02
N PRO C 45 34.35 -4.68 -26.47
CA PRO C 45 33.60 -5.60 -27.33
C PRO C 45 32.64 -6.53 -26.59
N ASN C 46 32.53 -6.42 -25.27
CA ASN C 46 31.70 -7.32 -24.49
C ASN C 46 30.43 -6.68 -23.94
N VAL C 47 30.39 -5.36 -23.81
CA VAL C 47 29.23 -4.66 -23.27
C VAL C 47 28.55 -3.91 -24.41
N THR C 48 27.24 -4.07 -24.52
CA THR C 48 26.47 -3.45 -25.59
C THR C 48 26.28 -1.96 -25.31
N SER C 49 25.69 -1.27 -26.30
CA SER C 49 25.42 0.16 -26.16
C SER C 49 24.27 0.44 -25.21
N LYS C 50 23.41 -0.54 -24.95
CA LYS C 50 22.31 -0.34 -24.01
C LYS C 50 22.77 -0.51 -22.56
N ILE C 51 23.58 -1.54 -22.30
CA ILE C 51 24.05 -1.77 -20.94
C ILE C 51 25.08 -0.72 -20.54
N LEU C 52 25.94 -0.33 -21.48
CA LEU C 52 26.91 0.73 -21.19
C LEU C 52 26.21 2.06 -20.93
N ALA C 53 25.04 2.28 -21.54
CA ALA C 53 24.27 3.48 -21.26
C ALA C 53 23.86 3.54 -19.79
N LYS C 54 23.57 2.38 -19.19
CA LYS C 54 23.28 2.33 -17.77
C LYS C 54 24.56 2.36 -16.93
N VAL C 55 25.64 1.75 -17.42
CA VAL C 55 26.90 1.76 -16.71
C VAL C 55 27.42 3.19 -16.58
N ILE C 56 27.38 3.95 -17.68
CA ILE C 56 27.80 5.34 -17.64
C ILE C 56 26.85 6.17 -16.80
N GLU C 57 25.54 5.88 -16.89
CA GLU C 57 24.56 6.60 -16.08
C GLU C 57 24.76 6.34 -14.60
N TYR C 58 25.35 5.20 -14.24
CA TYR C 58 25.57 4.89 -12.83
C TYR C 58 26.77 5.64 -12.28
N CYS C 59 27.90 5.60 -12.99
CA CYS C 59 29.11 6.24 -12.49
C CYS C 59 28.96 7.76 -12.48
N LYS C 60 28.27 8.32 -13.48
CA LYS C 60 28.02 9.76 -13.48
C LYS C 60 27.26 10.20 -12.24
N ARG C 61 26.36 9.35 -11.74
CA ARG C 61 25.55 9.70 -10.58
C ARG C 61 26.33 9.52 -9.28
N HIS C 62 27.29 8.60 -9.24
CA HIS C 62 27.99 8.30 -8.00
C HIS C 62 29.29 9.09 -7.83
N VAL C 63 29.86 9.62 -8.91
CA VAL C 63 31.02 10.49 -8.78
C VAL C 63 30.53 11.82 -8.21
N GLU C 64 30.33 11.87 -6.90
CA GLU C 64 29.87 13.07 -6.20
C GLU C 64 30.61 13.18 -4.88
N ALA C 65 31.20 14.33 -4.63
CA ALA C 65 31.93 14.56 -3.38
C ALA C 65 31.20 15.54 -2.48
N ASP C 80 24.19 9.49 2.13
CA ASP C 80 22.90 10.06 2.49
C ASP C 80 21.76 9.14 2.05
N ASP C 81 20.60 9.73 1.77
CA ASP C 81 19.45 8.97 1.30
C ASP C 81 19.05 9.30 -0.14
N ASP C 82 19.54 10.40 -0.69
CA ASP C 82 19.23 10.72 -2.08
C ASP C 82 20.16 10.00 -3.05
N LEU C 83 21.38 9.67 -2.62
CA LEU C 83 22.28 8.89 -3.47
C LEU C 83 21.94 7.40 -3.43
N LYS C 84 21.33 6.93 -2.36
CA LYS C 84 20.94 5.54 -2.24
C LYS C 84 19.55 5.26 -2.78
N ALA C 85 18.65 6.25 -2.73
CA ALA C 85 17.33 6.06 -3.34
C ALA C 85 17.40 6.02 -4.85
N TRP C 86 18.38 6.70 -5.45
CA TRP C 86 18.56 6.61 -6.89
C TRP C 86 19.02 5.22 -7.30
N ASP C 87 19.79 4.54 -6.45
CA ASP C 87 20.18 3.16 -6.74
C ASP C 87 18.97 2.25 -6.87
N ALA C 88 17.91 2.53 -6.11
CA ALA C 88 16.68 1.74 -6.24
C ALA C 88 15.97 2.06 -7.55
N ASP C 89 15.87 3.34 -7.91
CA ASP C 89 15.23 3.70 -9.16
C ASP C 89 16.05 3.29 -10.38
N PHE C 90 17.38 3.30 -10.24
CA PHE C 90 18.25 2.84 -11.33
C PHE C 90 18.16 1.32 -11.49
N MET C 91 17.83 0.61 -10.42
CA MET C 91 17.72 -0.84 -10.46
C MET C 91 16.31 -1.32 -10.79
N LYS C 92 15.41 -0.40 -11.16
CA LYS C 92 14.06 -0.78 -11.56
C LYS C 92 14.03 -1.18 -13.02
N ILE C 93 14.88 -2.11 -13.42
CA ILE C 93 14.97 -2.56 -14.81
C ILE C 93 14.44 -3.98 -14.91
N ASP C 94 14.36 -4.49 -16.13
CA ASP C 94 13.91 -5.86 -16.33
C ASP C 94 15.04 -6.84 -16.00
N GLN C 95 14.65 -8.11 -15.83
CA GLN C 95 15.62 -9.12 -15.42
C GLN C 95 16.66 -9.39 -16.49
N ALA C 96 16.29 -9.31 -17.76
CA ALA C 96 17.25 -9.50 -18.84
C ALA C 96 18.32 -8.41 -18.83
N THR C 97 17.90 -7.15 -18.72
CA THR C 97 18.84 -6.05 -18.61
C THR C 97 19.65 -6.13 -17.32
N LEU C 98 19.04 -6.68 -16.26
CA LEU C 98 19.73 -6.78 -14.98
C LEU C 98 20.92 -7.73 -15.07
N PHE C 99 20.71 -8.92 -15.62
CA PHE C 99 21.79 -9.90 -15.69
C PHE C 99 22.86 -9.52 -16.72
N GLU C 100 22.50 -8.72 -17.73
CA GLU C 100 23.53 -8.16 -18.61
C GLU C 100 24.30 -7.04 -17.89
N LEU C 101 23.67 -6.37 -16.94
CA LEU C 101 24.38 -5.40 -16.12
C LEU C 101 25.34 -6.08 -15.14
N ILE C 102 24.95 -7.25 -14.63
CA ILE C 102 25.82 -7.99 -13.73
C ILE C 102 27.07 -8.46 -14.47
N LEU C 103 26.89 -9.02 -15.66
CA LEU C 103 28.04 -9.45 -16.46
C LEU C 103 28.90 -8.27 -16.88
N ALA C 104 28.29 -7.10 -17.05
CA ALA C 104 29.06 -5.91 -17.40
C ALA C 104 29.87 -5.41 -16.20
N ALA C 105 29.23 -5.30 -15.04
CA ALA C 105 29.89 -4.83 -13.83
C ALA C 105 30.91 -5.83 -13.29
N ASN C 106 31.06 -6.99 -13.93
CA ASN C 106 32.11 -7.95 -13.59
C ASN C 106 33.26 -7.93 -14.60
N TYR C 107 32.94 -7.90 -15.90
CA TYR C 107 33.98 -7.69 -16.90
C TYR C 107 34.64 -6.32 -16.73
N LEU C 108 33.83 -5.27 -16.69
CA LEU C 108 34.31 -3.99 -16.19
C LEU C 108 34.45 -4.07 -14.67
N ASN C 109 35.59 -3.64 -14.15
CA ASN C 109 35.88 -3.81 -12.73
C ASN C 109 35.27 -2.65 -11.93
N ILE C 110 33.95 -2.69 -11.80
CA ILE C 110 33.19 -1.73 -11.00
C ILE C 110 32.69 -2.50 -9.78
N LYS C 111 33.43 -2.40 -8.67
CA LYS C 111 33.07 -3.16 -7.48
C LYS C 111 31.74 -2.70 -6.89
N ASN C 112 31.49 -1.39 -6.90
CA ASN C 112 30.26 -0.88 -6.30
C ASN C 112 29.04 -1.22 -7.14
N LEU C 113 29.19 -1.28 -8.47
CA LEU C 113 28.05 -1.63 -9.32
C LEU C 113 27.78 -3.14 -9.29
N LEU C 114 28.85 -3.95 -9.24
CA LEU C 114 28.66 -5.39 -9.14
C LEU C 114 28.00 -5.77 -7.82
N ASP C 115 28.25 -5.00 -6.76
CA ASP C 115 27.62 -5.28 -5.47
C ASP C 115 26.15 -4.90 -5.49
N LEU C 116 25.82 -3.74 -6.07
CA LEU C 116 24.44 -3.26 -6.06
C LEU C 116 23.54 -4.16 -6.91
N THR C 117 24.04 -4.63 -8.05
CA THR C 117 23.22 -5.47 -8.91
C THR C 117 23.08 -6.88 -8.35
N CYS C 118 24.15 -7.39 -7.71
CA CYS C 118 24.06 -8.72 -7.12
C CYS C 118 23.22 -8.72 -5.85
N GLN C 119 23.22 -7.62 -5.10
CA GLN C 119 22.36 -7.52 -3.93
C GLN C 119 20.89 -7.54 -4.31
N THR C 120 20.55 -6.97 -5.47
CA THR C 120 19.16 -6.97 -5.92
C THR C 120 18.68 -8.38 -6.23
N VAL C 121 19.50 -9.19 -6.90
CA VAL C 121 19.12 -10.56 -7.19
C VAL C 121 19.02 -11.37 -5.91
N ALA C 122 19.80 -11.02 -4.89
CA ALA C 122 19.76 -11.75 -3.62
C ALA C 122 18.42 -11.54 -2.93
N ASP C 123 17.91 -10.31 -2.90
CA ASP C 123 16.63 -10.05 -2.27
C ASP C 123 15.46 -10.60 -3.06
N MET C 124 15.64 -10.82 -4.37
CA MET C 124 14.61 -11.52 -5.14
C MET C 124 14.43 -12.95 -4.63
N ILE C 125 15.53 -13.59 -4.24
CA ILE C 125 15.47 -14.95 -3.70
C ILE C 125 14.82 -14.97 -2.31
N LYS C 126 14.87 -13.86 -1.59
CA LYS C 126 14.41 -13.84 -0.21
C LYS C 126 12.91 -14.08 -0.11
N GLY C 127 12.51 -14.82 0.92
CA GLY C 127 11.12 -15.02 1.26
C GLY C 127 10.33 -15.90 0.31
N LYS C 128 10.93 -16.38 -0.77
CA LYS C 128 10.24 -17.20 -1.76
C LYS C 128 10.45 -18.68 -1.47
N THR C 129 9.42 -19.47 -1.71
CA THR C 129 9.53 -20.92 -1.63
C THR C 129 10.49 -21.42 -2.71
N PRO C 130 11.01 -22.64 -2.57
CA PRO C 130 11.87 -23.18 -3.64
C PRO C 130 11.24 -23.11 -5.02
N GLU C 131 9.94 -23.42 -5.12
CA GLU C 131 9.26 -23.32 -6.42
C GLU C 131 9.20 -21.88 -6.90
N GLU C 132 8.93 -20.94 -6.00
CA GLU C 132 8.88 -19.53 -6.39
C GLU C 132 10.23 -19.02 -6.83
N ILE C 133 11.32 -19.54 -6.26
CA ILE C 133 12.65 -19.19 -6.73
C ILE C 133 12.90 -19.77 -8.12
N ARG C 134 12.46 -21.01 -8.34
CA ARG C 134 12.60 -21.63 -9.65
C ARG C 134 11.79 -20.89 -10.70
N THR C 135 10.59 -20.42 -10.34
CA THR C 135 9.73 -19.74 -11.30
C THR C 135 10.32 -18.40 -11.72
N THR C 136 10.88 -17.65 -10.78
CA THR C 136 11.37 -16.31 -11.09
C THR C 136 12.54 -16.34 -12.06
N PHE C 137 13.47 -17.27 -11.87
CA PHE C 137 14.69 -17.32 -12.67
C PHE C 137 14.69 -18.45 -13.70
N ASN C 138 13.53 -19.06 -13.96
CA ASN C 138 13.41 -20.11 -14.98
C ASN C 138 14.35 -21.28 -14.68
N ILE C 139 14.27 -21.79 -13.45
CA ILE C 139 15.16 -22.84 -12.98
C ILE C 139 14.47 -24.18 -13.16
N LYS C 140 15.23 -25.16 -13.67
CA LYS C 140 14.73 -26.53 -13.79
C LYS C 140 15.16 -27.33 -12.57
N ASN C 141 14.19 -27.95 -11.91
CA ASN C 141 14.47 -28.77 -10.73
C ASN C 141 15.24 -30.01 -11.16
N ASP C 142 16.54 -30.05 -10.86
CA ASP C 142 17.40 -31.17 -11.23
C ASP C 142 17.70 -32.09 -10.04
N PHE C 143 16.91 -32.01 -8.98
CA PHE C 143 17.09 -32.88 -7.82
C PHE C 143 16.29 -34.16 -7.98
N THR C 144 16.89 -35.27 -7.58
CA THR C 144 16.15 -36.50 -7.39
C THR C 144 15.42 -36.44 -6.05
N PRO C 145 14.36 -37.25 -5.87
CA PRO C 145 13.64 -37.21 -4.58
C PRO C 145 14.52 -37.47 -3.37
N GLU C 146 15.60 -38.24 -3.52
CA GLU C 146 16.52 -38.46 -2.41
C GLU C 146 17.47 -37.29 -2.24
N GLU C 147 17.99 -36.75 -3.35
CA GLU C 147 18.90 -35.60 -3.26
C GLU C 147 18.20 -34.38 -2.66
N GLU C 148 16.91 -34.21 -2.92
CA GLU C 148 16.17 -33.11 -2.32
C GLU C 148 15.92 -33.37 -0.83
N GLU C 149 15.53 -34.59 -0.47
CA GLU C 149 15.31 -34.90 0.94
C GLU C 149 16.61 -34.86 1.74
N GLU C 150 17.75 -35.07 1.07
CA GLU C 150 19.02 -34.91 1.76
C GLU C 150 19.28 -33.45 2.10
N VAL C 151 18.95 -32.54 1.18
CA VAL C 151 19.12 -31.12 1.45
C VAL C 151 18.19 -30.67 2.57
N ARG C 152 16.97 -31.23 2.61
CA ARG C 152 16.04 -30.91 3.68
C ARG C 152 16.56 -31.40 5.02
N ARG C 153 17.07 -32.64 5.06
CA ARG C 153 17.64 -33.17 6.30
C ARG C 153 18.88 -32.40 6.71
N GLU C 154 19.62 -31.83 5.74
CA GLU C 154 20.78 -31.02 6.07
C GLU C 154 20.38 -29.67 6.67
N ASN C 155 19.28 -29.08 6.17
CA ASN C 155 18.86 -27.75 6.62
C ASN C 155 18.41 -27.75 8.07
N GLN C 156 18.00 -28.89 8.62
CA GLN C 156 17.52 -28.95 9.99
C GLN C 156 18.61 -28.72 11.03
N TRP C 157 19.87 -28.61 10.60
CA TRP C 157 21.00 -28.46 11.53
C TRP C 157 21.45 -27.01 11.67
N ALA C 158 20.52 -26.06 11.49
CA ALA C 158 20.86 -24.65 11.60
C ALA C 158 19.61 -23.87 11.98
N PHE C 159 19.73 -23.01 12.98
CA PHE C 159 18.61 -22.16 13.39
C PHE C 159 18.32 -21.10 12.33
N GLU C 160 17.05 -20.71 12.24
CA GLU C 160 16.66 -19.66 11.32
C GLU C 160 16.75 -18.28 11.98
N GLU D 5 7.69 -4.72 -34.67
CA GLU D 5 8.78 -5.73 -34.82
C GLU D 5 9.09 -6.36 -33.46
N GLU D 6 8.68 -5.68 -32.38
CA GLU D 6 8.92 -6.18 -31.00
C GLU D 6 7.89 -7.27 -30.67
N VAL D 7 8.27 -8.55 -30.85
CA VAL D 7 7.39 -9.67 -30.57
C VAL D 7 7.73 -10.23 -29.20
N GLU D 8 6.70 -10.67 -28.48
CA GLU D 8 6.89 -11.25 -27.16
C GLU D 8 7.66 -12.56 -27.26
N GLU D 9 8.53 -12.79 -26.27
CA GLU D 9 9.26 -14.04 -26.19
C GLU D 9 8.48 -15.06 -25.36
N GLY D 10 8.63 -16.33 -25.71
CA GLY D 10 7.88 -17.38 -25.06
C GLY D 10 8.70 -18.22 -24.11
N ARG D 11 8.41 -19.53 -24.07
CA ARG D 11 9.13 -20.44 -23.20
C ARG D 11 10.61 -20.50 -23.58
N SER D 12 11.46 -20.11 -22.65
CA SER D 12 12.91 -20.11 -22.86
C SER D 12 13.54 -21.30 -22.15
N SER D 13 14.46 -21.96 -22.83
CA SER D 13 15.14 -23.13 -22.30
C SER D 13 16.35 -22.79 -21.44
N SER D 14 16.72 -21.51 -21.35
CA SER D 14 17.90 -21.09 -20.61
C SER D 14 17.50 -20.24 -19.40
N SER D 15 18.29 -20.37 -18.34
CA SER D 15 18.12 -19.59 -17.12
C SER D 15 19.28 -18.60 -17.00
N ALA D 16 18.95 -17.32 -16.84
CA ALA D 16 19.99 -16.29 -16.83
C ALA D 16 20.91 -16.43 -15.63
N ILE D 17 20.36 -16.79 -14.47
CA ILE D 17 21.19 -16.85 -13.26
C ILE D 17 22.01 -18.13 -13.22
N LEU D 18 21.54 -19.22 -13.85
CA LEU D 18 22.34 -20.44 -13.90
C LEU D 18 23.41 -20.37 -14.97
N ASP D 19 23.20 -19.56 -16.01
CA ASP D 19 24.20 -19.36 -17.05
C ASP D 19 25.24 -18.31 -16.67
N LEU D 20 25.11 -17.69 -15.50
CA LEU D 20 26.17 -16.83 -15.01
C LEU D 20 27.39 -17.66 -14.64
N PRO D 21 28.59 -17.10 -14.76
CA PRO D 21 29.79 -17.80 -14.28
C PRO D 21 29.64 -18.14 -12.80
N GLU D 22 29.98 -19.38 -12.45
CA GLU D 22 29.73 -19.88 -11.10
C GLU D 22 30.28 -18.98 -9.99
N PRO D 23 31.45 -18.33 -10.12
CA PRO D 23 31.84 -17.34 -9.10
C PRO D 23 30.83 -16.23 -8.92
N LEU D 24 30.13 -15.82 -9.98
CA LEU D 24 29.14 -14.76 -9.85
C LEU D 24 27.89 -15.23 -9.12
N LEU D 25 27.53 -16.51 -9.28
CA LEU D 25 26.43 -17.05 -8.50
C LEU D 25 26.80 -17.14 -7.03
N LEU D 26 28.06 -17.45 -6.74
CA LEU D 26 28.54 -17.41 -5.36
C LEU D 26 28.45 -16.01 -4.78
N HIS D 27 28.78 -15.00 -5.61
CA HIS D 27 28.71 -13.62 -5.14
C HIS D 27 27.27 -13.20 -4.87
N ILE D 28 26.32 -13.74 -5.62
CA ILE D 28 24.92 -13.39 -5.41
C ILE D 28 24.39 -14.00 -4.12
N LEU D 29 24.65 -15.29 -3.92
CA LEU D 29 24.18 -15.98 -2.71
C LEU D 29 24.85 -15.44 -1.45
N SER D 30 25.98 -14.76 -1.56
CA SER D 30 26.69 -14.26 -0.39
C SER D 30 25.97 -13.08 0.25
N PHE D 31 25.08 -12.41 -0.48
CA PHE D 31 24.30 -11.32 0.09
C PHE D 31 23.02 -11.80 0.75
N LEU D 32 22.59 -13.03 0.49
CA LEU D 32 21.40 -13.59 1.11
C LEU D 32 21.74 -13.97 2.55
N THR D 33 21.25 -13.19 3.51
CA THR D 33 21.54 -13.44 4.91
C THR D 33 20.38 -14.06 5.69
N ASP D 34 19.20 -14.14 5.09
CA ASP D 34 18.06 -14.79 5.74
C ASP D 34 18.26 -16.30 5.65
N VAL D 35 18.26 -16.97 6.81
CA VAL D 35 18.61 -18.39 6.86
C VAL D 35 17.57 -19.23 6.12
N ARG D 36 16.29 -18.94 6.34
CA ARG D 36 15.24 -19.71 5.67
C ARG D 36 15.28 -19.51 4.16
N SER D 37 15.62 -18.30 3.71
CA SER D 37 15.77 -18.06 2.29
C SER D 37 17.02 -18.76 1.74
N ARG D 38 18.05 -18.91 2.56
CA ARG D 38 19.22 -19.69 2.14
C ARG D 38 18.87 -21.17 2.06
N HIS D 39 18.10 -21.67 3.02
CA HIS D 39 17.71 -23.08 2.99
C HIS D 39 16.83 -23.39 1.80
N ARG D 40 15.96 -22.44 1.42
CA ARG D 40 15.10 -22.65 0.27
C ARG D 40 15.84 -22.47 -1.04
N ALA D 41 16.84 -21.58 -1.07
CA ALA D 41 17.63 -21.41 -2.29
C ALA D 41 18.42 -22.67 -2.61
N ALA D 42 18.81 -23.44 -1.59
CA ALA D 42 19.50 -24.70 -1.84
C ALA D 42 18.56 -25.75 -2.40
N LEU D 43 17.28 -25.70 -2.03
CA LEU D 43 16.30 -26.64 -2.56
C LEU D 43 15.85 -26.32 -3.97
N ALA D 44 16.25 -25.16 -4.51
CA ALA D 44 15.84 -24.79 -5.86
C ALA D 44 16.47 -25.72 -6.90
N CYS D 45 17.80 -25.73 -6.98
CA CYS D 45 18.51 -26.58 -7.92
C CYS D 45 19.84 -26.99 -7.30
N GLY D 46 20.44 -28.02 -7.90
CA GLY D 46 21.73 -28.50 -7.42
C GLY D 46 22.86 -27.50 -7.54
N ARG D 47 22.74 -26.55 -8.47
CA ARG D 47 23.79 -25.56 -8.63
C ARG D 47 23.75 -24.52 -7.52
N MET D 48 22.56 -24.17 -7.06
CA MET D 48 22.43 -23.20 -5.97
C MET D 48 22.65 -23.86 -4.62
N ARG D 49 22.39 -25.17 -4.50
CA ARG D 49 22.75 -25.87 -3.27
C ARG D 49 24.25 -25.86 -3.06
N ALA D 50 25.02 -26.06 -4.12
CA ALA D 50 26.47 -25.91 -4.03
C ALA D 50 26.87 -24.46 -3.82
N ALA D 51 26.04 -23.52 -4.26
CA ALA D 51 26.34 -22.11 -4.08
C ALA D 51 26.07 -21.65 -2.65
N GLU D 52 24.94 -22.08 -2.08
CA GLU D 52 24.61 -21.68 -0.71
C GLU D 52 25.61 -22.25 0.29
N ARG D 53 25.99 -23.51 0.13
CA ARG D 53 26.93 -24.14 1.05
C ARG D 53 28.31 -23.49 0.98
N ALA D 54 28.73 -23.03 -0.19
CA ALA D 54 30.07 -22.50 -0.38
C ALA D 54 30.21 -21.05 0.05
N THR D 55 29.10 -20.34 0.32
CA THR D 55 29.18 -18.93 0.64
C THR D 55 28.50 -18.56 1.97
N ARG D 56 27.93 -19.52 2.68
CA ARG D 56 27.27 -19.22 3.95
C ARG D 56 28.29 -18.71 4.96
N SER D 57 28.12 -17.46 5.38
CA SER D 57 29.12 -16.83 6.24
C SER D 57 29.09 -17.37 7.66
N GLU D 58 27.90 -17.56 8.22
CA GLU D 58 27.76 -17.97 9.61
C GLU D 58 26.67 -19.03 9.73
N LEU D 59 26.68 -19.73 10.85
CA LEU D 59 25.70 -20.77 11.13
C LEU D 59 25.63 -20.99 12.63
N SER D 60 24.41 -21.23 13.12
CA SER D 60 24.17 -21.59 14.51
C SER D 60 23.62 -23.01 14.52
N LEU D 61 24.44 -23.96 14.97
CA LEU D 61 24.08 -25.37 14.89
C LEU D 61 22.82 -25.64 15.69
N ARG D 62 21.86 -26.31 15.06
CA ARG D 62 20.56 -26.64 15.66
C ARG D 62 20.43 -28.14 15.76
N GLY D 63 20.32 -28.65 16.99
CA GLY D 63 20.19 -30.07 17.20
C GLY D 63 21.16 -30.63 18.22
N ASP D 64 21.78 -31.76 17.92
CA ASP D 64 22.71 -32.39 18.84
C ASP D 64 23.83 -33.05 18.05
N PRO D 65 25.04 -32.50 18.06
CA PRO D 65 26.15 -33.13 17.33
C PRO D 65 26.53 -34.49 17.89
N ARG D 66 26.13 -34.81 19.12
CA ARG D 66 26.37 -36.15 19.66
C ARG D 66 25.48 -37.20 19.01
N SER D 67 24.36 -36.78 18.43
CA SER D 67 23.41 -37.73 17.87
C SER D 67 23.96 -38.36 16.59
N PRO D 68 23.57 -39.60 16.28
CA PRO D 68 24.00 -40.21 15.01
C PRO D 68 23.49 -39.50 13.78
N GLY D 69 22.39 -38.74 13.89
CA GLY D 69 21.86 -38.01 12.75
C GLY D 69 22.80 -36.96 12.20
N PHE D 70 23.77 -36.51 13.00
CA PHE D 70 24.77 -35.54 12.56
C PHE D 70 26.10 -36.17 12.19
N LEU D 71 26.56 -37.15 12.97
CA LEU D 71 27.85 -37.77 12.71
C LEU D 71 27.87 -38.55 11.41
N PHE D 72 26.70 -38.95 10.89
CA PHE D 72 26.61 -39.74 9.66
C PHE D 72 25.90 -38.96 8.57
N LEU D 73 26.15 -37.65 8.50
CA LEU D 73 25.72 -36.86 7.36
C LEU D 73 26.74 -36.99 6.23
N SER D 74 26.35 -36.52 5.05
CA SER D 74 27.22 -36.59 3.89
C SER D 74 28.34 -35.57 4.00
N HIS D 75 29.25 -35.61 3.03
CA HIS D 75 30.28 -34.59 2.88
C HIS D 75 29.84 -33.43 2.00
N ALA D 76 28.68 -33.56 1.33
CA ALA D 76 28.06 -32.40 0.72
C ALA D 76 27.59 -31.41 1.77
N PHE D 77 27.41 -31.86 3.02
CA PHE D 77 27.20 -30.99 4.17
C PHE D 77 28.55 -30.40 4.56
N ARG D 78 28.93 -29.34 3.86
CA ARG D 78 30.26 -28.75 4.00
C ARG D 78 30.19 -27.28 3.66
N PHE D 79 30.56 -26.42 4.61
CA PHE D 79 30.58 -24.97 4.43
C PHE D 79 32.03 -24.51 4.39
N PRO D 80 32.67 -24.48 3.20
CA PRO D 80 34.10 -24.18 3.16
C PRO D 80 34.46 -22.76 3.54
N ALA D 81 33.52 -21.81 3.45
CA ALA D 81 33.81 -20.41 3.73
C ALA D 81 33.15 -19.93 5.01
N LEU D 82 32.74 -20.85 5.88
CA LEU D 82 32.08 -20.47 7.12
C LEU D 82 33.08 -19.87 8.09
N GLU D 83 32.76 -18.70 8.65
CA GLU D 83 33.65 -17.99 9.55
C GLU D 83 33.18 -18.06 11.01
N HIS D 84 31.94 -17.70 11.28
CA HIS D 84 31.39 -17.73 12.63
C HIS D 84 30.57 -19.00 12.81
N LEU D 85 30.92 -19.80 13.82
CA LEU D 85 30.21 -21.02 14.15
C LEU D 85 29.71 -20.92 15.59
N ASP D 86 28.40 -21.10 15.77
CA ASP D 86 27.75 -20.96 17.08
C ASP D 86 27.30 -22.34 17.54
N LEU D 87 28.06 -22.93 18.45
CA LEU D 87 27.72 -24.21 19.07
C LEU D 87 27.14 -24.04 20.47
N SER D 88 26.79 -22.81 20.82
CA SER D 88 26.23 -22.41 22.14
C SER D 88 24.82 -22.91 22.30
N LEU D 89 24.08 -22.91 21.19
CA LEU D 89 22.66 -23.37 21.19
C LEU D 89 22.58 -24.80 20.63
N VAL D 90 23.18 -25.75 21.28
CA VAL D 90 23.04 -27.14 20.78
C VAL D 90 22.25 -27.82 21.87
N SER D 91 21.25 -28.60 21.46
CA SER D 91 20.40 -29.33 22.41
C SER D 91 21.23 -30.45 22.99
N PRO D 92 21.13 -30.85 24.28
CA PRO D 92 20.26 -30.23 25.26
C PRO D 92 20.85 -28.90 25.71
N TRP D 93 20.03 -27.92 25.94
CA TRP D 93 20.59 -26.58 26.22
C TRP D 93 21.31 -26.57 27.56
N GLY D 94 22.58 -26.14 27.57
CA GLY D 94 23.35 -26.01 28.80
C GLY D 94 24.13 -27.24 29.20
N HIS D 95 24.08 -28.32 28.43
CA HIS D 95 24.78 -29.55 28.85
C HIS D 95 26.26 -29.46 28.46
N PRO D 96 27.22 -30.08 29.17
CA PRO D 96 28.58 -29.97 28.74
C PRO D 96 28.71 -30.60 27.36
N LEU D 97 29.15 -29.82 26.38
CA LEU D 97 29.41 -30.32 25.04
C LEU D 97 30.87 -30.73 24.92
N LEU D 98 31.10 -31.98 24.50
CA LEU D 98 32.45 -32.53 24.33
C LEU D 98 33.24 -32.44 25.63
N SER D 99 32.58 -32.72 26.75
CA SER D 99 33.22 -32.64 28.06
C SER D 99 34.03 -33.90 28.34
N SER D 100 34.84 -33.82 29.40
CA SER D 100 35.64 -34.95 29.84
C SER D 100 35.23 -35.49 31.21
N VAL D 101 34.31 -34.83 31.90
CA VAL D 101 33.90 -35.25 33.23
C VAL D 101 32.86 -36.35 33.10
N PRO D 102 32.99 -37.46 33.83
CA PRO D 102 31.98 -38.52 33.76
C PRO D 102 30.71 -38.11 34.48
N PRO D 103 29.53 -38.35 33.89
CA PRO D 103 28.24 -38.02 34.50
C PRO D 103 27.97 -38.84 35.76
N PRO D 125 34.95 -43.84 30.54
CA PRO D 125 36.32 -43.46 30.87
C PRO D 125 37.17 -43.19 29.64
N GLU D 126 37.41 -44.23 28.83
CA GLU D 126 38.17 -44.10 27.60
C GLU D 126 37.31 -43.94 26.37
N ALA D 127 36.09 -44.48 26.40
CA ALA D 127 35.19 -44.34 25.25
C ALA D 127 34.73 -42.90 25.07
N ILE D 128 34.66 -42.12 26.15
CA ILE D 128 34.25 -40.73 26.04
C ILE D 128 35.35 -39.89 25.39
N SER D 129 36.61 -40.32 25.54
CA SER D 129 37.70 -39.56 24.95
C SER D 129 37.75 -39.72 23.44
N GLU D 130 37.41 -40.91 22.94
CA GLU D 130 37.39 -41.14 21.49
C GLU D 130 36.09 -40.67 20.85
N GLN D 131 35.00 -40.62 21.61
CA GLN D 131 33.75 -40.11 21.06
C GLN D 131 33.80 -38.59 20.91
N ASN D 132 34.42 -37.91 21.86
CA ASN D 132 34.54 -36.46 21.77
C ASN D 132 35.42 -36.06 20.58
N ALA D 133 36.51 -36.80 20.36
CA ALA D 133 37.37 -36.51 19.21
C ALA D 133 36.66 -36.80 17.89
N PHE D 134 35.76 -37.78 17.88
CA PHE D 134 35.02 -38.08 16.66
C PHE D 134 34.00 -36.99 16.34
N ILE D 135 33.34 -36.45 17.36
CA ILE D 135 32.39 -35.36 17.16
C ILE D 135 33.13 -34.08 16.78
N ALA D 136 34.29 -33.84 17.40
CA ALA D 136 35.10 -32.68 17.03
C ALA D 136 35.67 -32.81 15.62
N ALA D 137 35.97 -34.04 15.19
CA ALA D 137 36.47 -34.24 13.84
C ALA D 137 35.37 -34.01 12.80
N ARG D 138 34.15 -34.44 13.11
CA ARG D 138 33.04 -34.23 12.17
C ARG D 138 32.66 -32.75 12.10
N LEU D 139 32.67 -32.05 13.23
CA LEU D 139 32.41 -30.62 13.22
C LEU D 139 33.50 -29.88 12.45
N ALA D 140 34.75 -30.34 12.56
CA ALA D 140 35.83 -29.74 11.80
C ALA D 140 35.68 -30.02 10.31
N GLY D 141 35.05 -31.13 9.95
CA GLY D 141 34.83 -31.42 8.54
C GLY D 141 33.80 -30.51 7.93
N CYS D 142 32.69 -30.29 8.63
CA CYS D 142 31.64 -29.42 8.09
C CYS D 142 32.08 -27.96 8.06
N PHE D 143 32.78 -27.51 9.12
CA PHE D 143 33.23 -26.13 9.24
C PHE D 143 34.75 -26.13 9.39
N PRO D 144 35.50 -26.15 8.29
CA PRO D 144 36.96 -26.21 8.36
C PRO D 144 37.66 -24.86 8.34
N ALA D 145 36.95 -23.75 8.51
CA ALA D 145 37.55 -22.42 8.45
C ALA D 145 36.98 -21.51 9.53
N VAL D 146 36.69 -22.09 10.71
CA VAL D 146 36.11 -21.31 11.79
C VAL D 146 37.15 -20.35 12.35
N THR D 147 36.85 -19.05 12.27
CA THR D 147 37.66 -18.03 12.92
C THR D 147 36.94 -17.34 14.08
N SER D 148 35.63 -17.54 14.21
CA SER D 148 34.85 -17.02 15.33
C SER D 148 34.01 -18.15 15.89
N LEU D 149 34.17 -18.44 17.18
CA LEU D 149 33.54 -19.59 17.81
C LEU D 149 32.70 -19.14 18.99
N ALA D 150 31.52 -19.76 19.13
CA ALA D 150 30.64 -19.54 20.27
C ALA D 150 30.17 -20.90 20.76
N VAL D 151 30.32 -21.15 22.06
CA VAL D 151 30.03 -22.46 22.63
C VAL D 151 29.62 -22.28 24.08
N TYR D 152 28.77 -23.19 24.55
CA TYR D 152 28.42 -23.25 25.97
C TYR D 152 29.51 -24.03 26.70
N CYS D 153 30.30 -23.33 27.50
CA CYS D 153 31.46 -23.91 28.17
C CYS D 153 31.13 -24.10 29.64
N ARG D 154 30.71 -25.32 30.00
CA ARG D 154 30.41 -25.62 31.40
C ARG D 154 31.68 -25.76 32.22
N ASP D 155 32.74 -26.31 31.62
CA ASP D 155 34.02 -26.51 32.27
C ASP D 155 35.09 -26.54 31.19
N PRO D 156 36.35 -26.20 31.52
CA PRO D 156 37.34 -25.94 30.46
C PRO D 156 37.68 -27.14 29.59
N THR D 157 37.22 -28.35 29.91
CA THR D 157 37.47 -29.48 29.04
C THR D 157 36.73 -29.37 27.71
N THR D 158 35.65 -28.59 27.67
CA THR D 158 34.97 -28.34 26.39
C THR D 158 35.90 -27.63 25.41
N LEU D 159 36.65 -26.63 25.89
CA LEU D 159 37.56 -25.91 25.02
C LEU D 159 38.75 -26.77 24.60
N ALA D 160 39.26 -27.59 25.52
CA ALA D 160 40.42 -28.43 25.23
C ALA D 160 40.13 -29.46 24.15
N ASN D 161 38.86 -29.86 23.97
CA ASN D 161 38.50 -30.82 22.95
C ASN D 161 38.01 -30.17 21.65
N LEU D 162 37.60 -28.91 21.71
CA LEU D 162 37.02 -28.22 20.56
C LEU D 162 38.06 -27.41 19.79
N THR D 163 39.01 -26.81 20.49
CA THR D 163 40.04 -25.95 19.89
C THR D 163 41.06 -26.67 19.01
N PRO D 164 41.42 -27.94 19.25
CA PRO D 164 42.47 -28.57 18.42
C PRO D 164 42.32 -28.40 16.92
N HIS D 165 41.08 -28.33 16.39
CA HIS D 165 40.90 -28.28 14.95
C HIS D 165 40.88 -26.87 14.38
N TRP D 166 40.57 -25.86 15.19
CA TRP D 166 40.56 -24.48 14.71
C TRP D 166 41.58 -23.60 15.43
N GLN D 167 42.52 -24.21 16.16
CA GLN D 167 43.44 -23.42 16.98
C GLN D 167 44.33 -22.51 16.15
N ALA D 168 44.62 -22.89 14.90
CA ALA D 168 45.53 -22.13 14.07
C ALA D 168 44.87 -20.91 13.44
N SER D 169 43.54 -20.78 13.51
CA SER D 169 42.87 -19.65 12.89
C SER D 169 41.73 -19.09 13.73
N LEU D 170 41.54 -19.58 14.96
CA LEU D 170 40.46 -19.11 15.82
C LEU D 170 40.81 -17.72 16.33
N ARG D 171 40.20 -16.69 15.73
CA ARG D 171 40.50 -15.31 16.07
C ARG D 171 39.57 -14.74 17.13
N ARG D 172 38.32 -15.20 17.17
CA ARG D 172 37.33 -14.69 18.11
C ARG D 172 36.66 -15.88 18.80
N VAL D 173 36.51 -15.78 20.12
CA VAL D 173 35.89 -16.83 20.93
C VAL D 173 34.89 -16.20 21.88
N LYS D 174 33.68 -16.74 21.92
CA LYS D 174 32.64 -16.30 22.83
C LYS D 174 32.23 -17.50 23.69
N LEU D 175 32.41 -17.36 25.00
CA LEU D 175 32.03 -18.41 25.95
C LEU D 175 30.70 -18.05 26.60
N VAL D 176 29.84 -19.06 26.77
CA VAL D 176 28.53 -18.89 27.37
C VAL D 176 28.39 -19.90 28.50
N ARG D 177 28.07 -19.41 29.70
CA ARG D 177 27.78 -20.29 30.83
C ARG D 177 26.87 -19.55 31.79
N TRP D 178 25.59 -19.93 31.82
CA TRP D 178 24.66 -19.48 32.83
C TRP D 178 24.51 -20.47 33.97
N HIS D 179 25.48 -21.37 34.13
CA HIS D 179 25.45 -22.38 35.18
C HIS D 179 26.47 -22.04 36.26
N GLN D 180 26.39 -22.78 37.37
CA GLN D 180 27.32 -22.55 38.48
C GLN D 180 28.73 -22.94 38.09
N ARG D 181 29.69 -22.13 38.50
CA ARG D 181 31.09 -22.42 38.24
C ARG D 181 31.51 -23.68 39.01
N PRO D 182 32.21 -24.62 38.38
CA PRO D 182 32.68 -25.81 39.10
C PRO D 182 33.54 -25.41 40.28
N PRO D 183 33.21 -25.92 41.47
CA PRO D 183 33.86 -25.41 42.69
C PRO D 183 35.34 -25.78 42.81
N THR D 184 35.75 -26.92 42.26
CA THR D 184 37.12 -27.38 42.40
C THR D 184 38.06 -26.84 41.34
N LEU D 185 37.59 -25.97 40.45
CA LEU D 185 38.45 -25.41 39.43
C LEU D 185 39.40 -24.40 40.03
N PRO D 186 40.69 -24.43 39.68
CA PRO D 186 41.62 -23.39 40.15
C PRO D 186 41.29 -22.05 39.50
N ASP D 187 41.90 -21.01 40.04
CA ASP D 187 41.68 -19.66 39.53
C ASP D 187 42.21 -19.55 38.09
N GLY D 188 41.36 -19.05 37.20
CA GLY D 188 41.74 -18.86 35.82
C GLY D 188 41.72 -20.12 34.98
N ALA D 189 41.24 -21.24 35.51
CA ALA D 189 41.24 -22.49 34.77
C ALA D 189 40.25 -22.49 33.61
N ASP D 190 39.21 -21.66 33.67
CA ASP D 190 38.20 -21.64 32.62
C ASP D 190 38.73 -21.06 31.31
N LEU D 191 39.83 -20.31 31.35
CA LEU D 191 40.38 -19.67 30.15
C LEU D 191 41.74 -20.22 29.76
N GLU D 192 42.32 -21.13 30.54
CA GLU D 192 43.64 -21.65 30.21
C GLU D 192 43.69 -22.39 28.87
N PRO D 193 42.73 -23.24 28.49
CA PRO D 193 42.81 -23.88 27.17
C PRO D 193 42.86 -22.90 26.02
N LEU D 194 42.22 -21.74 26.15
CA LEU D 194 42.26 -20.75 25.06
C LEU D 194 43.60 -20.03 25.00
N LEU D 195 44.21 -19.77 26.16
CA LEU D 195 45.45 -19.00 26.21
C LEU D 195 46.69 -19.83 25.95
N GLU D 196 46.59 -21.16 25.98
CA GLU D 196 47.71 -22.04 25.70
C GLU D 196 47.68 -22.63 24.30
N THR D 197 46.49 -22.75 23.70
CA THR D 197 46.31 -23.47 22.44
C THR D 197 46.07 -22.54 21.25
N CYS D 198 45.18 -21.57 21.39
CA CYS D 198 44.79 -20.70 20.27
C CYS D 198 45.74 -19.51 20.22
N ALA D 199 46.77 -19.62 19.37
CA ALA D 199 47.71 -18.53 19.18
C ALA D 199 47.15 -17.43 18.29
N ALA D 200 46.00 -17.64 17.65
CA ALA D 200 45.38 -16.66 16.78
C ALA D 200 44.28 -15.86 17.46
N LEU D 201 44.08 -16.07 18.76
CA LEU D 201 42.99 -15.40 19.46
C LEU D 201 43.26 -13.92 19.60
N ARG D 202 42.30 -13.10 19.21
CA ARG D 202 42.38 -11.65 19.35
C ARG D 202 41.21 -11.05 20.11
N GLU D 203 40.04 -11.70 20.13
CA GLU D 203 38.84 -11.15 20.75
C GLU D 203 38.26 -12.19 21.69
N LEU D 204 38.13 -11.82 22.96
CA LEU D 204 37.55 -12.69 23.99
C LEU D 204 36.25 -12.05 24.49
N ASP D 205 35.16 -12.80 24.40
CA ASP D 205 33.83 -12.31 24.77
C ASP D 205 33.29 -13.20 25.89
N LEU D 206 33.41 -12.73 27.12
CA LEU D 206 32.89 -13.43 28.29
C LEU D 206 31.69 -12.70 28.90
N SER D 207 30.87 -12.07 28.05
CA SER D 207 29.75 -11.28 28.55
C SER D 207 28.65 -12.16 29.13
N GLU D 208 28.43 -13.34 28.56
CA GLU D 208 27.41 -14.27 29.05
C GLU D 208 28.03 -15.50 29.71
N PHE D 209 29.27 -15.38 30.19
CA PHE D 209 30.01 -16.50 30.78
C PHE D 209 30.30 -16.15 32.24
N TYR D 210 29.57 -16.78 33.15
CA TYR D 210 29.80 -16.53 34.58
C TYR D 210 31.11 -17.14 35.03
N CYS D 211 31.88 -16.37 35.80
CA CYS D 211 33.10 -16.82 36.45
C CYS D 211 33.50 -15.77 37.46
N TRP D 212 34.20 -16.21 38.50
CA TRP D 212 34.72 -15.28 39.49
C TRP D 212 35.65 -14.27 38.82
N THR D 213 35.64 -13.04 39.34
CA THR D 213 36.58 -12.04 38.84
C THR D 213 38.03 -12.46 39.06
N GLU D 214 38.27 -13.34 40.05
CA GLU D 214 39.60 -13.89 40.23
C GLU D 214 40.01 -14.77 39.06
N ASP D 215 39.03 -15.43 38.41
CA ASP D 215 39.34 -16.28 37.27
C ASP D 215 39.87 -15.46 36.09
N VAL D 216 39.28 -14.29 35.85
CA VAL D 216 39.70 -13.46 34.73
C VAL D 216 41.08 -12.87 35.00
N VAL D 217 41.34 -12.48 36.25
CA VAL D 217 42.62 -11.83 36.56
C VAL D 217 43.75 -12.85 36.59
N ARG D 218 43.52 -14.00 37.22
CA ARG D 218 44.58 -15.00 37.36
C ARG D 218 45.03 -15.54 36.01
N ALA D 219 44.11 -15.67 35.06
CA ALA D 219 44.46 -16.24 33.77
C ALA D 219 45.06 -15.21 32.83
N LEU D 220 44.50 -14.01 32.78
CA LEU D 220 44.96 -13.00 31.83
C LEU D 220 46.26 -12.33 32.24
N THR D 221 46.67 -12.46 33.50
CA THR D 221 47.89 -11.84 33.99
C THR D 221 49.02 -12.84 34.18
N THR D 222 48.84 -14.09 33.75
CA THR D 222 49.89 -15.09 33.80
C THR D 222 50.17 -15.73 32.44
N HIS D 223 49.54 -15.24 31.37
CA HIS D 223 49.77 -15.74 30.02
C HIS D 223 50.14 -14.57 29.10
N PRO D 224 51.30 -13.97 29.31
CA PRO D 224 51.66 -12.77 28.52
C PRO D 224 51.90 -13.06 27.04
N SER D 225 51.99 -14.32 26.63
CA SER D 225 52.18 -14.61 25.21
C SER D 225 50.88 -14.45 24.44
N ALA D 226 49.78 -14.99 24.97
CA ALA D 226 48.47 -14.89 24.33
C ALA D 226 47.73 -13.63 24.73
N THR D 227 47.91 -13.14 25.96
CA THR D 227 47.17 -11.98 26.42
C THR D 227 47.62 -10.71 25.71
N ALA D 228 48.92 -10.56 25.46
CA ALA D 228 49.45 -9.34 24.88
C ALA D 228 48.96 -9.09 23.46
N ALA D 229 48.23 -10.03 22.87
CA ALA D 229 47.67 -9.87 21.54
C ALA D 229 46.19 -9.52 21.53
N LEU D 230 45.52 -9.62 22.68
CA LEU D 230 44.08 -9.38 22.73
C LEU D 230 43.77 -7.92 22.44
N THR D 231 42.79 -7.71 21.55
CA THR D 231 42.32 -6.37 21.21
C THR D 231 40.87 -6.13 21.56
N HIS D 232 40.09 -7.16 21.89
CA HIS D 232 38.70 -7.02 22.29
C HIS D 232 38.46 -7.89 23.52
N LEU D 233 37.92 -7.29 24.57
CA LEU D 233 37.69 -7.99 25.82
C LEU D 233 36.35 -7.55 26.41
N ASP D 234 35.41 -8.49 26.51
CA ASP D 234 34.10 -8.24 27.10
C ASP D 234 33.99 -9.10 28.36
N LEU D 235 34.02 -8.46 29.52
CA LEU D 235 34.02 -9.14 30.81
C LEU D 235 32.69 -8.99 31.53
N GLY D 236 31.58 -9.19 30.82
CA GLY D 236 30.28 -9.01 31.42
C GLY D 236 30.00 -9.98 32.56
N LEU D 237 30.42 -11.24 32.40
CA LEU D 237 30.28 -12.27 33.43
C LEU D 237 28.82 -12.49 33.82
N ALA D 238 27.94 -12.42 32.84
CA ALA D 238 26.51 -12.73 33.01
C ALA D 238 25.84 -11.86 34.08
N ALA D 239 26.40 -10.66 34.30
CA ALA D 239 25.83 -9.69 35.24
C ALA D 239 25.69 -10.25 36.65
N ALA D 240 26.43 -11.32 36.96
CA ALA D 240 26.39 -11.96 38.26
C ALA D 240 27.58 -11.59 39.14
N THR D 241 28.16 -10.43 38.92
CA THR D 241 29.26 -9.93 39.73
C THR D 241 28.98 -8.49 40.13
N ASP D 242 29.57 -8.08 41.25
CA ASP D 242 29.41 -6.71 41.73
C ASP D 242 30.37 -5.73 41.05
N GLY D 243 31.17 -6.19 40.10
CA GLY D 243 32.05 -5.32 39.37
C GLY D 243 33.52 -5.61 39.66
N PHE D 244 34.35 -5.40 38.65
CA PHE D 244 35.78 -5.57 38.82
C PHE D 244 36.34 -4.42 39.66
N LYS D 245 37.18 -4.78 40.62
CA LYS D 245 37.80 -3.79 41.50
C LYS D 245 39.06 -3.22 40.88
N SER D 246 39.57 -2.15 41.49
CA SER D 246 40.79 -1.52 40.98
C SER D 246 41.98 -2.47 41.06
N SER D 247 42.02 -3.33 42.09
CA SER D 247 43.05 -4.34 42.19
C SER D 247 42.91 -5.43 41.14
N GLU D 248 41.78 -5.46 40.43
CA GLU D 248 41.54 -6.41 39.35
C GLU D 248 41.63 -5.77 37.98
N LEU D 249 40.97 -4.62 37.78
CA LEU D 249 41.05 -3.91 36.52
C LEU D 249 42.46 -3.43 36.21
N GLY D 250 43.28 -3.23 37.25
CA GLY D 250 44.64 -2.79 37.06
C GLY D 250 45.50 -3.79 36.31
N PRO D 251 45.70 -4.98 36.89
CA PRO D 251 46.54 -5.99 36.22
C PRO D 251 46.01 -6.42 34.87
N ILE D 252 44.69 -6.47 34.68
CA ILE D 252 44.13 -6.86 33.38
C ILE D 252 44.50 -5.82 32.32
N ALA D 253 44.44 -4.54 32.68
CA ALA D 253 44.75 -3.49 31.72
C ALA D 253 46.22 -3.50 31.35
N ALA D 254 47.10 -3.65 32.33
CA ALA D 254 48.54 -3.65 32.08
C ALA D 254 48.98 -4.87 31.28
N SER D 255 48.20 -5.95 31.28
CA SER D 255 48.58 -7.15 30.56
C SER D 255 48.17 -7.13 29.10
N CYS D 256 47.21 -6.27 28.72
CA CYS D 256 46.71 -6.18 27.35
C CYS D 256 46.98 -4.78 26.83
N PRO D 257 48.20 -4.46 26.43
CA PRO D 257 48.51 -3.12 25.91
C PRO D 257 48.01 -2.87 24.51
N ASN D 258 47.33 -3.85 23.89
CA ASN D 258 46.81 -3.70 22.54
C ASN D 258 45.29 -3.69 22.49
N LEU D 259 44.64 -3.45 23.63
CA LEU D 259 43.19 -3.42 23.67
C LEU D 259 42.66 -2.24 22.87
N ARG D 260 41.71 -2.50 21.98
CA ARG D 260 41.00 -1.45 21.28
C ARG D 260 39.52 -1.37 21.66
N LYS D 261 38.98 -2.41 22.28
CA LYS D 261 37.61 -2.40 22.79
C LYS D 261 37.57 -3.18 24.09
N LEU D 262 37.01 -2.55 25.13
CA LEU D 262 36.90 -3.18 26.44
C LEU D 262 35.51 -2.92 27.02
N VAL D 263 34.84 -3.98 27.44
CA VAL D 263 33.53 -3.89 28.08
C VAL D 263 33.61 -4.69 29.39
N ALA D 264 33.40 -4.00 30.51
CA ALA D 264 33.53 -4.67 31.80
C ALA D 264 32.80 -3.88 32.87
N PRO D 265 32.07 -4.54 33.76
CA PRO D 265 31.50 -3.85 34.92
C PRO D 265 32.55 -3.69 36.02
N CYS D 266 32.41 -2.59 36.77
CA CYS D 266 33.37 -2.26 37.80
C CYS D 266 32.64 -1.87 39.08
N LEU D 267 33.35 -1.99 40.20
CA LEU D 267 32.85 -1.56 41.50
C LEU D 267 33.19 -0.08 41.67
N PHE D 268 32.16 0.76 41.65
CA PHE D 268 32.34 2.20 41.75
C PHE D 268 31.96 2.79 43.10
N ASN D 269 31.39 1.99 44.00
CA ASN D 269 30.97 2.44 45.31
C ASN D 269 32.18 2.89 46.13
N PRO D 270 32.28 4.18 46.47
CA PRO D 270 33.42 4.65 47.26
C PRO D 270 33.45 4.13 48.69
N ARG D 271 32.37 3.46 49.14
CA ARG D 271 32.39 2.85 50.46
C ARG D 271 33.42 1.74 50.57
N PHE D 272 33.80 1.13 49.45
CA PHE D 272 34.81 0.08 49.43
C PHE D 272 36.16 0.67 49.06
N SER D 273 37.19 0.26 49.79
CA SER D 273 38.54 0.79 49.56
C SER D 273 39.12 0.37 48.22
N ASP D 274 38.51 -0.61 47.55
CA ASP D 274 39.02 -1.14 46.28
C ASP D 274 38.14 -0.75 45.10
N CYS D 275 37.47 0.40 45.18
CA CYS D 275 36.61 0.83 44.10
C CYS D 275 37.43 1.40 42.95
N VAL D 276 36.75 1.74 41.86
CA VAL D 276 37.37 2.33 40.67
C VAL D 276 37.14 3.84 40.72
N GLY D 277 38.22 4.60 40.82
CA GLY D 277 38.13 6.04 40.88
C GLY D 277 38.94 6.76 39.83
N ASP D 278 39.37 8.00 40.13
CA ASP D 278 40.12 8.78 39.15
C ASP D 278 41.44 8.10 38.80
N ASP D 279 42.13 7.55 39.81
CA ASP D 279 43.44 6.93 39.55
C ASP D 279 43.28 5.61 38.81
N ALA D 280 42.23 4.84 39.12
CA ALA D 280 42.01 3.58 38.43
C ALA D 280 41.69 3.80 36.96
N LEU D 281 40.95 4.87 36.65
CA LEU D 281 40.65 5.19 35.26
C LEU D 281 41.90 5.64 34.52
N LEU D 282 42.69 6.52 35.14
CA LEU D 282 43.90 7.02 34.49
C LEU D 282 44.89 5.91 34.23
N SER D 283 44.98 4.93 35.12
CA SER D 283 45.86 3.78 34.87
C SER D 283 45.32 2.88 33.78
N LEU D 284 43.99 2.77 33.67
CA LEU D 284 43.39 1.97 32.61
C LEU D 284 43.69 2.58 31.24
N ALA D 285 43.54 3.90 31.12
CA ALA D 285 43.85 4.56 29.86
C ALA D 285 45.35 4.60 29.59
N THR D 286 46.17 4.59 30.65
CA THR D 286 47.61 4.59 30.46
C THR D 286 48.09 3.24 29.93
N SER D 287 47.61 2.14 30.51
CA SER D 287 48.00 0.81 30.09
C SER D 287 47.34 0.37 28.80
N CYS D 288 46.29 1.05 28.36
CA CYS D 288 45.57 0.72 27.12
C CYS D 288 45.34 2.00 26.33
N PRO D 289 46.39 2.54 25.69
CA PRO D 289 46.22 3.82 24.98
C PRO D 289 45.47 3.69 23.67
N ARG D 290 45.51 2.52 23.03
CA ARG D 290 44.88 2.32 21.74
C ARG D 290 43.41 1.92 21.86
N LEU D 291 42.75 2.28 22.96
CA LEU D 291 41.33 1.98 23.12
C LEU D 291 40.50 2.89 22.22
N THR D 292 39.54 2.28 21.51
CA THR D 292 38.54 3.04 20.77
C THR D 292 37.12 2.83 21.28
N VAL D 293 36.87 1.74 22.01
CA VAL D 293 35.57 1.47 22.61
C VAL D 293 35.80 1.12 24.08
N LEU D 294 35.11 1.83 24.98
CA LEU D 294 35.21 1.57 26.40
C LEU D 294 33.83 1.70 27.01
N ARG D 295 33.33 0.61 27.60
CA ARG D 295 31.97 0.55 28.16
C ARG D 295 32.06 0.04 29.59
N LEU D 296 32.44 0.92 30.52
CA LEU D 296 32.42 0.61 31.94
C LEU D 296 31.05 0.92 32.53
N SER D 297 30.54 0.01 33.34
CA SER D 297 29.25 0.20 33.97
C SER D 297 29.30 -0.28 35.41
N GLU D 298 28.29 0.12 36.19
CA GLU D 298 28.17 -0.29 37.57
C GLU D 298 26.97 -1.20 37.74
N PRO D 299 27.16 -2.39 38.32
CA PRO D 299 26.02 -3.30 38.53
C PRO D 299 24.97 -2.67 39.43
N PHE D 300 23.76 -2.55 38.91
CA PHE D 300 22.64 -2.00 39.67
C PHE D 300 22.15 -3.03 40.67
N GLU D 301 21.86 -2.55 41.89
CA GLU D 301 21.30 -3.39 42.95
C GLU D 301 20.33 -2.53 43.74
N ALA D 302 19.03 -2.79 43.61
CA ALA D 302 18.00 -1.97 44.23
C ALA D 302 18.06 -2.00 45.75
N ALA D 303 18.76 -2.95 46.36
CA ALA D 303 18.85 -2.99 47.81
C ALA D 303 19.64 -1.81 48.36
N ALA D 304 20.70 -1.41 47.66
CA ALA D 304 21.50 -0.28 48.11
C ALA D 304 20.77 1.04 47.86
N ASN D 305 20.12 1.17 46.71
CA ASN D 305 19.41 2.39 46.29
C ASN D 305 20.34 3.60 46.38
N ILE D 306 21.38 3.57 45.54
CA ILE D 306 22.39 4.61 45.48
C ILE D 306 22.04 5.63 44.39
N GLN D 307 21.17 6.58 44.73
CA GLN D 307 20.65 7.54 43.77
C GLN D 307 21.53 8.78 43.64
N ARG D 308 21.76 9.48 44.75
CA ARG D 308 22.51 10.73 44.73
C ARG D 308 23.88 10.61 45.39
N GLU D 309 24.28 9.40 45.79
CA GLU D 309 25.59 9.21 46.38
C GLU D 309 26.68 9.49 45.36
N GLU D 310 27.70 10.24 45.78
CA GLU D 310 28.77 10.63 44.88
C GLU D 310 29.74 9.47 44.65
N ALA D 311 30.42 9.51 43.51
CA ALA D 311 31.38 8.49 43.12
C ALA D 311 32.80 8.96 43.44
N ALA D 312 33.75 8.04 43.26
CA ALA D 312 35.16 8.35 43.41
C ALA D 312 35.76 8.94 42.14
N ILE D 313 34.93 9.37 41.19
CA ILE D 313 35.37 9.92 39.92
C ILE D 313 34.98 11.38 39.87
N THR D 314 35.98 12.26 39.79
CA THR D 314 35.75 13.69 39.70
C THR D 314 35.92 14.16 38.26
N VAL D 315 35.37 15.34 37.98
CA VAL D 315 35.48 15.91 36.63
C VAL D 315 36.93 16.24 36.30
N ALA D 316 37.70 16.69 37.31
CA ALA D 316 39.12 16.97 37.08
C ALA D 316 39.88 15.71 36.72
N GLY D 317 39.42 14.55 37.18
CA GLY D 317 40.06 13.29 36.83
C GLY D 317 39.65 12.81 35.46
N LEU D 318 38.39 13.06 35.09
CA LEU D 318 37.91 12.66 33.76
C LEU D 318 38.62 13.43 32.65
N VAL D 319 38.97 14.69 32.90
CA VAL D 319 39.69 15.47 31.90
C VAL D 319 41.06 14.86 31.63
N ALA D 320 41.78 14.52 32.70
CA ALA D 320 43.06 13.82 32.54
C ALA D 320 42.88 12.41 32.00
N PHE D 321 41.70 11.80 32.21
CA PHE D 321 41.44 10.48 31.66
C PHE D 321 41.11 10.53 30.18
N PHE D 322 40.27 11.49 29.77
CA PHE D 322 39.94 11.64 28.36
C PHE D 322 41.13 12.12 27.54
N ALA D 323 42.15 12.68 28.18
CA ALA D 323 43.34 13.14 27.48
C ALA D 323 44.29 12.00 27.14
N ALA D 324 44.05 10.80 27.65
CA ALA D 324 44.91 9.65 27.42
C ALA D 324 44.35 8.67 26.40
N LEU D 325 43.14 8.92 25.88
CA LEU D 325 42.50 8.06 24.88
C LEU D 325 42.14 8.89 23.66
N PRO D 326 43.14 9.29 22.86
CA PRO D 326 42.84 10.11 21.67
C PRO D 326 42.13 9.36 20.57
N ALA D 327 42.04 8.03 20.65
CA ALA D 327 41.34 7.23 19.65
C ALA D 327 39.98 6.76 20.13
N LEU D 328 39.48 7.33 21.24
CA LEU D 328 38.20 6.91 21.79
C LEU D 328 37.06 7.35 20.86
N GLU D 329 36.18 6.41 20.52
CA GLU D 329 35.05 6.71 19.64
C GLU D 329 33.73 6.26 20.26
N ASP D 330 33.77 5.22 21.08
CA ASP D 330 32.57 4.65 21.69
C ASP D 330 32.80 4.57 23.19
N PHE D 331 32.31 5.56 23.92
CA PHE D 331 32.49 5.65 25.36
C PHE D 331 31.16 5.46 26.08
N THR D 332 31.18 4.67 27.14
CA THR D 332 29.99 4.43 27.94
C THR D 332 30.40 4.26 29.40
N MET D 333 29.94 5.16 30.26
CA MET D 333 30.20 5.10 31.69
C MET D 333 28.87 5.19 32.42
N ASP D 334 28.08 4.12 32.32
CA ASP D 334 26.78 4.04 32.97
C ASP D 334 27.00 3.77 34.47
N LEU D 335 26.80 4.79 35.29
CA LEU D 335 27.05 4.70 36.72
C LEU D 335 25.77 4.86 37.51
N GLN D 336 25.80 4.38 38.75
CA GLN D 336 24.77 4.67 39.74
C GLN D 336 25.19 5.80 40.66
N HIS D 337 26.43 5.78 41.14
CA HIS D 337 26.97 6.92 41.86
C HIS D 337 27.23 8.06 40.89
N ASN D 338 27.01 9.29 41.34
CA ASN D 338 26.96 10.44 40.46
C ASN D 338 28.34 11.04 40.24
N VAL D 339 28.51 11.66 39.07
CA VAL D 339 29.68 12.45 38.74
C VAL D 339 29.22 13.90 38.57
N LEU D 340 29.72 14.77 39.43
CA LEU D 340 29.22 16.14 39.50
C LEU D 340 30.01 17.07 38.59
N GLU D 341 29.35 18.17 38.22
CA GLU D 341 29.90 19.23 37.35
C GLU D 341 30.77 18.66 36.23
N ALA D 342 30.20 17.72 35.49
CA ALA D 342 30.91 17.03 34.42
C ALA D 342 30.91 17.82 33.10
N ALA D 343 30.50 19.08 33.12
CA ALA D 343 30.48 19.86 31.88
C ALA D 343 31.86 20.06 31.28
N PRO D 344 32.91 20.46 32.02
CA PRO D 344 34.22 20.60 31.40
C PRO D 344 34.81 19.29 30.91
N ALA D 345 34.42 18.16 31.52
CA ALA D 345 34.92 16.87 31.07
C ALA D 345 34.38 16.53 29.68
N MET D 346 33.11 16.84 29.42
CA MET D 346 32.56 16.65 28.08
C MET D 346 33.22 17.60 27.08
N GLU D 347 33.49 18.83 27.50
CA GLU D 347 34.23 19.75 26.64
C GLU D 347 35.65 19.26 26.39
N ALA D 348 36.25 18.58 27.38
CA ALA D 348 37.54 17.97 27.16
C ALA D 348 37.44 16.73 26.28
N LEU D 349 36.30 16.03 26.33
CA LEU D 349 36.10 14.88 25.47
C LEU D 349 36.02 15.30 24.00
N ALA D 350 35.42 16.45 23.73
CA ALA D 350 35.32 16.93 22.35
C ALA D 350 36.68 17.35 21.81
N ARG D 351 37.56 17.88 22.66
CA ARG D 351 38.85 18.35 22.20
C ARG D 351 39.87 17.23 22.12
N ARG D 352 40.02 16.46 23.20
CA ARG D 352 41.05 15.42 23.23
C ARG D 352 40.65 14.19 22.43
N CYS D 353 39.35 13.91 22.34
CA CYS D 353 38.84 12.73 21.62
C CYS D 353 37.94 13.23 20.48
N PRO D 354 38.53 13.67 19.37
CA PRO D 354 37.71 14.19 18.26
C PRO D 354 36.90 13.13 17.55
N ARG D 355 37.32 11.87 17.59
CA ARG D 355 36.62 10.79 16.92
C ARG D 355 35.46 10.24 17.74
N ILE D 356 35.08 10.89 18.83
CA ILE D 356 33.98 10.41 19.65
C ILE D 356 32.67 10.52 18.87
N LYS D 357 31.84 9.49 18.96
CA LYS D 357 30.58 9.44 18.23
C LYS D 357 29.44 8.79 19.00
N PHE D 358 29.70 7.84 19.89
CA PHE D 358 28.66 7.08 20.59
C PHE D 358 28.91 7.24 22.09
N LEU D 359 28.18 8.16 22.71
CA LEU D 359 28.37 8.49 24.12
C LEU D 359 27.12 8.10 24.91
N THR D 360 27.32 7.33 25.98
CA THR D 360 26.23 6.92 26.87
C THR D 360 26.70 7.12 28.30
N LEU D 361 26.11 8.09 28.99
CA LEU D 361 26.53 8.47 30.33
C LEU D 361 25.43 8.16 31.34
N GLY D 362 25.81 7.59 32.47
CA GLY D 362 24.88 7.27 33.53
C GLY D 362 25.16 8.02 34.81
N SER D 363 24.14 8.68 35.36
CA SER D 363 24.26 9.45 36.60
C SER D 363 25.30 10.55 36.49
N PHE D 364 25.47 11.13 35.31
CA PHE D 364 26.38 12.24 35.10
C PHE D 364 25.60 13.56 35.25
N GLN D 365 26.00 14.36 36.23
CA GLN D 365 25.32 15.62 36.53
C GLN D 365 26.06 16.78 35.87
N GLY D 366 25.29 17.79 35.47
CA GLY D 366 25.85 18.98 34.84
C GLY D 366 26.42 18.71 33.47
N LEU D 367 25.66 18.02 32.62
CA LEU D 367 26.15 17.66 31.29
C LEU D 367 26.03 18.80 30.29
N CYS D 368 25.18 19.79 30.57
CA CYS D 368 25.03 20.95 29.67
C CYS D 368 24.30 22.03 30.45
N LYS D 369 25.04 23.01 30.96
CA LYS D 369 24.43 24.11 31.69
C LYS D 369 23.58 24.97 30.77
N ALA D 370 24.17 25.44 29.67
CA ALA D 370 23.46 26.11 28.59
C ALA D 370 22.66 27.38 28.83
N SER D 371 23.36 28.47 29.16
CA SER D 371 22.66 29.72 29.44
C SER D 371 23.46 30.92 28.94
N TRP D 372 24.76 30.91 29.22
CA TRP D 372 25.66 32.02 28.81
C TRP D 372 26.55 31.56 27.64
N LEU D 373 27.51 32.41 27.24
CA LEU D 373 28.45 32.09 26.13
C LEU D 373 27.66 31.60 24.92
N HIS D 374 28.05 30.46 24.35
CA HIS D 374 27.36 29.87 23.17
C HIS D 374 26.86 28.46 23.51
N LEU D 375 27.77 27.47 23.48
CA LEU D 375 27.42 26.11 23.83
C LEU D 375 28.43 25.54 24.82
N ASP D 376 27.95 24.74 25.77
CA ASP D 376 28.79 24.18 26.80
C ASP D 376 28.44 22.71 27.01
N GLY D 377 29.32 22.01 27.73
CA GLY D 377 29.03 20.64 28.11
C GLY D 377 29.06 19.70 26.93
N VAL D 378 28.04 18.84 26.84
CA VAL D 378 27.98 17.85 25.78
C VAL D 378 27.67 18.49 24.43
N ALA D 379 27.13 19.71 24.42
CA ALA D 379 26.82 20.38 23.15
C ALA D 379 28.09 20.76 22.38
N VAL D 380 29.23 20.80 23.05
CA VAL D 380 30.49 21.09 22.35
C VAL D 380 30.89 19.91 21.48
N CYS D 381 30.57 18.69 21.91
CA CYS D 381 30.87 17.48 21.14
C CYS D 381 30.01 17.45 19.89
N GLY D 382 30.57 17.86 18.77
CA GLY D 382 29.83 17.97 17.53
C GLY D 382 29.64 16.66 16.80
N GLY D 383 30.67 15.83 16.77
CA GLY D 383 30.64 14.56 16.08
C GLY D 383 29.77 13.49 16.68
N LEU D 384 29.00 13.80 17.73
CA LEU D 384 28.17 12.80 18.38
C LEU D 384 27.06 12.34 17.44
N GLU D 385 27.12 11.07 17.04
CA GLU D 385 26.03 10.47 16.26
C GLU D 385 25.01 9.76 17.14
N SER D 386 25.37 9.46 18.38
CA SER D 386 24.46 8.85 19.34
C SER D 386 24.69 9.50 20.70
N LEU D 387 23.61 9.61 21.48
CA LEU D 387 23.68 10.25 22.79
C LEU D 387 22.65 9.62 23.72
N TYR D 388 23.09 9.20 24.91
CA TYR D 388 22.23 8.57 25.88
C TYR D 388 22.65 9.05 27.27
N MET D 389 21.68 9.52 28.06
CA MET D 389 21.95 10.12 29.36
C MET D 389 21.01 9.52 30.40
N LYS D 390 21.57 8.77 31.35
CA LYS D 390 20.81 8.19 32.44
C LYS D 390 21.00 9.02 33.70
N ASN D 391 19.89 9.30 34.40
CA ASN D 391 19.91 9.86 35.74
C ASN D 391 20.66 11.19 35.79
N CYS D 392 20.19 12.15 34.99
CA CYS D 392 20.75 13.50 34.96
C CYS D 392 19.70 14.43 35.55
N GLN D 393 19.93 14.88 36.78
CA GLN D 393 18.94 15.64 37.53
C GLN D 393 18.90 17.12 37.17
N ASP D 394 19.84 17.60 36.35
CA ASP D 394 19.83 19.00 35.93
C ASP D 394 19.85 19.14 34.41
N LEU D 395 19.52 18.07 33.68
CA LEU D 395 19.32 18.16 32.23
C LEU D 395 17.93 18.75 31.99
N THR D 396 17.89 19.97 31.49
CA THR D 396 16.64 20.73 31.37
C THR D 396 16.32 20.97 29.90
N ASP D 397 15.22 21.70 29.67
CA ASP D 397 14.84 22.03 28.30
C ASP D 397 15.88 22.90 27.62
N ALA D 398 16.55 23.78 28.39
CA ALA D 398 17.61 24.58 27.80
C ALA D 398 18.81 23.73 27.42
N SER D 399 19.01 22.60 28.09
CA SER D 399 20.10 21.70 27.72
C SER D 399 19.81 21.02 26.39
N LEU D 400 18.62 20.43 26.24
CA LEU D 400 18.25 19.80 24.98
C LEU D 400 18.22 20.82 23.84
N ALA D 401 17.79 22.04 24.14
CA ALA D 401 17.81 23.10 23.13
C ALA D 401 19.24 23.41 22.69
N ALA D 402 20.20 23.32 23.61
CA ALA D 402 21.60 23.54 23.24
C ALA D 402 22.22 22.32 22.58
N ILE D 403 21.72 21.12 22.87
CA ILE D 403 22.23 19.92 22.22
C ILE D 403 21.87 19.92 20.75
N GLY D 404 20.67 20.36 20.41
CA GLY D 404 20.24 20.43 19.02
C GLY D 404 21.00 21.44 18.17
N ARG D 405 21.79 22.31 18.79
CA ARG D 405 22.57 23.30 18.06
C ARG D 405 23.99 22.84 17.78
N GLY D 406 24.56 21.96 18.60
CA GLY D 406 25.92 21.51 18.43
C GLY D 406 26.04 20.07 17.97
N CYS D 407 25.00 19.29 18.19
CA CYS D 407 25.00 17.87 17.81
C CYS D 407 24.10 17.65 16.60
N ARG D 408 24.50 18.26 15.48
CA ARG D 408 23.69 18.19 14.27
C ARG D 408 23.73 16.81 13.61
N ARG D 409 24.69 15.97 13.99
CA ARG D 409 24.80 14.63 13.42
C ARG D 409 24.14 13.56 14.29
N LEU D 410 23.24 13.96 15.19
CA LEU D 410 22.62 13.02 16.12
C LEU D 410 21.63 12.13 15.37
N ALA D 411 21.95 10.84 15.28
CA ALA D 411 21.04 9.86 14.70
C ALA D 411 20.25 9.09 15.76
N LYS D 412 20.78 8.98 16.98
CA LYS D 412 20.09 8.35 18.09
C LYS D 412 20.11 9.28 19.29
N PHE D 413 19.02 9.31 20.04
CA PHE D 413 18.92 10.12 21.23
C PHE D 413 18.15 9.36 22.29
N GLY D 414 18.53 9.56 23.55
CA GLY D 414 17.90 8.86 24.65
C GLY D 414 18.16 9.49 26.00
N ILE D 415 17.11 9.56 26.83
CA ILE D 415 17.22 10.06 28.19
C ILE D 415 16.52 9.08 29.13
N HIS D 416 17.12 8.84 30.28
CA HIS D 416 16.61 7.87 31.25
C HIS D 416 16.66 8.50 32.63
N GLY D 417 15.49 8.66 33.25
CA GLY D 417 15.44 9.19 34.60
C GLY D 417 15.68 10.68 34.72
N CYS D 418 15.64 11.42 33.61
CA CYS D 418 15.80 12.87 33.65
C CYS D 418 14.45 13.50 34.01
N ASP D 419 14.39 14.16 35.15
CA ASP D 419 13.14 14.63 35.72
C ASP D 419 12.87 16.11 35.47
N LEU D 420 13.70 16.78 34.67
CA LEU D 420 13.49 18.18 34.33
C LEU D 420 13.28 18.39 32.84
N VAL D 421 13.07 17.32 32.08
CA VAL D 421 12.80 17.40 30.64
C VAL D 421 11.29 17.35 30.43
N THR D 422 10.79 18.21 29.55
CA THR D 422 9.37 18.28 29.23
C THR D 422 9.13 17.85 27.79
N SER D 423 7.85 17.79 27.43
CA SER D 423 7.47 17.53 26.05
C SER D 423 7.87 18.68 25.13
N ALA D 424 8.06 19.88 25.68
CA ALA D 424 8.49 21.01 24.87
C ALA D 424 9.96 20.88 24.47
N GLY D 425 10.78 20.27 25.32
CA GLY D 425 12.19 20.08 25.00
C GLY D 425 12.41 18.98 23.99
N ILE D 426 11.59 17.92 24.07
CA ILE D 426 11.71 16.82 23.11
C ILE D 426 11.15 17.23 21.76
N ARG D 427 10.03 17.95 21.76
CA ARG D 427 9.42 18.37 20.49
C ARG D 427 10.34 19.33 19.75
N ARG D 428 11.00 20.25 20.47
CA ARG D 428 11.95 21.13 19.83
C ARG D 428 13.14 20.36 19.28
N LEU D 429 13.66 19.40 20.05
CA LEU D 429 14.79 18.61 19.59
C LEU D 429 14.41 17.76 18.38
N ALA D 430 13.18 17.23 18.37
CA ALA D 430 12.74 16.44 17.22
C ALA D 430 12.58 17.30 15.97
N PHE D 431 12.22 18.57 16.14
CA PHE D 431 12.06 19.45 14.99
C PHE D 431 13.41 19.92 14.45
N THR D 432 14.28 20.41 15.34
CA THR D 432 15.58 20.92 14.90
C THR D 432 16.50 19.81 14.39
N LEU D 433 16.22 18.55 14.76
CA LEU D 433 17.01 17.42 14.29
C LEU D 433 16.19 16.51 13.36
N ARG D 434 15.27 17.11 12.60
CA ARG D 434 14.49 16.36 11.63
C ARG D 434 15.33 15.56 10.64
N PRO D 435 16.43 16.07 10.07
CA PRO D 435 17.15 15.27 9.06
C PRO D 435 17.75 13.98 9.60
N THR D 436 18.45 14.04 10.73
CA THR D 436 19.29 12.92 11.17
C THR D 436 18.67 12.04 12.24
N LEU D 437 17.83 12.59 13.12
CA LEU D 437 17.31 11.81 14.24
C LEU D 437 16.40 10.70 13.73
N LYS D 438 16.71 9.46 14.11
CA LYS D 438 15.96 8.30 13.64
C LYS D 438 15.49 7.42 14.79
N GLU D 439 16.27 7.34 15.87
CA GLU D 439 15.96 6.50 17.01
C GLU D 439 15.89 7.36 18.27
N VAL D 440 14.88 7.09 19.10
CA VAL D 440 14.59 7.91 20.28
C VAL D 440 14.23 7.00 21.44
N THR D 441 14.75 7.32 22.63
CA THR D 441 14.43 6.60 23.85
C THR D 441 14.08 7.59 24.94
N VAL D 442 12.92 7.42 25.56
CA VAL D 442 12.47 8.25 26.68
C VAL D 442 11.94 7.31 27.75
N LEU D 443 12.71 7.11 28.82
CA LEU D 443 12.40 6.11 29.84
C LEU D 443 12.34 6.76 31.21
N HIS D 444 11.21 6.57 31.90
CA HIS D 444 11.06 6.91 33.32
C HIS D 444 11.35 8.39 33.60
N CYS D 445 11.09 9.26 32.64
CA CYS D 445 11.18 10.69 32.87
C CYS D 445 9.93 11.15 33.62
N ARG D 446 10.10 12.12 34.52
CA ARG D 446 9.02 12.50 35.41
C ARG D 446 7.94 13.29 34.68
N LEU D 447 8.33 14.37 33.99
CA LEU D 447 7.40 15.26 33.32
C LEU D 447 7.01 14.78 31.92
N LEU D 448 7.24 13.52 31.60
CA LEU D 448 6.99 12.98 30.27
C LEU D 448 6.15 11.72 30.39
N HIS D 449 4.87 11.82 30.05
CA HIS D 449 3.99 10.67 29.99
C HIS D 449 3.86 10.18 28.55
N THR D 450 3.19 9.04 28.39
CA THR D 450 3.14 8.39 27.08
C THR D 450 2.35 9.21 26.07
N ALA D 451 1.12 9.61 26.44
CA ALA D 451 0.30 10.37 25.50
C ALA D 451 0.89 11.72 25.18
N GLU D 452 1.62 12.32 26.12
CA GLU D 452 2.19 13.65 25.90
C GLU D 452 3.50 13.57 25.11
N CYS D 453 4.30 12.53 25.34
CA CYS D 453 5.59 12.41 24.65
C CYS D 453 5.42 11.98 23.20
N LEU D 454 4.41 11.15 22.90
CA LEU D 454 4.16 10.73 21.53
C LEU D 454 3.79 11.92 20.66
N THR D 455 3.02 12.86 21.19
CA THR D 455 2.69 14.07 20.45
C THR D 455 3.91 14.96 20.26
N ALA D 456 4.86 14.90 21.20
CA ALA D 456 6.07 15.71 21.06
C ALA D 456 6.95 15.22 19.91
N LEU D 457 6.95 13.91 19.63
CA LEU D 457 7.72 13.35 18.54
C LEU D 457 7.01 13.47 17.19
N SER D 458 6.06 14.39 17.06
CA SER D 458 5.36 14.57 15.80
C SER D 458 6.25 15.05 14.66
N PRO D 459 7.23 15.94 14.87
CA PRO D 459 8.08 16.36 13.74
C PRO D 459 8.79 15.22 13.03
N ILE D 460 9.05 14.11 13.72
CA ILE D 460 9.71 12.95 13.11
C ILE D 460 8.80 11.73 13.12
N ARG D 461 7.48 11.93 13.19
CA ARG D 461 6.55 10.80 13.18
C ARG D 461 6.67 10.00 11.89
N ASP D 462 7.00 10.65 10.78
CA ASP D 462 7.19 9.99 9.50
C ASP D 462 8.65 9.62 9.24
N ARG D 463 9.51 9.68 10.26
CA ARG D 463 10.94 9.44 10.05
C ARG D 463 11.53 8.53 11.11
N ILE D 464 10.95 8.53 12.31
CA ILE D 464 11.52 7.75 13.41
C ILE D 464 11.38 6.27 13.13
N GLU D 465 12.42 5.51 13.44
CA GLU D 465 12.46 4.08 13.15
C GLU D 465 12.42 3.21 14.40
N SER D 466 13.10 3.60 15.47
CA SER D 466 13.11 2.86 16.73
C SER D 466 12.61 3.77 17.84
N LEU D 467 11.68 3.25 18.64
CA LEU D 467 11.07 4.01 19.73
C LEU D 467 11.03 3.14 20.98
N GLU D 468 11.63 3.62 22.07
CA GLU D 468 11.58 2.94 23.35
C GLU D 468 11.08 3.93 24.39
N ILE D 469 9.91 3.63 24.98
CA ILE D 469 9.28 4.51 25.96
C ILE D 469 8.67 3.66 27.07
N ASN D 470 8.50 4.29 28.23
CA ASN D 470 7.74 3.70 29.32
C ASN D 470 6.29 4.15 29.23
N CYS D 471 5.39 3.28 29.70
CA CYS D 471 3.95 3.48 29.52
C CYS D 471 3.32 4.04 30.78
N VAL D 472 2.85 5.28 30.69
CA VAL D 472 2.07 5.93 31.75
C VAL D 472 0.84 6.54 31.10
N TRP D 473 -0.31 6.16 31.66
CA TRP D 473 -1.63 6.48 31.07
C TRP D 473 -2.27 7.65 31.80
N ASN D 474 -2.82 8.57 31.03
CA ASN D 474 -3.53 9.74 31.58
C ASN D 474 -5.00 9.56 31.31
N THR D 475 -5.84 9.50 32.35
CA THR D 475 -7.31 9.32 32.18
C THR D 475 -7.95 10.61 31.66
N THR D 476 -7.77 10.89 30.35
CA THR D 476 -8.25 12.06 29.58
C THR D 476 -7.67 11.91 28.17
N GLU D 477 -8.43 12.23 27.12
CA GLU D 477 -7.96 12.03 25.73
C GLU D 477 -7.49 10.58 25.57
N ASN D 478 -8.32 9.62 25.97
CA ASN D 478 -8.05 8.15 25.94
C ASN D 478 -9.35 7.39 25.60
N LEU D 479 -9.42 6.14 26.03
CA LEU D 479 -10.59 5.23 25.84
C LEU D 479 -11.27 5.09 27.20
N TYR D 480 -10.85 4.08 27.96
CA TYR D 480 -11.30 3.89 29.34
C TYR D 480 -12.82 3.84 29.47
N LEU D 484 -3.20 13.57 14.02
CA LEU D 484 -2.65 12.22 13.96
C LEU D 484 -2.25 11.86 12.53
N GLY D 485 -1.19 11.07 12.41
CA GLY D 485 -0.69 10.62 11.12
C GLY D 485 -0.41 9.13 11.16
N SER D 486 0.67 8.73 10.48
CA SER D 486 1.09 7.35 10.42
C SER D 486 2.59 7.27 10.67
N TRP D 487 2.97 6.45 11.65
CA TRP D 487 4.39 6.19 11.94
C TRP D 487 4.96 5.36 10.80
N GLU D 488 5.31 6.06 9.72
CA GLU D 488 5.56 5.39 8.43
C GLU D 488 6.87 4.62 8.40
N MET D 489 7.82 4.94 9.27
CA MET D 489 9.11 4.27 9.27
C MET D 489 9.42 3.59 10.61
N LEU D 490 8.49 3.57 11.55
CA LEU D 490 8.72 2.94 12.85
C LEU D 490 8.73 1.43 12.68
N ARG D 491 9.94 0.85 12.67
CA ARG D 491 10.09 -0.60 12.49
C ARG D 491 10.18 -1.35 13.82
N SER D 492 10.79 -0.75 14.83
CA SER D 492 10.99 -1.39 16.12
C SER D 492 10.42 -0.52 17.23
N LEU D 493 9.76 -1.14 18.20
CA LEU D 493 9.14 -0.43 19.31
C LEU D 493 9.35 -1.23 20.59
N SER D 494 9.82 -0.56 21.64
CA SER D 494 10.05 -1.19 22.93
C SER D 494 9.25 -0.46 24.00
N LEU D 495 8.61 -1.21 24.89
CA LEU D 495 7.74 -0.65 25.91
C LEU D 495 8.10 -1.23 27.27
N TRP D 496 7.97 -0.39 28.30
CA TRP D 496 8.16 -0.80 29.69
C TRP D 496 6.87 -0.53 30.46
N PHE D 497 6.43 -1.49 31.25
CA PHE D 497 5.20 -1.40 32.01
C PHE D 497 5.48 -1.65 33.49
N SER D 498 4.41 -1.63 34.27
CA SER D 498 4.42 -2.07 35.66
C SER D 498 3.46 -3.25 35.81
N ALA D 499 3.67 -4.03 36.86
CA ALA D 499 2.84 -5.21 37.09
C ALA D 499 1.40 -4.79 37.33
N GLY D 500 0.50 -5.25 36.45
CA GLY D 500 -0.90 -4.91 36.50
C GLY D 500 -1.31 -3.80 35.55
N GLN D 501 -0.35 -3.05 35.02
CA GLN D 501 -0.66 -1.98 34.08
C GLN D 501 -1.13 -2.56 32.75
N LEU D 502 -2.00 -1.82 32.07
CA LEU D 502 -2.61 -2.28 30.83
C LEU D 502 -1.88 -1.73 29.61
N LEU D 503 -1.90 -2.50 28.53
CA LEU D 503 -1.37 -2.06 27.25
C LEU D 503 -2.44 -1.45 26.36
N SER D 504 -3.72 -1.69 26.65
CA SER D 504 -4.81 -1.18 25.83
C SER D 504 -4.74 0.32 25.55
N PRO D 505 -4.45 1.20 26.51
CA PRO D 505 -4.41 2.64 26.20
C PRO D 505 -3.27 3.05 25.28
N LEU D 506 -2.47 2.11 24.75
CA LEU D 506 -1.39 2.49 23.86
C LEU D 506 -1.93 2.98 22.52
N ILE D 507 -2.98 2.35 22.00
CA ILE D 507 -3.55 2.77 20.73
C ILE D 507 -4.21 4.14 20.87
N SER D 508 -4.82 4.41 22.02
CA SER D 508 -5.46 5.69 22.28
C SER D 508 -4.48 6.79 22.65
N ALA D 509 -3.18 6.47 22.71
CA ALA D 509 -2.16 7.45 23.09
C ALA D 509 -1.44 8.06 21.90
N GLY D 510 -1.59 7.50 20.70
CA GLY D 510 -0.94 8.05 19.53
C GLY D 510 -0.41 6.99 18.58
N LEU D 511 -0.21 5.77 19.08
CA LEU D 511 0.28 4.66 18.26
C LEU D 511 -0.91 3.89 17.69
N ASP D 512 -1.63 4.54 16.78
CA ASP D 512 -2.79 3.95 16.15
C ASP D 512 -2.51 3.40 14.75
N SER D 513 -1.49 3.92 14.07
CA SER D 513 -1.18 3.50 12.71
C SER D 513 0.32 3.30 12.59
N CYS D 514 0.76 2.04 12.53
CA CYS D 514 2.16 1.69 12.33
C CYS D 514 2.22 0.65 11.22
N PRO D 515 2.40 1.09 9.97
CA PRO D 515 2.33 0.15 8.84
C PRO D 515 3.57 -0.71 8.66
N VAL D 516 4.71 -0.36 9.26
CA VAL D 516 5.95 -1.09 9.07
C VAL D 516 6.50 -1.66 10.37
N LEU D 517 5.75 -1.54 11.47
CA LEU D 517 6.21 -2.03 12.76
C LEU D 517 6.28 -3.55 12.73
N GLU D 518 7.50 -4.10 12.73
CA GLU D 518 7.71 -5.54 12.62
C GLU D 518 8.05 -6.21 13.94
N GLU D 519 8.81 -5.55 14.81
CA GLU D 519 9.23 -6.14 16.07
C GLU D 519 8.82 -5.22 17.22
N ILE D 520 8.38 -5.83 18.32
CA ILE D 520 7.99 -5.11 19.52
C ILE D 520 8.56 -5.84 20.73
N SER D 521 8.98 -5.08 21.73
CA SER D 521 9.50 -5.63 22.98
C SER D 521 8.68 -5.09 24.14
N ILE D 522 8.28 -5.99 25.04
CA ILE D 522 7.43 -5.65 26.18
C ILE D 522 8.10 -6.15 27.45
N LYS D 523 8.35 -5.24 28.39
CA LYS D 523 8.99 -5.57 29.66
C LYS D 523 8.10 -5.12 30.81
N VAL D 524 8.00 -5.97 31.83
CA VAL D 524 7.15 -5.73 32.99
C VAL D 524 8.04 -5.71 34.23
N GLU D 525 7.90 -4.65 35.04
CA GLU D 525 8.69 -4.50 36.29
C GLU D 525 7.70 -4.05 37.38
N GLY D 526 8.20 -3.37 38.42
CA GLY D 526 7.39 -3.01 39.59
C GLY D 526 7.23 -4.17 40.56
N ASP D 527 6.06 -4.28 41.19
CA ASP D 527 5.79 -5.37 42.16
C ASP D 527 4.39 -5.95 41.89
N CYS D 528 4.16 -7.19 42.30
CA CYS D 528 2.84 -7.86 42.11
C CYS D 528 2.10 -7.94 43.45
N ARG D 529 2.83 -7.81 44.56
CA ARG D 529 2.23 -7.86 45.92
C ARG D 529 1.75 -6.46 46.31
N THR D 530 2.48 -5.42 45.88
CA THR D 530 2.11 -4.02 46.20
C THR D 530 0.81 -3.65 45.48
N CYS D 531 0.81 -3.72 44.14
CA CYS D 531 -0.39 -3.39 43.34
C CYS D 531 -1.46 -4.47 43.56
N PRO D 532 -2.76 -4.11 43.67
CA PRO D 532 -3.83 -5.09 43.88
C PRO D 532 -4.11 -5.90 42.61
N ARG D 533 -4.50 -7.17 42.77
CA ARG D 533 -4.81 -8.06 41.62
C ARG D 533 -5.89 -7.40 40.75
N PRO D 534 -5.74 -7.37 39.41
CA PRO D 534 -6.72 -6.74 38.52
C PRO D 534 -8.04 -7.51 38.55
N ALA D 535 -9.14 -6.76 38.47
CA ALA D 535 -10.47 -7.35 38.48
C ALA D 535 -10.59 -8.39 37.38
N PRO D 536 -10.95 -9.64 37.70
CA PRO D 536 -11.00 -10.70 36.68
C PRO D 536 -11.84 -10.34 35.47
N ARG D 537 -11.57 -11.02 34.36
CA ARG D 537 -12.11 -10.82 33.00
C ARG D 537 -11.35 -9.70 32.28
N THR D 538 -10.42 -9.01 32.94
CA THR D 538 -9.57 -8.05 32.27
C THR D 538 -8.25 -8.72 31.86
N ILE D 539 -7.59 -8.15 30.86
CA ILE D 539 -6.34 -8.67 30.33
C ILE D 539 -5.38 -7.51 30.09
N PHE D 540 -4.11 -7.87 29.89
CA PHE D 540 -3.08 -6.87 29.64
C PHE D 540 -3.39 -6.06 28.38
N GLY D 541 -3.92 -6.72 27.35
CA GLY D 541 -4.25 -6.03 26.11
C GLY D 541 -3.38 -6.45 24.95
N LEU D 542 -2.89 -7.70 24.97
CA LEU D 542 -2.06 -8.19 23.89
C LEU D 542 -2.84 -8.27 22.58
N SER D 543 -4.15 -8.49 22.65
CA SER D 543 -4.98 -8.58 21.46
C SER D 543 -5.21 -7.23 20.79
N ASP D 544 -4.89 -6.12 21.47
CA ASP D 544 -5.04 -4.80 20.89
C ASP D 544 -3.93 -4.46 19.90
N LEU D 545 -2.89 -5.31 19.79
CA LEU D 545 -1.84 -5.13 18.82
C LEU D 545 -2.17 -5.78 17.48
N ALA D 546 -3.38 -6.31 17.32
CA ALA D 546 -3.74 -7.00 16.09
C ALA D 546 -3.82 -6.05 14.90
N GLY D 547 -4.08 -4.77 15.15
CA GLY D 547 -4.21 -3.80 14.08
C GLY D 547 -2.90 -3.39 13.43
N PHE D 548 -1.82 -4.08 13.78
CA PHE D 548 -0.52 -3.80 13.20
C PHE D 548 -0.24 -4.81 12.10
N PRO D 549 -0.04 -4.38 10.86
CA PRO D 549 -0.11 -5.35 9.75
C PRO D 549 1.07 -6.30 9.67
N VAL D 550 2.28 -5.85 10.01
CA VAL D 550 3.48 -6.64 9.79
C VAL D 550 4.21 -6.94 11.10
N LEU D 551 3.51 -6.91 12.23
CA LEU D 551 4.12 -7.22 13.52
C LEU D 551 4.49 -8.70 13.54
N ALA D 552 5.78 -9.00 13.41
CA ALA D 552 6.25 -10.37 13.26
C ALA D 552 6.91 -10.91 14.53
N LYS D 553 7.88 -10.20 15.09
CA LYS D 553 8.67 -10.67 16.22
C LYS D 553 8.27 -9.93 17.48
N MET D 554 8.04 -10.68 18.56
CA MET D 554 7.65 -10.10 19.84
C MET D 554 8.61 -10.57 20.93
N LYS D 555 8.98 -9.65 21.81
CA LYS D 555 9.81 -9.94 22.99
C LYS D 555 8.97 -9.60 24.22
N LEU D 556 8.46 -10.63 24.89
CA LEU D 556 7.65 -10.48 26.09
C LEU D 556 8.47 -10.90 27.29
N ASP D 557 8.78 -9.96 28.18
CA ASP D 557 9.62 -10.20 29.34
C ASP D 557 8.77 -9.97 30.60
N LEU D 558 8.35 -11.07 31.23
CA LEU D 558 7.64 -11.02 32.50
C LEU D 558 8.49 -11.55 33.64
N SER D 559 9.81 -11.66 33.43
CA SER D 559 10.67 -12.29 34.44
C SER D 559 10.70 -11.50 35.73
N GLU D 560 10.78 -10.17 35.63
CA GLU D 560 10.85 -9.30 36.81
C GLU D 560 9.47 -8.76 37.16
N ALA D 561 8.46 -9.62 37.18
CA ALA D 561 7.09 -9.23 37.47
C ALA D 561 6.60 -9.63 38.85
N VAL D 562 7.13 -10.72 39.42
CA VAL D 562 6.75 -11.15 40.76
C VAL D 562 7.98 -11.39 41.61
N ASP D 574 -2.17 -19.27 41.05
CA ASP D 574 -1.92 -17.85 41.33
C ASP D 574 -1.05 -17.24 40.24
N LEU D 575 0.11 -17.84 40.02
CA LEU D 575 0.95 -17.41 38.90
C LEU D 575 0.30 -17.69 37.56
N SER D 576 -0.62 -18.65 37.50
CA SER D 576 -1.38 -18.88 36.27
C SER D 576 -2.28 -17.69 35.96
N LEU D 577 -2.85 -17.08 36.99
CA LEU D 577 -3.70 -15.91 36.79
C LEU D 577 -2.93 -14.76 36.15
N TRP D 578 -1.67 -14.57 36.57
CA TRP D 578 -0.87 -13.48 36.03
C TRP D 578 -0.41 -13.78 34.60
N GLU D 579 -0.19 -15.05 34.28
CA GLU D 579 0.19 -15.40 32.91
C GLU D 579 -1.01 -15.33 31.97
N ARG D 580 -2.20 -15.69 32.46
CA ARG D 580 -3.41 -15.44 31.67
C ARG D 580 -3.62 -13.96 31.45
N PHE D 581 -3.30 -13.14 32.45
CA PHE D 581 -3.51 -11.70 32.34
C PHE D 581 -2.66 -11.11 31.23
N TYR D 582 -1.44 -11.61 31.04
CA TYR D 582 -0.51 -11.04 30.07
C TYR D 582 -0.55 -11.74 28.72
N LEU D 583 -0.74 -13.06 28.71
CA LEU D 583 -0.67 -13.82 27.47
C LEU D 583 -2.01 -13.94 26.74
N HIS D 584 -3.11 -13.52 27.36
CA HIS D 584 -4.41 -13.62 26.70
C HIS D 584 -4.48 -12.63 25.54
N GLY D 585 -4.90 -13.11 24.38
CA GLY D 585 -5.00 -12.30 23.19
C GLY D 585 -3.82 -12.41 22.25
N ILE D 586 -2.81 -13.23 22.58
CA ILE D 586 -1.67 -13.38 21.70
C ILE D 586 -2.04 -14.19 20.45
N GLU D 587 -3.08 -15.01 20.54
CA GLU D 587 -3.53 -15.77 19.37
C GLU D 587 -4.15 -14.87 18.31
N SER D 588 -4.49 -13.63 18.65
CA SER D 588 -5.05 -12.70 17.68
C SER D 588 -3.99 -12.03 16.83
N LEU D 589 -2.72 -12.06 17.25
CA LEU D 589 -1.62 -11.55 16.45
C LEU D 589 -1.37 -12.51 15.30
N GLN D 590 -1.87 -12.16 14.12
CA GLN D 590 -1.94 -13.11 13.01
C GLN D 590 -0.62 -13.24 12.27
N THR D 591 0.22 -12.21 12.27
CA THR D 591 1.51 -12.26 11.61
C THR D 591 2.65 -12.50 12.60
N LEU D 592 2.34 -12.95 13.82
CA LEU D 592 3.37 -13.21 14.82
C LEU D 592 4.23 -14.38 14.36
N TYR D 593 5.50 -14.10 14.04
CA TYR D 593 6.40 -15.07 13.44
C TYR D 593 7.40 -15.65 14.44
N GLU D 594 7.92 -14.83 15.35
CA GLU D 594 8.96 -15.25 16.28
C GLU D 594 8.65 -14.66 17.65
N LEU D 595 8.55 -15.52 18.66
CA LEU D 595 8.18 -15.09 20.00
C LEU D 595 9.29 -15.46 20.99
N ASP D 596 9.68 -14.49 21.82
CA ASP D 596 10.62 -14.72 22.91
C ASP D 596 9.90 -14.39 24.21
N TYR D 597 9.60 -15.42 25.01
CA TYR D 597 8.82 -15.28 26.22
C TYR D 597 9.71 -15.53 27.44
N TRP D 598 9.61 -14.63 28.42
CA TRP D 598 10.33 -14.77 29.69
C TRP D 598 9.33 -15.01 30.81
N PRO D 599 9.20 -16.23 31.31
CA PRO D 599 8.25 -16.48 32.40
C PRO D 599 8.68 -15.80 33.68
N PRO D 600 7.75 -15.53 34.59
CA PRO D 600 8.11 -14.81 35.82
C PRO D 600 8.99 -15.65 36.74
N GLN D 601 10.00 -14.99 37.31
CA GLN D 601 10.84 -15.62 38.31
C GLN D 601 10.04 -15.90 39.57
N ASP D 602 10.42 -16.97 40.27
CA ASP D 602 9.63 -17.45 41.40
C ASP D 602 10.14 -16.86 42.72
N LYS D 603 9.26 -16.88 43.71
CA LYS D 603 9.58 -16.32 45.03
C LYS D 603 10.65 -17.14 45.75
N ASP D 604 10.72 -18.44 45.49
CA ASP D 604 11.64 -19.33 46.20
C ASP D 604 12.27 -20.40 45.32
N VAL D 605 11.73 -20.68 44.14
CA VAL D 605 12.19 -21.78 43.27
C VAL D 605 13.13 -21.22 42.21
N HIS D 606 14.14 -22.02 41.85
CA HIS D 606 15.08 -21.64 40.81
C HIS D 606 14.56 -21.95 39.41
N HIS D 607 13.38 -22.54 39.29
CA HIS D 607 12.79 -22.89 38.01
C HIS D 607 11.73 -21.86 37.62
N ARG D 608 11.79 -21.40 36.37
CA ARG D 608 10.79 -20.49 35.83
C ARG D 608 9.85 -21.30 34.96
N SER D 609 8.97 -22.05 35.61
CA SER D 609 8.09 -22.98 34.92
C SER D 609 6.86 -22.27 34.36
N LEU D 610 6.37 -22.78 33.24
CA LEU D 610 5.18 -22.25 32.59
C LEU D 610 3.95 -22.98 33.11
N THR D 611 2.94 -22.21 33.54
CA THR D 611 1.69 -22.80 33.97
C THR D 611 0.93 -23.35 32.76
N LEU D 612 -0.09 -24.16 33.04
CA LEU D 612 -0.87 -24.76 31.96
C LEU D 612 -1.56 -23.73 31.07
N PRO D 613 -2.22 -22.69 31.58
CA PRO D 613 -2.83 -21.70 30.68
C PRO D 613 -1.81 -20.89 29.89
N ALA D 614 -0.57 -20.77 30.38
CA ALA D 614 0.46 -20.12 29.59
C ALA D 614 0.86 -20.99 28.40
N VAL D 615 0.94 -22.31 28.60
CA VAL D 615 1.23 -23.22 27.51
C VAL D 615 0.09 -23.21 26.49
N GLY D 616 -1.14 -23.31 26.98
CA GLY D 616 -2.29 -23.36 26.08
C GLY D 616 -2.49 -22.08 25.29
N LEU D 617 -2.09 -20.94 25.85
CA LEU D 617 -2.24 -19.67 25.14
C LEU D 617 -1.20 -19.51 24.05
N ILE D 618 0.05 -19.94 24.31
CA ILE D 618 1.07 -19.88 23.28
C ILE D 618 0.84 -20.94 22.22
N GLN D 619 0.25 -22.08 22.60
CA GLN D 619 -0.05 -23.14 21.65
C GLN D 619 -1.15 -22.76 20.67
N ARG D 620 -1.77 -21.59 20.81
CA ARG D 620 -2.76 -21.10 19.87
C ARG D 620 -2.19 -20.09 18.89
N CYS D 621 -0.87 -19.90 18.88
CA CYS D 621 -0.20 -19.02 17.91
C CYS D 621 0.26 -19.88 16.75
N VAL D 622 -0.65 -20.08 15.79
CA VAL D 622 -0.37 -20.99 14.68
C VAL D 622 0.63 -20.38 13.69
N GLY D 623 0.78 -19.07 13.65
CA GLY D 623 1.73 -18.43 12.77
C GLY D 623 3.15 -18.40 13.28
N LEU D 624 3.43 -19.06 14.41
CA LEU D 624 4.75 -19.02 15.01
C LEU D 624 5.70 -19.95 14.28
N ARG D 625 6.82 -19.41 13.83
CA ARG D 625 7.92 -20.19 13.27
C ARG D 625 8.99 -20.50 14.31
N LYS D 626 9.31 -19.53 15.16
CA LYS D 626 10.31 -19.69 16.22
C LYS D 626 9.64 -19.41 17.56
N LEU D 627 9.87 -20.28 18.53
CA LEU D 627 9.30 -20.15 19.87
C LEU D 627 10.40 -20.41 20.88
N PHE D 628 10.87 -19.35 21.53
CA PHE D 628 11.97 -19.44 22.49
C PHE D 628 11.46 -19.03 23.85
N ILE D 629 11.31 -20.00 24.75
CA ILE D 629 10.82 -19.77 26.10
C ILE D 629 12.03 -19.71 27.03
N HIS D 630 12.15 -18.60 27.78
CA HIS D 630 13.30 -18.39 28.66
C HIS D 630 12.98 -18.89 30.07
N GLY D 631 12.62 -20.16 30.13
CA GLY D 631 12.35 -20.84 31.38
C GLY D 631 12.26 -22.34 31.17
N THR D 632 11.29 -22.99 31.82
CA THR D 632 11.06 -24.41 31.62
C THR D 632 9.56 -24.65 31.53
N THR D 633 9.20 -25.84 31.05
CA THR D 633 7.80 -26.22 30.92
C THR D 633 7.65 -27.69 31.26
N HIS D 634 6.50 -28.03 31.85
CA HIS D 634 6.19 -29.41 32.17
C HIS D 634 5.62 -30.17 30.99
N GLU D 635 5.15 -29.45 29.97
CA GLU D 635 4.57 -30.09 28.79
C GLU D 635 5.68 -30.60 27.86
N HIS D 636 5.38 -31.69 27.17
CA HIS D 636 6.32 -32.24 26.21
C HIS D 636 6.55 -31.26 25.07
N PHE D 637 7.80 -31.17 24.61
CA PHE D 637 8.14 -30.20 23.57
C PHE D 637 7.47 -30.50 22.24
N MET D 638 6.89 -31.69 22.07
CA MET D 638 6.14 -32.01 20.86
C MET D 638 4.75 -31.39 20.87
N THR D 639 4.19 -31.10 22.04
CA THR D 639 2.86 -30.50 22.11
C THR D 639 2.85 -29.11 21.48
N PHE D 640 3.99 -28.43 21.44
CA PHE D 640 4.07 -27.14 20.77
C PHE D 640 4.21 -27.31 19.26
N PHE D 641 5.01 -28.28 18.82
CA PHE D 641 5.22 -28.50 17.40
C PHE D 641 3.97 -29.03 16.70
N LEU D 642 3.05 -29.64 17.43
CA LEU D 642 1.82 -30.14 16.84
C LEU D 642 0.69 -29.11 16.90
N SER D 643 0.66 -28.28 17.94
CA SER D 643 -0.33 -27.21 18.00
C SER D 643 -0.03 -26.10 16.99
N ILE D 644 1.25 -25.95 16.63
CA ILE D 644 1.68 -24.97 15.64
C ILE D 644 2.21 -25.73 14.43
N PRO D 645 1.49 -25.75 13.31
CA PRO D 645 1.90 -26.63 12.19
C PRO D 645 3.19 -26.20 11.53
N ASN D 646 3.51 -24.91 11.51
CA ASN D 646 4.72 -24.41 10.86
C ASN D 646 5.77 -23.96 11.87
N LEU D 647 5.83 -24.61 13.03
CA LEU D 647 6.85 -24.32 14.03
C LEU D 647 8.11 -25.13 13.72
N ARG D 648 9.26 -24.49 13.90
CA ARG D 648 10.53 -25.12 13.54
C ARG D 648 11.55 -25.03 14.67
N ASP D 649 11.85 -23.82 15.12
CA ASP D 649 12.89 -23.59 16.12
C ASP D 649 12.24 -23.37 17.48
N MET D 650 12.39 -24.36 18.36
CA MET D 650 11.90 -24.28 19.73
C MET D 650 13.00 -24.74 20.68
N GLN D 651 13.16 -24.02 21.79
CA GLN D 651 14.21 -24.34 22.74
C GLN D 651 13.92 -23.64 24.06
N LEU D 652 14.24 -24.31 25.17
CA LEU D 652 14.05 -23.75 26.50
C LEU D 652 15.39 -23.20 26.97
N ARG D 653 15.68 -21.98 26.53
CA ARG D 653 16.95 -21.32 26.82
C ARG D 653 16.81 -20.59 28.16
N GLU D 654 17.38 -21.19 29.22
CA GLU D 654 17.26 -20.65 30.57
C GLU D 654 18.50 -19.81 30.89
N ASP D 655 18.56 -18.64 30.26
CA ASP D 655 19.77 -17.80 30.32
C ASP D 655 19.75 -16.83 31.49
N TYR D 656 19.48 -17.33 32.70
CA TYR D 656 19.70 -16.59 33.92
C TYR D 656 20.83 -17.25 34.71
N TYR D 657 21.43 -16.48 35.62
CA TYR D 657 22.68 -16.92 36.25
C TYR D 657 22.52 -18.22 37.03
N PRO D 658 21.50 -18.43 37.85
CA PRO D 658 21.38 -19.75 38.50
C PRO D 658 20.58 -20.75 37.68
N ALA D 659 21.22 -21.32 36.65
CA ALA D 659 20.56 -22.31 35.82
C ALA D 659 20.23 -23.55 36.65
N PRO D 660 19.12 -24.22 36.34
CA PRO D 660 18.66 -25.31 37.22
C PRO D 660 19.57 -26.53 37.25
N GLU D 661 20.43 -26.71 36.25
CA GLU D 661 21.26 -27.92 36.13
C GLU D 661 20.50 -29.24 36.08
N ASN D 662 19.88 -29.52 34.93
CA ASN D 662 18.88 -30.57 34.80
C ASN D 662 19.47 -31.98 34.75
N ASP D 663 20.79 -32.11 34.83
CA ASP D 663 21.43 -33.42 34.86
C ASP D 663 22.85 -33.34 35.42
#